data_4BQF
#
_entry.id   4BQF
#
_cell.length_a   84.249
_cell.length_b   117.075
_cell.length_c   94.967
_cell.angle_alpha   90.00
_cell.angle_beta   106.79
_cell.angle_gamma   90.00
#
_symmetry.space_group_name_H-M   'P 1 21 1'
#
loop_
_entity.id
_entity.type
_entity.pdbx_description
1 polymer 'ALPHA-GLUCAN PHOSPHORYLASE 2, CYTOSOLIC'
2 branched 4,6-dideoxy-4-{[(1S,4R,5S,6S)-4,5,6-trihydroxy-3-(hydroxymethyl)cyclohex-2-en-1-yl]amino}-alpha-D-glucopyranose-(1-4)-alpha-D-glucopyranose-(1-4)-beta-D-glucopyranose
3 non-polymer "PYRIDOXAL-5'-PHOSPHATE"
4 non-polymer alpha-D-glucopyranose
5 non-polymer GLYCEROL
6 water water
#
_entity_poly.entity_id   1
_entity_poly.type   'polypeptide(L)'
_entity_poly.pdbx_seq_one_letter_code
;MHHHHHHGKPIPNPLLGLDSTENLYFQGIDPFTMANANGKAATSLPEKISAKANPEADDATEIAGNIVYHAKYSPHFSPL
KFGPEQALYATAESLRDRLIQLWNETYVHFNKVDPKQTYYLSMEYLQGRALTNAIGNLNLQGPYADALRTLGYELEEIAE
QEKDAALGNGGLGRLASCFLDSMATLNLPAWGYGLRYRHGLFKQIITKKGQEEIPEDWLEKFSPWEIVRHDVVFPVRFFG
KVQVNPDGSRKWVDGDVVQALAYDVPIPGYGTKNTISLRLWEAKARAEDLDLFQFNEGEYELAAQLHSRAQQICTVLYPG
DATENGKLLRLKQQFFLCSASLQDIISRFHERSTTEGSRKWSEFPSKVAVQMNDTHPTLAIPELMRLLMDDNGLGWDEAW
DVTSKTVAYTNHTVLPEALEKWSQSLMWKLLPRHMEIIEEIDKRFVQTIRDTRVDLEDKISSLSILDNNPQKPVVRMANL
CVVSSHTVNGVAQLHSDILKAELFADYVSIWPNKFQNKTNGITPRRWLRFCSPELSDIITKWLKTDKWITDLDLLTGLRQ
FADNEELQSEWASAKTANKKRLAQYIERVTGVSIDPTSLFDIQVKRIHEYKRQLMNILGVVYRFKKLKEMKPEERKKTVP
RTVMIGGKAFATYTNAKRIVKLVNDVGDVVNSDPEVNEYLKVVFVPNYNVTVAEMLIPGSELSQHISTAGMEASGTSNMK
FALNGCLIIGTLDGANVEIREEVGEENFFLFGATADQVPRLRKEREDGLFKPDPRFEEAKQFVKSGVFGSYDYGPLLDSL
EGNTGFGRGDYFLVGYDFPSYMDAQAKVDEAYKDRKGWLKMSILSTAGSGKFSSDRTIAQYAKEIWNIEACPVP
;
_entity_poly.pdbx_strand_id   A,B
#
# COMPACT_ATOMS: atom_id res chain seq x y z
N LYS A 48 31.45 6.98 10.17
CA LYS A 48 32.70 7.28 9.43
C LYS A 48 32.37 8.07 8.15
N ILE A 49 31.60 7.49 7.21
CA ILE A 49 31.22 8.19 5.95
C ILE A 49 29.99 9.09 6.08
N SER A 50 30.06 10.25 5.43
CA SER A 50 29.03 11.27 5.49
C SER A 50 27.98 11.25 4.40
N ALA A 51 26.73 11.35 4.79
CA ALA A 51 25.63 11.55 3.85
C ALA A 51 25.97 12.72 2.93
N LYS A 52 25.85 12.56 1.62
CA LYS A 52 25.98 13.67 0.69
C LYS A 52 25.31 13.26 -0.61
N ALA A 53 24.17 13.85 -0.88
CA ALA A 53 23.46 13.58 -2.13
C ALA A 53 24.33 13.90 -3.35
N ASN A 54 24.36 12.96 -4.28
CA ASN A 54 25.01 13.16 -5.58
CA ASN A 54 25.05 13.15 -5.53
C ASN A 54 24.29 12.30 -6.59
N PRO A 55 23.15 12.79 -7.12
CA PRO A 55 22.39 11.90 -7.97
C PRO A 55 23.15 11.38 -9.18
N GLU A 56 24.24 12.00 -9.55
CA GLU A 56 25.01 11.51 -10.71
C GLU A 56 26.37 10.93 -10.33
N ALA A 57 26.48 10.41 -9.10
CA ALA A 57 27.75 9.92 -8.58
C ALA A 57 28.33 8.92 -9.55
N ASP A 58 29.60 9.09 -9.91
CA ASP A 58 30.26 8.03 -10.65
C ASP A 58 31.65 7.63 -10.17
N ASP A 59 32.07 8.01 -8.96
CA ASP A 59 33.23 7.36 -8.33
C ASP A 59 32.96 6.92 -6.90
N ALA A 60 33.85 6.07 -6.39
CA ALA A 60 33.66 5.41 -5.10
C ALA A 60 33.24 6.34 -3.99
N THR A 61 33.94 7.46 -3.87
CA THR A 61 33.66 8.40 -2.79
CA THR A 61 33.65 8.42 -2.80
C THR A 61 32.27 9.05 -2.93
N GLU A 62 31.94 9.48 -4.15
CA GLU A 62 30.66 10.12 -4.43
C GLU A 62 29.53 9.15 -4.19
N ILE A 63 29.73 7.92 -4.70
CA ILE A 63 28.76 6.87 -4.56
C ILE A 63 28.53 6.53 -3.08
N ALA A 64 29.60 6.36 -2.31
CA ALA A 64 29.45 6.07 -0.86
C ALA A 64 28.65 7.18 -0.15
N GLY A 65 28.97 8.45 -0.44
CA GLY A 65 28.21 9.61 0.09
C GLY A 65 26.70 9.59 -0.22
N ASN A 66 26.38 9.19 -1.47
CA ASN A 66 25.01 9.18 -1.95
C ASN A 66 24.25 7.99 -1.37
N ILE A 67 24.92 6.86 -1.24
CA ILE A 67 24.31 5.72 -0.60
C ILE A 67 23.95 6.14 0.81
N VAL A 68 24.89 6.74 1.52
CA VAL A 68 24.64 7.11 2.92
C VAL A 68 23.55 8.18 3.01
N TYR A 69 23.45 9.03 1.98
CA TYR A 69 22.41 10.06 1.95
C TYR A 69 21.05 9.38 1.98
N HIS A 70 20.88 8.41 1.12
CA HIS A 70 19.60 7.71 1.03
C HIS A 70 19.26 6.89 2.28
N ALA A 71 20.27 6.27 2.89
CA ALA A 71 20.12 5.59 4.18
C ALA A 71 19.49 6.50 5.23
N LYS A 72 19.86 7.78 5.18
CA LYS A 72 19.39 8.77 6.16
C LYS A 72 18.08 9.46 5.75
N TYR A 73 18.00 9.95 4.51
CA TYR A 73 16.93 10.84 4.11
C TYR A 73 15.87 10.15 3.21
N SER A 74 16.04 8.86 2.95
CA SER A 74 14.96 8.03 2.42
C SER A 74 14.85 6.82 3.28
N PRO A 75 14.55 7.04 4.58
CA PRO A 75 14.53 5.87 5.45
C PRO A 75 13.26 5.04 5.37
N HIS A 76 13.43 3.74 5.59
CA HIS A 76 12.34 2.80 5.67
C HIS A 76 12.49 1.98 6.94
N PHE A 77 13.43 2.39 7.81
CA PHE A 77 13.76 1.62 9.02
C PHE A 77 14.19 2.55 10.16
N SER A 78 14.29 2.01 11.39
CA SER A 78 14.87 2.77 12.51
C SER A 78 16.27 3.17 12.11
N PRO A 79 16.71 4.37 12.47
CA PRO A 79 18.00 4.87 12.00
C PRO A 79 19.26 4.21 12.53
N LEU A 80 19.21 3.55 13.70
CA LEU A 80 20.45 3.08 14.37
C LEU A 80 21.18 2.03 13.53
N LYS A 81 20.49 0.97 13.13
CA LYS A 81 21.11 -0.14 12.41
C LYS A 81 21.19 0.07 10.87
N PHE A 82 22.40 -0.18 10.34
CA PHE A 82 22.70 -0.14 8.93
C PHE A 82 23.30 -1.50 8.54
N GLY A 83 22.44 -2.51 8.54
CA GLY A 83 22.79 -3.88 8.13
C GLY A 83 22.58 -4.15 6.64
N PRO A 84 22.73 -5.40 6.21
CA PRO A 84 22.73 -5.68 4.78
C PRO A 84 21.50 -5.22 4.05
N GLU A 85 20.32 -5.50 4.62
CA GLU A 85 19.09 -5.12 3.97
C GLU A 85 18.99 -3.60 3.73
N GLN A 86 19.29 -2.83 4.76
CA GLN A 86 19.24 -1.36 4.63
C GLN A 86 20.26 -0.88 3.57
N ALA A 87 21.43 -1.53 3.52
CA ALA A 87 22.43 -1.25 2.50
C ALA A 87 21.94 -1.46 1.06
N LEU A 88 21.22 -2.55 0.83
CA LEU A 88 20.66 -2.82 -0.47
C LEU A 88 19.72 -1.73 -0.94
N TYR A 89 18.75 -1.40 -0.10
CA TYR A 89 17.77 -0.40 -0.47
C TYR A 89 18.48 0.95 -0.68
N ALA A 90 19.43 1.26 0.20
CA ALA A 90 20.30 2.45 -0.01
C ALA A 90 21.03 2.45 -1.38
N THR A 91 21.61 1.30 -1.75
CA THR A 91 22.39 1.25 -2.97
C THR A 91 21.44 1.33 -4.15
N ALA A 92 20.28 0.68 -4.03
CA ALA A 92 19.35 0.58 -5.14
C ALA A 92 18.78 1.96 -5.42
N GLU A 93 18.51 2.72 -4.36
CA GLU A 93 18.10 4.13 -4.55
C GLU A 93 19.21 4.99 -5.16
N SER A 94 20.47 4.76 -4.77
CA SER A 94 21.55 5.46 -5.46
C SER A 94 21.49 5.17 -6.96
N LEU A 95 21.34 3.92 -7.36
CA LEU A 95 21.34 3.65 -8.79
C LEU A 95 20.13 4.23 -9.50
N ARG A 96 18.98 4.14 -8.87
CA ARG A 96 17.73 4.71 -9.38
C ARG A 96 17.78 6.22 -9.63
N ASP A 97 18.54 6.96 -8.85
CA ASP A 97 18.82 8.37 -9.22
C ASP A 97 19.35 8.48 -10.67
N ARG A 98 20.35 7.68 -11.02
CA ARG A 98 20.86 7.61 -12.43
C ARG A 98 19.79 7.23 -13.40
N LEU A 99 19.06 6.20 -13.05
CA LEU A 99 18.05 5.66 -13.94
C LEU A 99 16.97 6.64 -14.24
N ILE A 100 16.57 7.43 -13.25
CA ILE A 100 15.52 8.44 -13.48
C ILE A 100 15.97 9.47 -14.47
N GLN A 101 17.18 9.99 -14.29
CA GLN A 101 17.73 11.02 -15.18
C GLN A 101 17.64 10.55 -16.63
N LEU A 102 18.15 9.34 -16.86
CA LEU A 102 18.17 8.75 -18.19
C LEU A 102 16.78 8.42 -18.74
N TRP A 103 15.91 7.88 -17.87
CA TRP A 103 14.56 7.64 -18.30
C TRP A 103 13.93 8.92 -18.75
N ASN A 104 14.04 9.98 -17.94
CA ASN A 104 13.45 11.28 -18.32
C ASN A 104 14.03 11.83 -19.61
N GLU A 105 15.33 11.74 -19.79
CA GLU A 105 15.92 12.19 -21.06
C GLU A 105 15.31 11.43 -22.24
N THR A 106 15.15 10.11 -22.08
CA THR A 106 14.63 9.29 -23.14
C THR A 106 13.20 9.60 -23.44
N TYR A 107 12.40 9.80 -22.41
CA TYR A 107 11.03 10.18 -22.64
C TYR A 107 10.95 11.51 -23.43
N VAL A 108 11.75 12.52 -23.03
CA VAL A 108 11.68 13.83 -23.68
C VAL A 108 12.15 13.67 -25.14
N HIS A 109 13.14 12.84 -25.37
CA HIS A 109 13.62 12.70 -26.72
C HIS A 109 12.60 12.07 -27.64
N PHE A 110 12.03 10.92 -27.24
CA PHE A 110 10.99 10.28 -28.06
C PHE A 110 9.82 11.23 -28.25
N ASN A 111 9.49 12.01 -27.23
CA ASN A 111 8.45 12.95 -27.38
C ASN A 111 8.75 13.93 -28.55
N LYS A 112 9.95 14.52 -28.59
CA LYS A 112 10.33 15.49 -29.63
C LYS A 112 10.39 14.89 -31.06
N VAL A 113 10.93 13.69 -31.19
CA VAL A 113 11.10 13.06 -32.48
C VAL A 113 9.83 12.40 -33.01
N ASP A 114 8.99 11.87 -32.11
CA ASP A 114 7.68 11.34 -32.49
C ASP A 114 7.84 10.16 -33.48
N PRO A 115 8.74 9.22 -33.14
CA PRO A 115 8.99 8.08 -34.01
C PRO A 115 7.85 7.08 -33.89
N LYS A 116 7.85 6.09 -34.77
CA LYS A 116 6.93 4.99 -34.62
C LYS A 116 7.43 4.25 -33.35
N GLN A 117 6.51 3.90 -32.45
CA GLN A 117 6.86 3.26 -31.16
C GLN A 117 6.19 1.89 -31.01
N THR A 118 6.94 0.91 -30.57
CA THR A 118 6.42 -0.42 -30.38
C THR A 118 6.07 -0.58 -28.93
N TYR A 119 4.95 -1.26 -28.67
CA TYR A 119 4.56 -1.58 -27.31
C TYR A 119 4.28 -3.04 -27.27
N TYR A 120 4.96 -3.75 -26.35
CA TYR A 120 4.88 -5.21 -26.28
C TYR A 120 3.94 -5.60 -25.13
N LEU A 121 2.89 -6.36 -25.40
CA LEU A 121 1.95 -6.78 -24.36
C LEU A 121 2.26 -8.24 -23.97
N SER A 122 2.55 -8.48 -22.69
CA SER A 122 2.81 -9.81 -22.16
C SER A 122 2.17 -9.97 -20.84
N MET A 123 1.65 -11.17 -20.51
CA MET A 123 1.15 -11.45 -19.15
C MET A 123 2.22 -11.83 -18.18
N GLU A 124 3.45 -11.91 -18.65
CA GLU A 124 4.55 -12.16 -17.73
C GLU A 124 5.84 -11.51 -18.17
N TYR A 125 6.67 -11.19 -17.17
CA TYR A 125 7.99 -10.62 -17.31
C TYR A 125 8.82 -11.27 -16.17
N LEU A 126 9.95 -11.93 -16.46
CA LEU A 126 10.85 -12.44 -15.41
C LEU A 126 12.05 -11.47 -15.30
N GLN A 127 11.84 -10.38 -14.60
CA GLN A 127 12.85 -9.38 -14.42
C GLN A 127 14.01 -9.80 -13.55
N GLY A 128 13.78 -10.72 -12.64
CA GLY A 128 14.85 -11.19 -11.73
C GLY A 128 15.31 -10.06 -10.83
N ARG A 129 16.51 -10.20 -10.26
CA ARG A 129 17.13 -9.09 -9.53
CA ARG A 129 17.13 -9.09 -9.53
C ARG A 129 17.61 -8.02 -10.49
N ALA A 130 17.49 -6.75 -10.09
CA ALA A 130 17.93 -5.62 -10.93
C ALA A 130 19.26 -4.97 -10.60
N LEU A 131 19.79 -5.17 -9.39
CA LEU A 131 20.98 -4.51 -8.93
C LEU A 131 22.20 -4.60 -9.87
N THR A 132 22.68 -5.83 -10.06
CA THR A 132 23.85 -6.08 -10.88
C THR A 132 23.67 -5.67 -12.34
N ASN A 133 22.50 -5.94 -12.90
CA ASN A 133 22.21 -5.51 -14.24
C ASN A 133 22.30 -3.98 -14.41
N ALA A 134 21.97 -3.24 -13.34
CA ALA A 134 21.93 -1.77 -13.42
C ALA A 134 23.34 -1.26 -13.27
N ILE A 135 24.07 -1.81 -12.31
CA ILE A 135 25.42 -1.45 -12.13
C ILE A 135 26.15 -1.67 -13.42
N GLY A 136 25.88 -2.81 -14.01
CA GLY A 136 26.60 -3.24 -15.22
C GLY A 136 26.27 -2.46 -16.47
N ASN A 137 25.02 -2.18 -16.73
CA ASN A 137 24.68 -1.36 -17.87
C ASN A 137 25.16 0.11 -17.75
N LEU A 138 25.35 0.56 -16.51
CA LEU A 138 25.89 1.90 -16.25
C LEU A 138 27.37 1.85 -16.20
N ASN A 139 27.93 0.67 -16.41
CA ASN A 139 29.36 0.46 -16.39
C ASN A 139 30.07 0.96 -15.13
N LEU A 140 29.42 0.81 -13.97
CA LEU A 140 29.98 1.26 -12.71
C LEU A 140 30.36 0.15 -11.74
N GLN A 141 30.81 -1.01 -12.22
CA GLN A 141 31.12 -2.16 -11.35
C GLN A 141 32.18 -1.83 -10.35
N GLY A 142 33.30 -1.29 -10.85
CA GLY A 142 34.46 -0.98 -9.99
C GLY A 142 34.10 0.05 -8.95
N PRO A 143 33.54 1.17 -9.39
CA PRO A 143 33.15 2.17 -8.41
C PRO A 143 32.14 1.71 -7.34
N TYR A 144 30.99 1.13 -7.72
CA TYR A 144 30.03 0.66 -6.68
C TYR A 144 30.67 -0.32 -5.73
N ALA A 145 31.45 -1.26 -6.23
CA ALA A 145 32.09 -2.29 -5.36
C ALA A 145 33.01 -1.67 -4.33
N ASP A 146 33.76 -0.65 -4.76
CA ASP A 146 34.61 0.12 -3.86
C ASP A 146 33.80 0.90 -2.86
N ALA A 147 32.82 1.67 -3.34
CA ALA A 147 31.86 2.35 -2.43
C ALA A 147 31.38 1.44 -1.31
N LEU A 148 30.86 0.26 -1.64
CA LEU A 148 30.28 -0.61 -0.60
C LEU A 148 31.36 -1.07 0.39
N ARG A 149 32.58 -1.24 -0.09
CA ARG A 149 33.66 -1.69 0.78
C ARG A 149 34.03 -0.59 1.75
N THR A 150 34.05 0.67 1.28
CA THR A 150 34.28 1.75 2.24
C THR A 150 33.14 1.70 3.29
N LEU A 151 31.92 1.35 2.91
CA LEU A 151 30.83 1.18 3.93
C LEU A 151 30.85 -0.16 4.72
N GLY A 152 31.86 -0.99 4.52
CA GLY A 152 31.95 -2.24 5.24
C GLY A 152 31.15 -3.41 4.68
N TYR A 153 30.91 -3.43 3.36
CA TYR A 153 30.24 -4.55 2.72
C TYR A 153 30.83 -4.96 1.37
N GLU A 154 30.82 -6.27 1.11
CA GLU A 154 31.01 -6.84 -0.25
C GLU A 154 29.71 -6.75 -1.06
N LEU A 155 29.82 -6.34 -2.31
CA LEU A 155 28.68 -6.19 -3.17
C LEU A 155 27.82 -7.45 -3.23
N GLU A 156 28.45 -8.62 -3.35
CA GLU A 156 27.76 -9.91 -3.36
C GLU A 156 26.83 -10.05 -2.17
N GLU A 157 27.35 -9.71 -0.99
CA GLU A 157 26.61 -9.78 0.25
C GLU A 157 25.29 -9.02 0.09
N ILE A 158 25.39 -7.82 -0.41
CA ILE A 158 24.24 -6.94 -0.57
C ILE A 158 23.31 -7.43 -1.70
N ALA A 159 23.92 -7.99 -2.73
CA ALA A 159 23.21 -8.49 -3.89
C ALA A 159 22.29 -9.63 -3.51
N GLU A 160 22.79 -10.47 -2.59
CA GLU A 160 22.06 -11.62 -2.07
C GLU A 160 20.86 -11.26 -1.23
N GLN A 161 20.68 -9.97 -0.90
CA GLN A 161 19.51 -9.55 -0.14
C GLN A 161 18.33 -9.23 -1.03
N GLU A 162 18.57 -8.91 -2.29
CA GLU A 162 17.50 -8.49 -3.18
C GLU A 162 16.53 -9.60 -3.54
N LYS A 163 15.23 -9.29 -3.59
CA LYS A 163 14.24 -10.27 -4.01
C LYS A 163 13.97 -10.13 -5.50
N ASP A 164 13.67 -11.27 -6.12
CA ASP A 164 13.28 -11.28 -7.51
C ASP A 164 11.92 -10.63 -7.63
N ALA A 165 11.78 -9.75 -8.60
CA ALA A 165 10.50 -9.23 -8.97
C ALA A 165 9.63 -10.40 -9.47
N ALA A 166 8.69 -10.89 -8.67
CA ALA A 166 7.82 -12.01 -9.11
C ALA A 166 6.68 -11.54 -10.04
N LEU A 167 7.03 -11.16 -11.25
CA LEU A 167 6.11 -10.59 -12.23
C LEU A 167 5.80 -11.53 -13.37
N GLY A 168 6.26 -12.78 -13.25
CA GLY A 168 6.10 -13.79 -14.31
C GLY A 168 6.47 -15.18 -13.85
N ASN A 169 6.59 -16.12 -14.76
CA ASN A 169 6.78 -17.51 -14.38
C ASN A 169 7.74 -18.35 -15.25
N GLY A 170 7.50 -18.34 -16.56
CA GLY A 170 8.21 -19.21 -17.49
C GLY A 170 9.06 -18.48 -18.50
N GLY A 171 9.39 -19.20 -19.56
CA GLY A 171 10.15 -18.66 -20.66
C GLY A 171 9.39 -17.59 -21.41
N LEU A 172 8.07 -17.62 -21.40
CA LEU A 172 7.33 -16.56 -22.06
C LEU A 172 7.76 -15.23 -21.44
N GLY A 173 7.96 -15.24 -20.12
CA GLY A 173 8.26 -14.01 -19.36
C GLY A 173 9.71 -13.59 -19.43
N ARG A 174 10.60 -14.57 -19.48
CA ARG A 174 11.99 -14.25 -19.60
C ARG A 174 12.29 -13.77 -21.00
N LEU A 175 11.50 -14.24 -21.94
CA LEU A 175 11.70 -13.80 -23.31
C LEU A 175 11.40 -12.35 -23.35
N ALA A 176 10.26 -12.02 -22.77
CA ALA A 176 9.77 -10.62 -22.76
C ALA A 176 10.80 -9.68 -22.14
N SER A 177 11.44 -10.14 -21.05
CA SER A 177 12.44 -9.37 -20.35
C SER A 177 13.77 -9.21 -21.13
N CYS A 178 14.35 -10.32 -21.60
CA CYS A 178 15.54 -10.24 -22.51
C CYS A 178 15.22 -9.28 -23.72
N PHE A 179 14.02 -9.33 -24.23
CA PHE A 179 13.64 -8.37 -25.30
C PHE A 179 13.72 -6.91 -24.84
N LEU A 180 13.27 -6.64 -23.63
CA LEU A 180 13.35 -5.27 -23.11
C LEU A 180 14.77 -4.76 -23.07
N ASP A 181 15.69 -5.63 -22.68
CA ASP A 181 17.09 -5.29 -22.59
C ASP A 181 17.66 -4.98 -23.96
N SER A 182 17.22 -5.74 -24.96
CA SER A 182 17.68 -5.53 -26.31
C SER A 182 17.07 -4.29 -26.98
N MET A 183 15.80 -4.01 -26.71
CA MET A 183 15.17 -2.80 -27.20
C MET A 183 15.95 -1.54 -26.72
N ALA A 184 16.36 -1.57 -25.43
CA ALA A 184 17.07 -0.46 -24.78
C ALA A 184 18.47 -0.28 -25.37
N THR A 185 19.19 -1.40 -25.53
CA THR A 185 20.56 -1.45 -26.06
C THR A 185 20.66 -1.16 -27.56
N LEU A 186 19.64 -1.53 -28.34
CA LEU A 186 19.55 -1.14 -29.77
C LEU A 186 18.95 0.23 -29.98
N ASN A 187 18.67 0.94 -28.90
CA ASN A 187 18.13 2.31 -29.00
C ASN A 187 16.80 2.38 -29.73
N LEU A 188 16.04 1.30 -29.68
CA LEU A 188 14.71 1.26 -30.31
C LEU A 188 13.66 1.92 -29.42
N PRO A 189 12.72 2.65 -30.05
CA PRO A 189 11.58 3.20 -29.35
C PRO A 189 10.49 2.14 -29.16
N ALA A 190 10.63 1.47 -28.03
CA ALA A 190 9.81 0.35 -27.67
C ALA A 190 9.70 0.26 -26.14
N TRP A 191 8.53 -0.22 -25.68
CA TRP A 191 8.22 -0.40 -24.29
C TRP A 191 7.56 -1.73 -24.13
N GLY A 192 7.67 -2.28 -22.91
CA GLY A 192 6.79 -3.36 -22.43
C GLY A 192 5.66 -2.79 -21.52
N TYR A 193 4.51 -3.48 -21.47
CA TYR A 193 3.39 -3.17 -20.54
C TYR A 193 3.01 -4.49 -19.92
N GLY A 194 2.91 -4.54 -18.60
CA GLY A 194 2.41 -5.72 -17.91
C GLY A 194 1.58 -5.40 -16.69
N LEU A 195 1.30 -6.43 -15.87
CA LEU A 195 0.54 -6.32 -14.64
C LEU A 195 1.48 -6.44 -13.43
N ARG A 196 1.21 -5.64 -12.41
CA ARG A 196 2.04 -5.62 -11.21
C ARG A 196 1.53 -6.65 -10.23
N TYR A 197 1.91 -7.89 -10.44
CA TYR A 197 1.43 -8.96 -9.57
C TYR A 197 2.06 -8.81 -8.19
N ARG A 198 1.28 -8.95 -7.13
CA ARG A 198 1.82 -8.80 -5.76
CA ARG A 198 1.83 -8.81 -5.77
C ARG A 198 2.56 -10.07 -5.35
N HIS A 199 1.95 -11.20 -5.62
CA HIS A 199 2.40 -12.49 -5.11
C HIS A 199 2.91 -13.54 -6.11
N GLY A 200 3.02 -13.15 -7.38
CA GLY A 200 3.66 -13.98 -8.39
C GLY A 200 2.83 -15.18 -8.70
N LEU A 201 3.45 -16.33 -8.99
CA LEU A 201 2.76 -17.61 -9.09
C LEU A 201 2.75 -18.29 -7.72
N PHE A 202 3.92 -18.69 -7.23
CA PHE A 202 4.16 -18.97 -5.79
C PHE A 202 5.67 -19.11 -5.50
N LYS A 203 6.04 -19.03 -4.23
CA LYS A 203 7.35 -19.44 -3.77
C LYS A 203 7.22 -20.90 -3.47
N GLN A 204 8.16 -21.70 -4.00
CA GLN A 204 8.26 -23.13 -3.71
C GLN A 204 9.08 -23.42 -2.46
N ILE A 205 8.45 -24.09 -1.50
CA ILE A 205 9.12 -24.68 -0.32
C ILE A 205 9.19 -26.18 -0.56
N ILE A 206 10.24 -26.83 -0.07
CA ILE A 206 10.30 -28.29 -0.08
C ILE A 206 10.29 -28.77 1.36
N THR A 207 9.26 -29.56 1.68
CA THR A 207 9.13 -30.16 2.97
C THR A 207 9.29 -31.63 2.72
N LYS A 208 9.28 -32.41 3.77
CA LYS A 208 9.29 -33.85 3.62
C LYS A 208 8.05 -34.37 2.86
N LYS A 209 7.01 -33.54 2.73
CA LYS A 209 5.82 -33.91 1.95
C LYS A 209 5.92 -33.49 0.47
N GLY A 210 7.05 -32.91 0.07
CA GLY A 210 7.25 -32.50 -1.31
C GLY A 210 7.13 -30.99 -1.45
N GLN A 211 6.71 -30.55 -2.63
CA GLN A 211 6.45 -29.16 -2.91
C GLN A 211 5.26 -28.69 -2.08
N GLU A 212 5.43 -27.53 -1.44
CA GLU A 212 4.33 -26.73 -0.91
C GLU A 212 4.47 -25.32 -1.46
N GLU A 213 3.35 -24.67 -1.67
CA GLU A 213 3.30 -23.40 -2.34
C GLU A 213 2.97 -22.31 -1.33
N ILE A 214 3.80 -21.26 -1.25
CA ILE A 214 3.45 -20.11 -0.44
C ILE A 214 3.58 -18.80 -1.22
N PRO A 215 2.77 -17.80 -0.88
CA PRO A 215 2.77 -16.58 -1.65
C PRO A 215 4.10 -15.87 -1.69
N GLU A 216 4.39 -15.14 -2.77
CA GLU A 216 5.66 -14.38 -2.81
C GLU A 216 5.48 -13.04 -2.05
N ASP A 217 6.57 -12.52 -1.52
CA ASP A 217 6.55 -11.36 -0.63
C ASP A 217 7.41 -10.18 -1.13
N TRP A 218 7.80 -10.19 -2.41
CA TRP A 218 8.73 -9.18 -2.88
C TRP A 218 8.25 -7.75 -2.76
N LEU A 219 6.93 -7.54 -2.58
CA LEU A 219 6.35 -6.20 -2.28
C LEU A 219 5.88 -6.00 -0.87
N GLU A 220 6.19 -6.88 0.08
CA GLU A 220 5.59 -6.69 1.40
C GLU A 220 6.22 -5.55 2.17
N LYS A 221 7.47 -5.22 1.87
CA LYS A 221 8.07 -3.97 2.34
C LYS A 221 7.95 -2.93 1.25
N PHE A 222 8.88 -2.90 0.30
CA PHE A 222 8.69 -2.05 -0.89
C PHE A 222 9.74 -2.42 -1.91
N SER A 223 9.53 -1.98 -3.14
CA SER A 223 10.48 -2.20 -4.20
C SER A 223 11.10 -0.86 -4.59
N PRO A 224 12.43 -0.76 -4.45
CA PRO A 224 13.15 0.47 -4.77
C PRO A 224 13.35 0.76 -6.24
N TRP A 225 13.03 -0.16 -7.14
CA TRP A 225 13.11 0.14 -8.57
C TRP A 225 12.00 0.93 -9.16
N GLU A 226 10.77 0.73 -8.71
CA GLU A 226 9.61 1.20 -9.48
C GLU A 226 9.28 2.67 -9.17
N ILE A 227 8.64 3.35 -10.12
CA ILE A 227 8.27 4.74 -9.95
C ILE A 227 6.79 4.86 -10.15
N VAL A 228 6.04 5.14 -9.09
CA VAL A 228 4.61 5.31 -9.24
C VAL A 228 4.38 6.59 -10.10
N ARG A 229 3.28 6.57 -10.84
CA ARG A 229 2.82 7.77 -11.59
C ARG A 229 1.36 8.05 -11.27
N HIS A 230 1.11 8.81 -10.20
CA HIS A 230 -0.28 9.03 -9.72
C HIS A 230 -1.14 9.86 -10.63
N ASP A 231 -0.55 10.45 -11.64
CA ASP A 231 -1.32 11.16 -12.66
C ASP A 231 -1.70 10.21 -13.82
N VAL A 232 -1.05 9.04 -13.91
CA VAL A 232 -1.33 8.13 -14.96
C VAL A 232 -2.36 7.07 -14.52
N VAL A 233 -3.64 7.42 -14.57
CA VAL A 233 -4.71 6.51 -14.17
C VAL A 233 -5.78 6.42 -15.23
N PHE A 234 -6.19 5.20 -15.55
CA PHE A 234 -7.25 4.99 -16.53
C PHE A 234 -8.31 4.04 -15.99
N PRO A 235 -9.56 4.28 -16.36
CA PRO A 235 -10.64 3.42 -15.89
C PRO A 235 -10.85 2.23 -16.80
N VAL A 236 -11.07 1.09 -16.18
CA VAL A 236 -11.36 -0.14 -16.87
C VAL A 236 -12.68 -0.72 -16.32
N ARG A 237 -13.57 -1.10 -17.22
CA ARG A 237 -14.92 -1.53 -16.87
C ARG A 237 -15.04 -3.03 -17.00
N PHE A 238 -16.06 -3.59 -16.36
CA PHE A 238 -16.36 -5.01 -16.50
C PHE A 238 -17.84 -5.16 -16.36
N PHE A 239 -18.35 -6.23 -16.92
CA PHE A 239 -19.80 -6.47 -16.97
C PHE A 239 -20.55 -5.34 -17.70
N GLY A 240 -21.78 -5.04 -17.26
CA GLY A 240 -22.52 -3.89 -17.72
C GLY A 240 -23.21 -4.23 -19.00
N LYS A 241 -23.43 -3.23 -19.84
CA LYS A 241 -24.16 -3.42 -21.06
C LYS A 241 -24.00 -2.26 -22.02
N VAL A 242 -24.60 -2.41 -23.18
CA VAL A 242 -24.37 -1.50 -24.29
C VAL A 242 -25.57 -0.60 -24.43
N GLN A 243 -25.33 0.69 -24.27
CA GLN A 243 -26.32 1.70 -24.52
C GLN A 243 -26.28 2.03 -26.01
N VAL A 244 -27.43 1.98 -26.69
CA VAL A 244 -27.51 2.43 -28.08
C VAL A 244 -27.98 3.89 -28.12
N ASN A 245 -27.13 4.79 -28.62
CA ASN A 245 -27.44 6.23 -28.66
C ASN A 245 -28.38 6.58 -29.82
N PRO A 246 -29.22 7.61 -29.62
CA PRO A 246 -30.22 8.04 -30.61
C PRO A 246 -29.64 8.28 -32.01
N ASP A 247 -28.40 8.75 -32.07
CA ASP A 247 -27.68 8.92 -33.34
C ASP A 247 -27.09 7.60 -33.86
N GLY A 248 -27.29 6.50 -33.14
CA GLY A 248 -26.86 5.18 -33.62
C GLY A 248 -25.43 4.81 -33.28
N SER A 249 -24.73 5.70 -32.57
CA SER A 249 -23.44 5.36 -31.96
C SER A 249 -23.70 4.47 -30.74
N ARG A 250 -22.66 3.83 -30.21
CA ARG A 250 -22.86 2.90 -29.12
C ARG A 250 -21.91 3.20 -27.95
N LYS A 251 -22.29 2.75 -26.77
CA LYS A 251 -21.51 3.03 -25.56
C LYS A 251 -21.70 1.93 -24.52
N TRP A 252 -20.57 1.45 -24.05
CA TRP A 252 -20.49 0.48 -22.95
C TRP A 252 -20.78 1.22 -21.69
N VAL A 253 -21.79 0.81 -20.94
CA VAL A 253 -22.09 1.49 -19.67
C VAL A 253 -22.28 0.52 -18.51
N ASP A 254 -22.34 1.06 -17.30
CA ASP A 254 -22.76 0.31 -16.12
C ASP A 254 -21.71 -0.68 -15.74
N GLY A 255 -22.07 -1.67 -14.90
CA GLY A 255 -21.12 -2.70 -14.43
C GLY A 255 -20.18 -2.16 -13.37
N ASP A 256 -18.99 -2.73 -13.29
CA ASP A 256 -17.95 -2.27 -12.38
C ASP A 256 -16.89 -1.42 -13.09
N VAL A 257 -16.39 -0.40 -12.39
CA VAL A 257 -15.26 0.35 -12.88
C VAL A 257 -14.11 0.23 -11.88
N VAL A 258 -12.94 -0.15 -12.36
CA VAL A 258 -11.74 -0.15 -11.50
C VAL A 258 -10.81 0.89 -12.07
N GLN A 259 -9.88 1.37 -11.24
CA GLN A 259 -8.85 2.30 -11.68
C GLN A 259 -7.53 1.57 -11.96
N ALA A 260 -6.89 1.82 -13.11
CA ALA A 260 -5.53 1.26 -13.39
C ALA A 260 -4.49 2.32 -13.15
N LEU A 261 -3.52 2.03 -12.28
CA LEU A 261 -2.52 2.99 -11.88
C LEU A 261 -1.18 2.53 -12.44
N ALA A 262 -0.46 3.43 -13.12
CA ALA A 262 0.82 3.07 -13.78
C ALA A 262 1.97 3.13 -12.81
N TYR A 263 2.83 2.10 -12.79
CA TYR A 263 4.19 2.20 -12.21
C TYR A 263 5.25 1.89 -13.25
N ASP A 264 6.30 2.72 -13.37
CA ASP A 264 7.44 2.41 -14.26
C ASP A 264 8.64 1.73 -13.60
N VAL A 265 9.15 0.68 -14.26
CA VAL A 265 10.42 0.05 -13.99
C VAL A 265 11.40 0.36 -15.14
N PRO A 266 12.37 1.27 -14.88
CA PRO A 266 13.24 1.66 -15.99
C PRO A 266 14.16 0.54 -16.42
N ILE A 267 14.39 0.46 -17.73
CA ILE A 267 15.27 -0.55 -18.30
C ILE A 267 16.40 0.16 -19.05
N PRO A 268 17.60 0.05 -18.49
CA PRO A 268 18.79 0.65 -19.04
C PRO A 268 19.40 -0.21 -20.10
N GLY A 269 19.84 0.41 -21.18
CA GLY A 269 20.55 -0.28 -22.24
C GLY A 269 22.06 -0.31 -22.00
N TYR A 270 22.76 -1.26 -22.63
CA TYR A 270 24.20 -1.36 -22.54
C TYR A 270 24.90 -0.29 -23.40
N GLY A 271 25.78 0.48 -22.79
CA GLY A 271 26.55 1.50 -23.50
C GLY A 271 25.68 2.49 -24.28
N THR A 272 24.58 2.91 -23.67
CA THR A 272 23.73 3.91 -24.29
C THR A 272 22.99 4.66 -23.21
N LYS A 273 22.65 5.92 -23.48
CA LYS A 273 21.78 6.68 -22.60
C LYS A 273 20.33 6.17 -22.65
N ASN A 274 19.93 5.50 -23.72
CA ASN A 274 18.57 5.06 -23.83
C ASN A 274 18.14 4.17 -22.66
N THR A 275 17.10 4.64 -21.99
CA THR A 275 16.52 3.91 -20.95
C THR A 275 15.00 3.91 -21.15
N ILE A 276 14.46 2.73 -21.40
CA ILE A 276 13.03 2.57 -21.64
C ILE A 276 12.27 2.10 -20.40
N SER A 277 11.01 1.75 -20.61
CA SER A 277 10.14 1.31 -19.52
C SER A 277 9.50 -0.01 -19.75
N LEU A 278 9.40 -0.74 -18.66
CA LEU A 278 8.39 -1.76 -18.42
C LEU A 278 7.33 -1.11 -17.57
N ARG A 279 6.22 -0.70 -18.17
CA ARG A 279 5.16 -0.04 -17.40
C ARG A 279 4.10 -1.04 -16.91
N LEU A 280 3.96 -1.15 -15.57
CA LEU A 280 3.07 -2.09 -14.91
C LEU A 280 1.81 -1.43 -14.32
N TRP A 281 0.71 -2.19 -14.34
CA TRP A 281 -0.61 -1.72 -13.97
C TRP A 281 -1.08 -2.36 -12.70
N GLU A 282 -1.51 -1.51 -11.75
CA GLU A 282 -2.12 -1.94 -10.50
C GLU A 282 -3.59 -1.62 -10.57
N ALA A 283 -4.45 -2.62 -10.34
CA ALA A 283 -5.89 -2.35 -10.23
C ALA A 283 -6.24 -1.84 -8.82
N LYS A 284 -6.90 -0.69 -8.75
CA LYS A 284 -7.30 -0.07 -7.48
C LYS A 284 -8.79 0.30 -7.53
N ALA A 285 -9.46 0.27 -6.38
CA ALA A 285 -10.77 0.94 -6.23
C ALA A 285 -10.50 2.32 -5.69
N ARG A 286 -11.39 3.28 -5.95
CA ARG A 286 -11.34 4.60 -5.27
C ARG A 286 -11.82 4.49 -3.84
N ALA A 287 -11.42 5.44 -2.98
CA ALA A 287 -11.94 5.50 -1.58
C ALA A 287 -13.48 5.59 -1.60
N GLU A 288 -14.04 6.36 -2.55
CA GLU A 288 -15.53 6.48 -2.74
C GLU A 288 -16.21 5.13 -2.83
N ASP A 289 -15.52 4.13 -3.34
CA ASP A 289 -16.14 2.85 -3.53
C ASP A 289 -16.31 2.02 -2.25
N LEU A 290 -15.80 2.46 -1.11
CA LEU A 290 -16.13 1.76 0.15
C LEU A 290 -17.44 2.32 0.65
N ASP A 291 -18.40 1.44 0.97
CA ASP A 291 -19.75 1.82 1.46
C ASP A 291 -19.78 1.94 2.99
N LEU A 292 -19.71 3.16 3.51
CA LEU A 292 -19.70 3.34 4.95
C LEU A 292 -20.89 2.78 5.63
N PHE A 293 -22.06 2.88 4.98
CA PHE A 293 -23.26 2.48 5.67
C PHE A 293 -23.14 1.04 6.00
N GLN A 294 -22.68 0.25 5.05
CA GLN A 294 -22.53 -1.18 5.27
C GLN A 294 -21.42 -1.55 6.20
N PHE A 295 -20.31 -0.80 6.16
CA PHE A 295 -19.22 -1.01 7.09
C PHE A 295 -19.69 -0.80 8.52
N ASN A 296 -20.44 0.27 8.72
CA ASN A 296 -20.94 0.60 10.03
C ASN A 296 -22.11 -0.30 10.48
N GLU A 297 -22.71 -1.04 9.54
CA GLU A 297 -23.67 -2.13 9.89
C GLU A 297 -22.99 -3.45 10.26
N GLY A 298 -21.67 -3.51 10.11
CA GLY A 298 -20.92 -4.73 10.42
C GLY A 298 -20.81 -5.69 9.27
N GLU A 299 -21.12 -5.25 8.04
CA GLU A 299 -21.10 -6.08 6.84
C GLU A 299 -19.88 -5.76 6.02
N TYR A 300 -18.74 -6.17 6.54
CA TYR A 300 -17.44 -5.74 6.01
C TYR A 300 -17.13 -6.19 4.56
N GLU A 301 -17.54 -7.40 4.16
CA GLU A 301 -17.22 -7.90 2.80
C GLU A 301 -18.02 -7.18 1.72
N LEU A 302 -19.30 -6.91 1.98
CA LEU A 302 -20.09 -6.17 1.03
C LEU A 302 -19.55 -4.78 0.94
N ALA A 303 -19.25 -4.20 2.10
CA ALA A 303 -18.78 -2.84 2.14
C ALA A 303 -17.56 -2.65 1.27
N ALA A 304 -16.67 -3.66 1.23
CA ALA A 304 -15.39 -3.52 0.52
C ALA A 304 -15.30 -4.34 -0.78
N GLN A 305 -16.45 -4.73 -1.31
CA GLN A 305 -16.45 -5.67 -2.41
C GLN A 305 -15.82 -5.12 -3.72
N LEU A 306 -15.92 -3.82 -3.99
CA LEU A 306 -15.17 -3.25 -5.15
C LEU A 306 -13.64 -3.28 -4.86
N HIS A 307 -13.19 -2.99 -3.64
CA HIS A 307 -11.76 -3.09 -3.31
CA HIS A 307 -11.76 -3.10 -3.29
C HIS A 307 -11.26 -4.51 -3.44
N SER A 308 -12.07 -5.48 -3.03
CA SER A 308 -11.71 -6.90 -3.17
C SER A 308 -11.56 -7.35 -4.64
N ARG A 309 -12.53 -7.00 -5.47
CA ARG A 309 -12.44 -7.32 -6.90
C ARG A 309 -11.19 -6.75 -7.56
N ALA A 310 -10.80 -5.53 -7.19
CA ALA A 310 -9.53 -4.93 -7.63
C ALA A 310 -8.35 -5.71 -7.14
N GLN A 311 -8.25 -5.96 -5.83
CA GLN A 311 -7.13 -6.71 -5.34
C GLN A 311 -6.97 -8.03 -6.07
N GLN A 312 -8.10 -8.69 -6.35
CA GLN A 312 -8.06 -10.02 -7.00
C GLN A 312 -7.24 -10.04 -8.30
N ILE A 313 -7.41 -9.01 -9.12
CA ILE A 313 -6.74 -8.93 -10.37
C ILE A 313 -5.19 -8.95 -10.29
N CYS A 314 -4.59 -8.38 -9.28
CA CYS A 314 -3.13 -8.34 -9.19
C CYS A 314 -2.61 -9.22 -8.06
N THR A 315 -3.41 -10.20 -7.63
CA THR A 315 -2.94 -11.11 -6.57
C THR A 315 -1.87 -12.06 -7.09
N VAL A 316 -2.25 -12.98 -7.99
CA VAL A 316 -1.32 -13.92 -8.63
C VAL A 316 -1.47 -14.07 -10.14
N LEU A 317 -0.37 -14.52 -10.73
CA LEU A 317 -0.32 -14.99 -12.11
C LEU A 317 -1.19 -16.22 -12.29
N TYR A 318 -1.90 -16.28 -13.41
CA TYR A 318 -2.61 -17.48 -13.78
C TYR A 318 -3.37 -18.05 -12.59
N PRO A 319 -4.37 -17.31 -12.15
CA PRO A 319 -5.18 -17.83 -11.06
C PRO A 319 -5.91 -19.10 -11.51
N GLY A 320 -6.06 -20.05 -10.62
CA GLY A 320 -6.71 -21.35 -10.96
C GLY A 320 -8.10 -21.15 -11.56
N ASP A 321 -8.42 -21.90 -12.62
CA ASP A 321 -9.61 -21.65 -13.46
C ASP A 321 -10.50 -22.88 -13.80
N ALA A 322 -10.52 -23.88 -12.93
CA ALA A 322 -11.50 -24.97 -12.99
C ALA A 322 -12.94 -24.45 -12.84
N THR A 323 -13.13 -23.45 -11.99
CA THR A 323 -14.44 -22.88 -11.74
C THR A 323 -14.75 -21.71 -12.65
N GLU A 324 -16.01 -21.31 -12.68
CA GLU A 324 -16.44 -20.12 -13.42
C GLU A 324 -15.82 -18.79 -12.89
N ASN A 325 -15.64 -18.71 -11.59
CA ASN A 325 -15.08 -17.53 -10.96
C ASN A 325 -13.68 -17.22 -11.45
N GLY A 326 -12.89 -18.28 -11.56
CA GLY A 326 -11.51 -18.24 -12.00
C GLY A 326 -11.40 -17.92 -13.48
N LYS A 327 -12.30 -18.48 -14.27
CA LYS A 327 -12.30 -18.16 -15.68
C LYS A 327 -12.59 -16.66 -15.81
N LEU A 328 -13.57 -16.14 -15.08
CA LEU A 328 -13.87 -14.70 -15.15
C LEU A 328 -12.69 -13.82 -14.72
N LEU A 329 -11.96 -14.27 -13.68
CA LEU A 329 -10.84 -13.53 -13.14
C LEU A 329 -9.70 -13.49 -14.16
N ARG A 330 -9.41 -14.62 -14.78
CA ARG A 330 -8.45 -14.64 -15.87
C ARG A 330 -8.78 -13.67 -16.97
N LEU A 331 -10.00 -13.69 -17.44
CA LEU A 331 -10.40 -12.72 -18.46
C LEU A 331 -10.31 -11.29 -17.98
N LYS A 332 -10.57 -11.05 -16.70
CA LYS A 332 -10.47 -9.71 -16.15
C LYS A 332 -9.01 -9.23 -16.23
N GLN A 333 -8.10 -10.14 -15.91
CA GLN A 333 -6.70 -9.82 -15.94
C GLN A 333 -6.37 -9.36 -17.33
N GLN A 334 -6.71 -10.18 -18.32
CA GLN A 334 -6.32 -9.93 -19.74
C GLN A 334 -6.92 -8.63 -20.23
N PHE A 335 -8.20 -8.46 -20.00
CA PHE A 335 -8.81 -7.23 -20.41
C PHE A 335 -8.16 -5.96 -19.80
N PHE A 336 -7.90 -6.06 -18.50
CA PHE A 336 -7.41 -4.94 -17.70
C PHE A 336 -6.06 -4.48 -18.27
N LEU A 337 -5.20 -5.41 -18.64
CA LEU A 337 -3.90 -5.06 -19.22
C LEU A 337 -4.06 -4.41 -20.60
N CYS A 338 -4.99 -4.92 -21.39
CA CYS A 338 -5.14 -4.42 -22.76
C CYS A 338 -5.73 -3.04 -22.73
N SER A 339 -6.77 -2.86 -21.94
CA SER A 339 -7.52 -1.63 -21.95
C SER A 339 -6.73 -0.49 -21.32
N ALA A 340 -6.02 -0.75 -20.23
CA ALA A 340 -5.19 0.27 -19.59
C ALA A 340 -4.10 0.72 -20.52
N SER A 341 -3.40 -0.27 -21.09
CA SER A 341 -2.27 -0.01 -21.94
C SER A 341 -2.67 0.77 -23.22
N LEU A 342 -3.74 0.36 -23.85
CA LEU A 342 -4.17 1.00 -25.10
C LEU A 342 -4.62 2.43 -24.85
N GLN A 343 -5.31 2.67 -23.74
CA GLN A 343 -5.67 4.05 -23.40
C GLN A 343 -4.38 4.87 -23.19
N ASP A 344 -3.34 4.25 -22.63
CA ASP A 344 -2.11 4.99 -22.34
C ASP A 344 -1.37 5.29 -23.61
N ILE A 345 -1.39 4.34 -24.52
CA ILE A 345 -0.80 4.50 -25.87
C ILE A 345 -1.47 5.56 -26.72
N ILE A 346 -2.78 5.60 -26.68
CA ILE A 346 -3.55 6.56 -27.48
C ILE A 346 -3.30 7.97 -26.96
N SER A 347 -3.11 8.04 -25.66
CA SER A 347 -2.92 9.31 -24.97
C SER A 347 -1.58 9.91 -25.39
N ARG A 348 -0.58 9.04 -25.57
CA ARG A 348 0.74 9.45 -26.03
C ARG A 348 0.79 9.81 -27.51
N PHE A 349 0.08 9.04 -28.32
CA PHE A 349 -0.08 9.42 -29.71
C PHE A 349 -0.52 10.88 -29.74
N HIS A 350 -1.57 11.23 -29.02
CA HIS A 350 -2.07 12.64 -29.07
C HIS A 350 -1.15 13.66 -28.47
N GLU A 351 -0.38 13.26 -27.48
CA GLU A 351 0.45 14.19 -26.72
C GLU A 351 1.62 14.66 -27.58
N ARG A 352 2.10 13.82 -28.48
CA ARG A 352 3.15 14.19 -29.42
C ARG A 352 2.67 15.09 -30.62
N SER A 353 1.38 15.43 -30.68
CA SER A 353 0.87 16.35 -31.70
C SER A 353 1.48 17.74 -31.56
N THR A 354 1.73 18.40 -32.69
CA THR A 354 2.18 19.81 -32.76
C THR A 354 1.06 20.78 -33.24
N THR A 355 -0.20 20.37 -33.07
CA THR A 355 -1.37 21.30 -33.02
C THR A 355 -2.02 21.25 -31.65
N ARG A 359 -4.65 15.17 -33.94
CA ARG A 359 -3.99 14.73 -35.19
C ARG A 359 -4.77 13.63 -35.90
N LYS A 360 -4.56 13.52 -37.21
CA LYS A 360 -5.29 12.57 -38.06
C LYS A 360 -5.00 11.10 -37.66
N TRP A 361 -6.06 10.32 -37.51
CA TRP A 361 -5.97 8.91 -37.16
C TRP A 361 -5.20 8.02 -38.12
N SER A 362 -5.15 8.40 -39.38
CA SER A 362 -4.51 7.58 -40.38
C SER A 362 -3.00 7.49 -40.11
N GLU A 363 -2.49 8.39 -39.27
CA GLU A 363 -1.12 8.31 -38.85
C GLU A 363 -0.91 7.18 -37.85
N PHE A 364 -1.97 6.64 -37.28
CA PHE A 364 -1.83 5.83 -36.05
C PHE A 364 -0.95 4.58 -36.26
N PRO A 365 -1.22 3.81 -37.32
CA PRO A 365 -0.41 2.62 -37.52
C PRO A 365 0.98 2.91 -38.15
N SER A 366 1.29 4.19 -38.37
CA SER A 366 2.61 4.60 -38.79
C SER A 366 3.36 5.12 -37.59
N LYS A 367 2.67 5.27 -36.46
CA LYS A 367 3.29 5.77 -35.25
C LYS A 367 3.18 4.82 -34.10
N VAL A 368 2.38 3.76 -34.28
CA VAL A 368 2.17 2.73 -33.26
C VAL A 368 2.23 1.31 -33.83
N ALA A 369 2.88 0.41 -33.08
CA ALA A 369 2.88 -1.04 -33.29
C ALA A 369 2.61 -1.72 -31.95
N VAL A 370 1.69 -2.68 -31.96
CA VAL A 370 1.32 -3.42 -30.75
C VAL A 370 1.62 -4.94 -30.99
N GLN A 371 2.31 -5.58 -30.06
CA GLN A 371 2.69 -7.00 -30.24
C GLN A 371 2.00 -7.82 -29.19
N MET A 372 1.20 -8.78 -29.61
CA MET A 372 0.52 -9.71 -28.71
C MET A 372 1.33 -10.96 -28.56
N ASN A 373 1.75 -11.21 -27.33
CA ASN A 373 2.57 -12.33 -26.96
C ASN A 373 1.67 -13.49 -26.48
N ASP A 374 1.51 -14.51 -27.32
CA ASP A 374 0.46 -15.54 -27.13
C ASP A 374 -0.96 -14.98 -27.23
N THR A 375 -1.99 -15.77 -26.91
CA THR A 375 -3.36 -15.27 -27.00
C THR A 375 -3.85 -14.39 -25.82
N HIS A 376 -3.08 -14.32 -24.73
CA HIS A 376 -3.55 -13.57 -23.57
C HIS A 376 -4.01 -12.16 -23.87
N PRO A 377 -3.31 -11.41 -24.70
CA PRO A 377 -3.74 -10.04 -25.05
C PRO A 377 -4.49 -9.90 -26.39
N THR A 378 -5.15 -10.95 -26.82
CA THR A 378 -6.11 -10.91 -27.92
C THR A 378 -7.16 -9.80 -27.82
N LEU A 379 -7.65 -9.57 -26.61
CA LEU A 379 -8.65 -8.53 -26.39
C LEU A 379 -8.17 -7.13 -26.80
N ALA A 380 -6.87 -6.92 -26.97
CA ALA A 380 -6.43 -5.66 -27.52
C ALA A 380 -7.07 -5.37 -28.92
N ILE A 381 -7.51 -6.41 -29.64
CA ILE A 381 -8.07 -6.21 -30.98
C ILE A 381 -9.40 -5.50 -30.86
N PRO A 382 -10.41 -6.12 -30.19
CA PRO A 382 -11.69 -5.48 -30.08
C PRO A 382 -11.65 -4.25 -29.22
N GLU A 383 -10.76 -4.23 -28.22
CA GLU A 383 -10.64 -3.07 -27.35
C GLU A 383 -10.15 -1.85 -28.11
N LEU A 384 -9.18 -2.04 -29.00
CA LEU A 384 -8.71 -0.93 -29.82
C LEU A 384 -9.85 -0.47 -30.74
N MET A 385 -10.59 -1.44 -31.28
CA MET A 385 -11.78 -1.15 -32.04
C MET A 385 -12.83 -0.37 -31.21
N ARG A 386 -13.00 -0.74 -29.95
CA ARG A 386 -13.99 -0.06 -29.11
C ARG A 386 -13.58 1.39 -28.89
N LEU A 387 -12.29 1.58 -28.62
CA LEU A 387 -11.74 2.89 -28.29
C LEU A 387 -11.80 3.82 -29.48
N LEU A 388 -11.65 3.26 -30.66
CA LEU A 388 -11.64 4.07 -31.87
C LEU A 388 -13.02 4.50 -32.26
N MET A 389 -13.97 3.57 -32.22
CA MET A 389 -15.33 3.85 -32.73
C MET A 389 -16.18 4.52 -31.67
N ASP A 390 -16.10 4.07 -30.41
CA ASP A 390 -16.98 4.62 -29.36
C ASP A 390 -16.37 5.89 -28.74
N ASP A 391 -15.19 5.77 -28.15
CA ASP A 391 -14.56 6.94 -27.51
C ASP A 391 -14.12 8.01 -28.52
N ASN A 392 -13.69 7.60 -29.71
CA ASN A 392 -13.19 8.57 -30.71
C ASN A 392 -14.02 8.76 -31.98
N GLY A 393 -15.14 8.05 -32.12
CA GLY A 393 -16.11 8.36 -33.18
C GLY A 393 -15.81 7.88 -34.60
N LEU A 394 -14.79 7.03 -34.77
CA LEU A 394 -14.44 6.50 -36.08
C LEU A 394 -15.48 5.50 -36.53
N GLY A 395 -15.64 5.42 -37.85
CA GLY A 395 -16.35 4.31 -38.47
C GLY A 395 -15.60 2.97 -38.50
N TRP A 396 -16.35 1.89 -38.66
CA TRP A 396 -15.83 0.51 -38.67
C TRP A 396 -14.67 0.32 -39.62
N ASP A 397 -14.85 0.65 -40.91
CA ASP A 397 -13.81 0.46 -41.91
C ASP A 397 -12.53 1.23 -41.58
N GLU A 398 -12.64 2.52 -41.26
CA GLU A 398 -11.46 3.27 -40.88
C GLU A 398 -10.83 2.68 -39.61
N ALA A 399 -11.65 2.34 -38.63
CA ALA A 399 -11.11 1.86 -37.34
C ALA A 399 -10.42 0.49 -37.50
N TRP A 400 -10.93 -0.31 -38.45
CA TRP A 400 -10.41 -1.65 -38.70
C TRP A 400 -9.13 -1.61 -39.46
N ASP A 401 -8.97 -0.58 -40.29
CA ASP A 401 -7.78 -0.46 -41.10
C ASP A 401 -6.63 -0.14 -40.17
N VAL A 402 -6.85 0.88 -39.38
CA VAL A 402 -5.98 1.26 -38.28
C VAL A 402 -5.60 0.03 -37.43
N THR A 403 -6.60 -0.68 -36.92
CA THR A 403 -6.40 -1.83 -36.00
C THR A 403 -5.55 -2.96 -36.62
N SER A 404 -5.93 -3.35 -37.84
CA SER A 404 -5.30 -4.43 -38.59
C SER A 404 -3.83 -4.12 -38.91
N LYS A 405 -3.52 -2.87 -39.18
CA LYS A 405 -2.12 -2.49 -39.40
C LYS A 405 -1.32 -2.22 -38.14
N THR A 406 -1.96 -2.15 -36.99
CA THR A 406 -1.24 -1.87 -35.73
C THR A 406 -0.79 -3.14 -35.03
N VAL A 407 -1.69 -4.09 -34.95
CA VAL A 407 -1.51 -5.30 -34.19
C VAL A 407 -0.83 -6.39 -35.02
N ALA A 408 0.09 -7.08 -34.36
CA ALA A 408 0.75 -8.31 -34.83
C ALA A 408 0.73 -9.34 -33.68
N TYR A 409 0.83 -10.64 -34.02
CA TYR A 409 0.65 -11.76 -33.10
C TYR A 409 1.81 -12.77 -33.12
N THR A 410 2.36 -13.09 -31.93
CA THR A 410 3.41 -14.11 -31.77
C THR A 410 2.84 -15.34 -31.06
N ASN A 411 2.91 -16.48 -31.74
CA ASN A 411 2.47 -17.77 -31.22
C ASN A 411 3.68 -18.48 -30.59
N HIS A 412 3.49 -19.09 -29.41
CA HIS A 412 4.57 -19.84 -28.75
C HIS A 412 4.21 -21.30 -28.54
N THR A 413 3.21 -21.84 -29.24
CA THR A 413 2.73 -23.17 -28.90
C THR A 413 2.59 -24.13 -30.06
N VAL A 414 3.20 -25.30 -29.89
CA VAL A 414 3.04 -26.40 -30.84
C VAL A 414 1.60 -26.96 -30.72
N LEU A 415 1.02 -26.91 -29.51
CA LEU A 415 -0.22 -27.66 -29.18
C LEU A 415 -1.47 -27.15 -29.92
N PRO A 416 -2.30 -28.08 -30.47
CA PRO A 416 -3.60 -27.69 -31.09
C PRO A 416 -4.67 -27.20 -30.06
N GLU A 417 -4.87 -27.99 -29.01
CA GLU A 417 -5.88 -27.68 -27.98
C GLU A 417 -5.44 -26.71 -26.85
N ALA A 418 -4.17 -26.28 -26.79
CA ALA A 418 -3.69 -25.34 -25.72
C ALA A 418 -4.02 -23.84 -26.01
N LEU A 419 -4.50 -23.57 -27.22
CA LEU A 419 -4.87 -22.24 -27.65
C LEU A 419 -6.19 -21.81 -27.02
N GLU A 420 -6.22 -20.59 -26.50
CA GLU A 420 -7.32 -20.18 -25.64
C GLU A 420 -8.68 -20.09 -26.36
N LYS A 421 -9.68 -20.78 -25.81
CA LYS A 421 -11.07 -20.73 -26.23
C LYS A 421 -11.95 -20.36 -25.02
N TRP A 422 -12.81 -19.36 -25.17
CA TRP A 422 -13.71 -18.94 -24.06
C TRP A 422 -15.17 -19.12 -24.37
N SER A 423 -15.93 -19.61 -23.38
CA SER A 423 -17.41 -19.73 -23.49
C SER A 423 -18.03 -18.41 -24.00
N GLN A 424 -18.82 -18.48 -25.05
CA GLN A 424 -19.51 -17.28 -25.56
C GLN A 424 -20.39 -16.64 -24.46
N SER A 425 -20.93 -17.48 -23.61
CA SER A 425 -21.73 -17.06 -22.48
C SER A 425 -20.98 -16.18 -21.47
N LEU A 426 -19.77 -16.61 -21.09
CA LEU A 426 -18.92 -15.77 -20.25
C LEU A 426 -18.53 -14.44 -20.92
N MET A 427 -18.23 -14.49 -22.21
CA MET A 427 -17.77 -13.29 -22.89
C MET A 427 -18.84 -12.23 -22.97
N TRP A 428 -20.07 -12.66 -23.19
CA TRP A 428 -21.21 -11.72 -23.22
C TRP A 428 -21.45 -11.09 -21.87
N LYS A 429 -21.32 -11.89 -20.80
CA LYS A 429 -21.53 -11.43 -19.42
C LYS A 429 -20.48 -10.37 -19.08
N LEU A 430 -19.20 -10.69 -19.24
CA LEU A 430 -18.11 -9.86 -18.78
C LEU A 430 -17.83 -8.69 -19.70
N LEU A 431 -17.91 -8.90 -21.03
CA LEU A 431 -17.45 -7.93 -21.99
C LEU A 431 -18.39 -7.87 -23.17
N PRO A 432 -19.61 -7.41 -22.95
CA PRO A 432 -20.64 -7.40 -23.97
C PRO A 432 -20.37 -6.58 -25.22
N ARG A 433 -19.67 -5.47 -25.07
CA ARG A 433 -19.40 -4.59 -26.21
C ARG A 433 -18.37 -5.26 -27.10
N HIS A 434 -17.46 -5.99 -26.46
CA HIS A 434 -16.40 -6.64 -27.19
C HIS A 434 -16.97 -7.78 -27.95
N MET A 435 -17.94 -8.51 -27.38
CA MET A 435 -18.60 -9.56 -28.12
C MET A 435 -19.28 -9.05 -29.41
N GLU A 436 -19.97 -7.90 -29.35
CA GLU A 436 -20.61 -7.31 -30.52
C GLU A 436 -19.59 -7.12 -31.61
N ILE A 437 -18.45 -6.52 -31.23
CA ILE A 437 -17.38 -6.24 -32.16
C ILE A 437 -16.78 -7.58 -32.67
N ILE A 438 -16.40 -8.47 -31.76
CA ILE A 438 -15.92 -9.76 -32.20
C ILE A 438 -16.87 -10.43 -33.21
N GLU A 439 -18.19 -10.31 -33.03
CA GLU A 439 -19.16 -10.97 -33.91
C GLU A 439 -19.19 -10.35 -35.31
N GLU A 440 -19.08 -9.04 -35.36
CA GLU A 440 -18.98 -8.34 -36.62
C GLU A 440 -17.65 -8.67 -37.31
N ILE A 441 -16.57 -8.89 -36.57
CA ILE A 441 -15.32 -9.28 -37.23
C ILE A 441 -15.54 -10.60 -37.93
N ASP A 442 -16.19 -11.54 -37.26
CA ASP A 442 -16.41 -12.87 -37.81
C ASP A 442 -17.38 -12.87 -39.00
N LYS A 443 -18.43 -12.08 -38.90
CA LYS A 443 -19.40 -11.96 -39.95
C LYS A 443 -18.75 -11.40 -41.25
N ARG A 444 -17.82 -10.47 -41.14
CA ARG A 444 -17.14 -9.95 -42.33
C ARG A 444 -16.10 -10.95 -42.89
N PHE A 445 -15.34 -11.57 -42.01
CA PHE A 445 -14.38 -12.54 -42.46
C PHE A 445 -15.03 -13.73 -43.18
N VAL A 446 -16.15 -14.22 -42.66
CA VAL A 446 -16.86 -15.32 -43.28
C VAL A 446 -17.40 -14.87 -44.66
N GLN A 447 -17.95 -13.66 -44.75
CA GLN A 447 -18.38 -13.11 -46.05
C GLN A 447 -17.23 -13.01 -47.05
N THR A 448 -16.03 -12.68 -46.58
CA THR A 448 -14.83 -12.68 -47.45
C THR A 448 -14.62 -14.07 -48.06
N ILE A 449 -14.72 -15.11 -47.25
CA ILE A 449 -14.53 -16.48 -47.74
C ILE A 449 -15.61 -16.93 -48.75
N ARG A 450 -16.81 -16.41 -48.62
CA ARG A 450 -17.86 -16.68 -49.59
C ARG A 450 -17.64 -15.84 -50.84
N ASP A 451 -17.18 -14.61 -50.66
CA ASP A 451 -16.89 -13.71 -51.78
C ASP A 451 -15.66 -14.12 -52.61
N THR A 452 -14.56 -14.40 -51.91
CA THR A 452 -13.25 -14.46 -52.55
C THR A 452 -12.69 -15.86 -52.66
N ARG A 453 -13.31 -16.81 -51.96
CA ARG A 453 -12.67 -18.11 -51.78
C ARG A 453 -13.65 -19.23 -51.57
N VAL A 454 -14.62 -19.32 -52.49
CA VAL A 454 -15.70 -20.30 -52.43
C VAL A 454 -15.18 -21.71 -52.15
N ASP A 455 -13.93 -22.00 -52.54
CA ASP A 455 -13.32 -23.32 -52.34
C ASP A 455 -13.06 -23.71 -50.88
N LEU A 456 -13.20 -22.76 -49.93
CA LEU A 456 -13.03 -23.05 -48.51
C LEU A 456 -14.36 -23.05 -47.74
N GLU A 457 -15.47 -22.96 -48.46
CA GLU A 457 -16.82 -22.98 -47.88
C GLU A 457 -17.02 -24.09 -46.84
N ASP A 458 -16.67 -25.33 -47.18
CA ASP A 458 -16.90 -26.45 -46.24
C ASP A 458 -16.04 -26.37 -44.99
N LYS A 459 -15.11 -25.43 -44.93
CA LYS A 459 -14.16 -25.32 -43.83
C LYS A 459 -14.47 -24.16 -42.88
N ILE A 460 -15.48 -23.37 -43.23
CA ILE A 460 -15.93 -22.22 -42.43
C ILE A 460 -16.20 -22.53 -40.98
N SER A 461 -16.57 -23.76 -40.64
CA SER A 461 -16.90 -24.08 -39.25
C SER A 461 -15.67 -24.34 -38.37
N SER A 462 -14.49 -24.37 -38.99
CA SER A 462 -13.24 -24.41 -38.24
C SER A 462 -12.37 -23.17 -38.43
N LEU A 463 -12.64 -22.40 -39.48
CA LEU A 463 -11.88 -21.18 -39.75
C LEU A 463 -12.42 -19.97 -38.98
N SER A 464 -13.73 -19.96 -38.72
CA SER A 464 -14.34 -18.82 -38.07
C SER A 464 -13.88 -18.70 -36.62
N ILE A 465 -14.09 -17.49 -36.08
CA ILE A 465 -13.64 -17.13 -34.73
C ILE A 465 -14.59 -17.72 -33.70
N LEU A 466 -15.87 -17.67 -34.02
CA LEU A 466 -16.93 -18.22 -33.21
C LEU A 466 -17.18 -19.66 -33.61
N ASP A 467 -17.02 -20.55 -32.65
CA ASP A 467 -17.40 -21.95 -32.81
C ASP A 467 -18.81 -22.08 -32.22
N ASN A 468 -19.82 -22.24 -33.06
CA ASN A 468 -21.21 -22.36 -32.63
C ASN A 468 -21.63 -23.81 -32.46
N ASN A 469 -20.72 -24.61 -31.91
CA ASN A 469 -20.96 -25.97 -31.54
C ASN A 469 -22.14 -25.96 -30.57
N PRO A 470 -23.13 -26.85 -30.78
CA PRO A 470 -24.27 -26.79 -29.84
C PRO A 470 -23.96 -27.19 -28.37
N GLN A 471 -22.96 -28.06 -28.12
CA GLN A 471 -22.56 -28.40 -26.74
C GLN A 471 -21.69 -27.34 -26.08
N LYS A 472 -20.52 -27.02 -26.66
CA LYS A 472 -19.57 -26.05 -26.05
C LYS A 472 -19.23 -24.86 -26.99
N PRO A 473 -20.18 -23.88 -27.13
CA PRO A 473 -19.93 -22.73 -28.00
C PRO A 473 -18.92 -21.81 -27.39
N VAL A 474 -17.94 -21.45 -28.19
CA VAL A 474 -16.80 -20.72 -27.71
C VAL A 474 -16.32 -19.66 -28.70
N VAL A 475 -15.45 -18.79 -28.20
CA VAL A 475 -14.72 -17.85 -29.01
C VAL A 475 -13.29 -18.38 -29.12
N ARG A 476 -12.82 -18.60 -30.35
CA ARG A 476 -11.45 -19.11 -30.59
C ARG A 476 -10.48 -17.95 -30.77
N MET A 477 -9.63 -17.77 -29.77
CA MET A 477 -8.87 -16.53 -29.65
C MET A 477 -7.71 -16.48 -30.64
N ALA A 478 -7.06 -17.61 -30.88
CA ALA A 478 -5.99 -17.66 -31.87
C ALA A 478 -6.53 -17.27 -33.27
N ASN A 479 -7.73 -17.73 -33.61
CA ASN A 479 -8.30 -17.42 -34.89
C ASN A 479 -8.55 -15.91 -35.00
N LEU A 480 -8.96 -15.29 -33.88
CA LEU A 480 -9.20 -13.85 -33.84
C LEU A 480 -7.86 -13.11 -34.08
N CYS A 481 -6.82 -13.58 -33.39
CA CYS A 481 -5.50 -13.02 -33.61
C CYS A 481 -5.03 -13.11 -35.06
N VAL A 482 -5.21 -14.29 -35.66
CA VAL A 482 -4.66 -14.52 -36.98
C VAL A 482 -5.47 -13.70 -37.98
N VAL A 483 -6.81 -13.73 -37.89
CA VAL A 483 -7.68 -12.99 -38.79
C VAL A 483 -7.44 -11.49 -38.78
N SER A 484 -7.02 -10.96 -37.64
CA SER A 484 -6.91 -9.52 -37.42
C SER A 484 -5.49 -8.94 -37.64
N SER A 485 -4.45 -9.71 -37.36
CA SER A 485 -3.10 -9.17 -37.37
C SER A 485 -2.53 -9.07 -38.77
N HIS A 486 -1.69 -8.08 -39.03
CA HIS A 486 -0.97 -8.02 -40.30
C HIS A 486 0.13 -9.04 -40.33
N THR A 487 0.63 -9.42 -39.16
CA THR A 487 1.65 -10.45 -39.10
C THR A 487 1.45 -11.45 -37.95
N VAL A 488 1.78 -12.70 -38.24
CA VAL A 488 1.87 -13.74 -37.30
C VAL A 488 3.24 -14.34 -37.50
N ASN A 489 3.94 -14.56 -36.40
CA ASN A 489 5.22 -15.22 -36.41
C ASN A 489 5.27 -16.31 -35.35
N GLY A 490 6.09 -17.32 -35.59
CA GLY A 490 6.45 -18.30 -34.59
C GLY A 490 7.85 -17.99 -34.11
N VAL A 491 8.37 -18.87 -33.27
CA VAL A 491 9.53 -18.53 -32.45
C VAL A 491 10.77 -19.43 -32.67
N ALA A 492 10.77 -20.13 -33.81
CA ALA A 492 11.86 -21.03 -34.23
C ALA A 492 11.51 -21.54 -35.61
N GLN A 493 12.51 -21.77 -36.45
CA GLN A 493 12.23 -22.07 -37.86
C GLN A 493 11.30 -23.28 -38.02
N LEU A 494 11.50 -24.34 -37.22
CA LEU A 494 10.65 -25.56 -37.39
C LEU A 494 9.23 -25.25 -36.92
N HIS A 495 9.13 -24.54 -35.80
CA HIS A 495 7.85 -24.19 -35.23
C HIS A 495 7.10 -23.35 -36.21
N SER A 496 7.76 -22.35 -36.77
CA SER A 496 7.08 -21.49 -37.72
C SER A 496 6.62 -22.26 -38.97
N ASP A 497 7.35 -23.31 -39.34
CA ASP A 497 6.95 -24.12 -40.49
C ASP A 497 5.74 -25.01 -40.15
N ILE A 498 5.76 -25.70 -39.00
CA ILE A 498 4.57 -26.39 -38.51
C ILE A 498 3.33 -25.48 -38.54
N LEU A 499 3.48 -24.23 -38.12
CA LEU A 499 2.36 -23.28 -38.10
C LEU A 499 1.80 -23.06 -39.50
N LYS A 500 2.68 -22.86 -40.47
CA LYS A 500 2.23 -22.62 -41.83
C LYS A 500 1.62 -23.88 -42.50
N ALA A 501 2.11 -25.06 -42.12
CA ALA A 501 1.77 -26.32 -42.83
C ALA A 501 0.64 -27.10 -42.16
N GLU A 502 0.73 -27.29 -40.85
CA GLU A 502 -0.35 -28.00 -40.14
C GLU A 502 -1.37 -26.99 -39.54
N LEU A 503 -1.01 -26.34 -38.44
CA LEU A 503 -1.96 -25.56 -37.64
C LEU A 503 -2.77 -24.45 -38.34
N PHE A 504 -2.14 -23.65 -39.19
CA PHE A 504 -2.81 -22.50 -39.76
C PHE A 504 -2.78 -22.51 -41.28
N ALA A 505 -2.75 -23.73 -41.83
CA ALA A 505 -2.61 -23.96 -43.26
C ALA A 505 -3.53 -23.12 -44.10
N ASP A 506 -4.80 -23.06 -43.73
CA ASP A 506 -5.79 -22.44 -44.61
C ASP A 506 -5.66 -20.91 -44.52
N TYR A 507 -5.26 -20.40 -43.35
CA TYR A 507 -4.99 -18.96 -43.22
C TYR A 507 -3.78 -18.53 -44.05
N VAL A 508 -2.73 -19.35 -44.04
CA VAL A 508 -1.57 -19.13 -44.92
C VAL A 508 -2.01 -19.04 -46.39
N SER A 509 -3.04 -19.82 -46.72
CA SER A 509 -3.56 -19.81 -48.04
C SER A 509 -4.17 -18.44 -48.38
N ILE A 510 -4.91 -17.82 -47.44
CA ILE A 510 -5.62 -16.56 -47.77
C ILE A 510 -4.67 -15.39 -47.76
N TRP A 511 -3.73 -15.39 -46.81
CA TRP A 511 -2.77 -14.28 -46.67
C TRP A 511 -1.40 -14.87 -46.69
N PRO A 512 -0.83 -15.02 -47.88
CA PRO A 512 0.43 -15.77 -47.98
C PRO A 512 1.66 -15.03 -47.50
N ASN A 513 1.56 -13.71 -47.23
CA ASN A 513 2.68 -12.93 -46.67
C ASN A 513 2.51 -12.60 -45.19
N LYS A 514 1.44 -13.09 -44.58
CA LYS A 514 1.16 -12.80 -43.19
C LYS A 514 2.07 -13.53 -42.23
N PHE A 515 2.43 -14.77 -42.54
CA PHE A 515 3.21 -15.56 -41.58
C PHE A 515 4.74 -15.41 -41.75
N GLN A 516 5.48 -15.50 -40.65
CA GLN A 516 6.91 -15.28 -40.59
C GLN A 516 7.59 -16.12 -39.49
N ASN A 517 8.91 -16.21 -39.52
CA ASN A 517 9.67 -16.71 -38.37
C ASN A 517 10.51 -15.61 -37.68
N LYS A 518 10.63 -15.71 -36.35
CA LYS A 518 11.55 -14.89 -35.57
C LYS A 518 12.12 -15.75 -34.44
N THR A 519 13.30 -16.28 -34.66
CA THR A 519 13.83 -17.21 -33.71
C THR A 519 14.15 -16.45 -32.40
N ASN A 520 13.73 -17.06 -31.30
CA ASN A 520 14.04 -16.58 -29.96
C ASN A 520 15.51 -16.39 -29.68
N GLY A 521 15.79 -15.56 -28.69
CA GLY A 521 17.12 -15.30 -28.27
C GLY A 521 17.25 -14.91 -26.82
N ILE A 522 18.49 -14.67 -26.38
CA ILE A 522 18.75 -14.24 -25.02
C ILE A 522 19.68 -13.05 -25.03
N THR A 523 19.73 -12.33 -23.92
CA THR A 523 20.63 -11.21 -23.81
C THR A 523 21.94 -11.65 -23.20
N PRO A 524 23.04 -11.33 -23.90
CA PRO A 524 24.36 -11.69 -23.49
C PRO A 524 24.92 -10.82 -22.38
N ARG A 525 24.20 -9.78 -21.99
CA ARG A 525 24.56 -8.97 -20.85
C ARG A 525 24.24 -9.75 -19.61
N ARG A 526 22.96 -9.87 -19.27
CA ARG A 526 22.59 -10.67 -18.08
C ARG A 526 23.15 -12.06 -18.10
N TRP A 527 23.12 -12.69 -19.26
CA TRP A 527 23.43 -14.15 -19.32
C TRP A 527 24.87 -14.60 -19.63
N LEU A 528 25.83 -13.67 -19.75
CA LEU A 528 27.24 -14.02 -19.91
C LEU A 528 28.07 -12.97 -19.27
N ARG A 529 27.97 -11.76 -19.82
CA ARG A 529 28.77 -10.68 -19.25
C ARG A 529 28.61 -10.48 -17.73
N PHE A 530 27.39 -10.58 -17.20
CA PHE A 530 27.11 -10.27 -15.80
C PHE A 530 27.02 -11.45 -14.87
N CYS A 531 26.58 -12.59 -15.36
CA CYS A 531 26.55 -13.77 -14.51
C CYS A 531 27.88 -14.53 -14.48
N SER A 532 28.65 -14.42 -15.57
CA SER A 532 29.94 -15.09 -15.74
C SER A 532 31.06 -14.12 -16.10
N PRO A 533 31.40 -13.23 -15.16
CA PRO A 533 32.44 -12.22 -15.43
C PRO A 533 33.86 -12.78 -15.62
N GLU A 534 34.28 -13.77 -14.85
CA GLU A 534 35.57 -14.42 -15.12
C GLU A 534 35.62 -14.87 -16.59
N LEU A 535 34.61 -15.64 -16.99
CA LEU A 535 34.60 -16.20 -18.33
C LEU A 535 34.56 -15.12 -19.43
N SER A 536 33.89 -14.02 -19.15
CA SER A 536 33.75 -12.94 -20.10
C SER A 536 35.06 -12.25 -20.31
N ASP A 537 35.91 -12.26 -19.30
CA ASP A 537 37.22 -11.60 -19.40
C ASP A 537 38.13 -12.37 -20.29
N ILE A 538 38.01 -13.69 -20.19
CA ILE A 538 38.78 -14.62 -21.01
C ILE A 538 38.37 -14.35 -22.46
N ILE A 539 37.08 -14.27 -22.69
CA ILE A 539 36.62 -14.08 -24.05
C ILE A 539 37.23 -12.80 -24.58
N THR A 540 37.12 -11.71 -23.82
CA THR A 540 37.56 -10.40 -24.29
C THR A 540 39.06 -10.41 -24.56
N LYS A 541 39.77 -11.19 -23.78
CA LYS A 541 41.21 -11.29 -23.93
C LYS A 541 41.58 -12.00 -25.24
N TRP A 542 40.96 -13.14 -25.49
CA TRP A 542 41.29 -13.95 -26.64
C TRP A 542 40.66 -13.41 -27.92
N LEU A 543 39.50 -12.77 -27.85
CA LEU A 543 39.01 -12.09 -29.06
C LEU A 543 39.71 -10.76 -29.29
N LYS A 544 40.49 -10.34 -28.31
CA LYS A 544 41.22 -9.07 -28.38
C LYS A 544 40.26 -7.90 -28.56
N THR A 545 39.02 -8.07 -28.11
CA THR A 545 38.02 -6.97 -28.10
C THR A 545 36.92 -7.34 -27.13
N ASP A 546 36.17 -6.33 -26.72
CA ASP A 546 34.98 -6.52 -25.94
C ASP A 546 33.71 -6.13 -26.66
N LYS A 547 33.80 -5.87 -27.97
CA LYS A 547 32.61 -5.51 -28.76
C LYS A 547 31.63 -6.70 -28.94
N TRP A 548 32.02 -7.90 -28.56
CA TRP A 548 31.08 -9.00 -28.60
C TRP A 548 29.87 -8.81 -27.73
N ILE A 549 30.04 -8.09 -26.63
CA ILE A 549 28.93 -7.82 -25.74
C ILE A 549 27.73 -7.12 -26.48
N THR A 550 27.93 -6.54 -27.65
CA THR A 550 26.77 -6.11 -28.48
C THR A 550 26.78 -6.62 -29.93
N ASP A 551 27.70 -7.54 -30.21
CA ASP A 551 27.86 -8.13 -31.51
C ASP A 551 28.31 -9.55 -31.27
N LEU A 552 27.35 -10.39 -30.92
CA LEU A 552 27.68 -11.66 -30.33
C LEU A 552 28.27 -12.62 -31.37
N ASP A 553 28.01 -12.36 -32.66
CA ASP A 553 28.59 -13.20 -33.73
C ASP A 553 30.13 -13.19 -33.74
N LEU A 554 30.75 -12.23 -33.05
CA LEU A 554 32.19 -12.16 -32.91
C LEU A 554 32.69 -13.33 -32.14
N LEU A 555 31.80 -14.09 -31.49
CA LEU A 555 32.25 -15.27 -30.71
C LEU A 555 32.87 -16.36 -31.58
N THR A 556 32.60 -16.30 -32.89
CA THR A 556 33.18 -17.28 -33.82
C THR A 556 34.69 -17.18 -33.93
N GLY A 557 35.24 -16.00 -33.68
CA GLY A 557 36.69 -15.90 -33.55
C GLY A 557 37.33 -16.84 -32.49
N LEU A 558 36.54 -17.47 -31.63
CA LEU A 558 37.13 -18.36 -30.61
C LEU A 558 37.47 -19.71 -31.21
N ARG A 559 36.90 -20.02 -32.37
CA ARG A 559 37.01 -21.34 -32.96
C ARG A 559 38.41 -21.75 -33.22
N GLN A 560 39.18 -20.80 -33.75
CA GLN A 560 40.56 -21.06 -34.09
C GLN A 560 41.40 -21.43 -32.87
N PHE A 561 40.88 -21.22 -31.68
CA PHE A 561 41.62 -21.47 -30.46
C PHE A 561 41.07 -22.70 -29.70
N ALA A 562 40.12 -23.44 -30.28
CA ALA A 562 39.46 -24.50 -29.50
C ALA A 562 40.42 -25.59 -29.03
N ASP A 563 41.48 -25.80 -29.82
CA ASP A 563 42.52 -26.79 -29.53
C ASP A 563 43.71 -26.27 -28.70
N ASN A 564 43.75 -24.94 -28.51
CA ASN A 564 44.83 -24.23 -27.81
C ASN A 564 44.93 -24.60 -26.32
N GLU A 565 46.05 -25.16 -25.90
CA GLU A 565 46.22 -25.59 -24.49
C GLU A 565 46.08 -24.50 -23.41
N GLU A 566 46.63 -23.33 -23.67
CA GLU A 566 46.53 -22.26 -22.71
C GLU A 566 45.05 -21.85 -22.51
N LEU A 567 44.31 -21.65 -23.60
CA LEU A 567 42.89 -21.27 -23.50
C LEU A 567 42.04 -22.31 -22.83
N GLN A 568 42.31 -23.58 -23.08
CA GLN A 568 41.55 -24.66 -22.45
C GLN A 568 41.85 -24.65 -20.93
N SER A 569 43.09 -24.35 -20.61
CA SER A 569 43.54 -24.35 -19.23
C SER A 569 42.82 -23.20 -18.53
N GLU A 570 42.70 -22.04 -19.22
CA GLU A 570 42.02 -20.87 -18.63
C GLU A 570 40.54 -21.15 -18.46
N TRP A 571 39.99 -21.92 -19.39
CA TRP A 571 38.59 -22.25 -19.43
C TRP A 571 38.28 -23.22 -18.35
N ALA A 572 39.13 -24.22 -18.18
CA ALA A 572 38.98 -25.16 -17.05
C ALA A 572 38.88 -24.40 -15.72
N SER A 573 39.80 -23.47 -15.49
CA SER A 573 39.91 -22.74 -14.21
C SER A 573 38.67 -21.93 -13.88
N ALA A 574 38.13 -21.27 -14.90
CA ALA A 574 36.96 -20.45 -14.76
C ALA A 574 35.74 -21.34 -14.45
N LYS A 575 35.65 -22.48 -15.11
CA LYS A 575 34.56 -23.38 -14.85
C LYS A 575 34.72 -23.94 -13.44
N THR A 576 35.92 -24.44 -13.12
CA THR A 576 36.22 -24.88 -11.74
C THR A 576 35.81 -23.83 -10.71
N ALA A 577 36.10 -22.55 -10.95
CA ALA A 577 35.82 -21.50 -9.97
C ALA A 577 34.33 -21.24 -9.85
N ASN A 578 33.62 -21.22 -10.98
CA ASN A 578 32.16 -21.15 -11.01
C ASN A 578 31.44 -22.36 -10.38
N LYS A 579 32.11 -23.51 -10.39
CA LYS A 579 31.60 -24.72 -9.77
C LYS A 579 31.73 -24.73 -8.22
N LYS A 580 32.85 -24.23 -7.69
CA LYS A 580 33.03 -24.00 -6.26
C LYS A 580 31.84 -23.18 -5.76
N ARG A 581 31.60 -22.03 -6.38
CA ARG A 581 30.50 -21.17 -6.02
C ARG A 581 29.14 -21.92 -6.03
N LEU A 582 28.82 -22.57 -7.13
CA LEU A 582 27.60 -23.35 -7.18
C LEU A 582 27.55 -24.34 -6.01
N ALA A 583 28.64 -25.08 -5.80
CA ALA A 583 28.71 -26.02 -4.64
C ALA A 583 28.31 -25.34 -3.36
N GLN A 584 28.84 -24.14 -3.14
CA GLN A 584 28.57 -23.34 -1.93
C GLN A 584 27.10 -23.08 -1.79
N TYR A 585 26.51 -22.54 -2.86
CA TYR A 585 25.11 -22.21 -2.92
C TYR A 585 24.22 -23.41 -2.60
N ILE A 586 24.57 -24.58 -3.11
CA ILE A 586 23.76 -25.76 -2.96
C ILE A 586 23.72 -26.22 -1.54
N GLU A 587 24.87 -26.18 -0.89
CA GLU A 587 24.91 -26.49 0.52
C GLU A 587 24.05 -25.48 1.28
N ARG A 588 24.27 -24.21 1.04
CA ARG A 588 23.47 -23.18 1.68
C ARG A 588 21.96 -23.40 1.58
N VAL A 589 21.44 -23.77 0.39
CA VAL A 589 19.98 -23.86 0.17
C VAL A 589 19.39 -25.28 0.25
N THR A 590 20.21 -26.32 0.45
CA THR A 590 19.68 -27.68 0.67
C THR A 590 20.49 -28.55 1.62
N GLY A 591 21.55 -28.02 2.21
CA GLY A 591 22.32 -28.74 3.23
C GLY A 591 23.11 -29.92 2.66
N VAL A 592 23.17 -30.02 1.34
CA VAL A 592 23.89 -31.12 0.69
C VAL A 592 25.27 -30.64 0.13
N SER A 593 26.31 -31.41 0.44
CA SER A 593 27.70 -31.05 0.15
C SER A 593 28.02 -31.72 -1.16
N ILE A 594 28.25 -30.96 -2.23
CA ILE A 594 28.56 -31.58 -3.53
C ILE A 594 30.04 -31.45 -3.92
N ASP A 595 30.55 -32.46 -4.61
CA ASP A 595 31.92 -32.53 -5.05
C ASP A 595 32.18 -31.70 -6.33
N PRO A 596 33.04 -30.68 -6.22
CA PRO A 596 33.28 -29.83 -7.39
C PRO A 596 34.01 -30.52 -8.56
N THR A 597 34.71 -31.60 -8.25
CA THR A 597 35.41 -32.40 -9.25
C THR A 597 34.51 -33.38 -9.99
N SER A 598 33.33 -33.64 -9.48
CA SER A 598 32.39 -34.52 -10.17
C SER A 598 31.74 -33.75 -11.35
N LEU A 599 31.04 -34.48 -12.22
CA LEU A 599 30.34 -33.87 -13.38
C LEU A 599 29.00 -33.22 -12.97
N PHE A 600 28.82 -31.98 -13.32
CA PHE A 600 27.62 -31.23 -12.97
C PHE A 600 26.60 -31.31 -14.07
N ASP A 601 25.55 -32.08 -13.80
CA ASP A 601 24.52 -32.40 -14.78
C ASP A 601 23.19 -31.77 -14.30
N ILE A 602 22.61 -30.87 -15.07
CA ILE A 602 21.51 -30.01 -14.60
C ILE A 602 20.31 -30.08 -15.53
N GLN A 603 19.11 -30.36 -14.99
CA GLN A 603 17.84 -30.12 -15.67
C GLN A 603 16.96 -29.12 -14.88
N VAL A 604 16.84 -27.89 -15.37
CA VAL A 604 15.97 -26.90 -14.70
C VAL A 604 14.96 -26.28 -15.65
N LYS A 605 13.70 -26.53 -15.36
CA LYS A 605 12.58 -26.04 -16.14
C LYS A 605 11.30 -26.50 -15.49
N ARG A 606 10.17 -25.99 -16.01
CA ARG A 606 8.86 -26.29 -15.50
C ARG A 606 8.70 -27.79 -15.42
N ILE A 607 8.21 -28.30 -14.29
CA ILE A 607 8.03 -29.74 -14.12
C ILE A 607 6.80 -30.16 -14.88
N HIS A 608 7.01 -31.00 -15.87
CA HIS A 608 5.90 -31.44 -16.74
C HIS A 608 6.24 -32.77 -17.35
N GLU A 609 5.23 -33.61 -17.54
CA GLU A 609 5.40 -34.95 -18.10
C GLU A 609 6.09 -34.90 -19.48
N TYR A 610 5.72 -33.92 -20.30
CA TYR A 610 6.35 -33.76 -21.60
C TYR A 610 7.79 -33.22 -21.51
N LYS A 611 8.23 -32.68 -20.37
CA LYS A 611 9.64 -32.26 -20.25
C LYS A 611 10.50 -33.47 -19.80
N ARG A 612 9.83 -34.49 -19.33
CA ARG A 612 10.45 -35.78 -19.04
C ARG A 612 11.51 -35.76 -17.94
N GLN A 613 11.35 -34.89 -16.96
CA GLN A 613 12.07 -35.08 -15.74
C GLN A 613 11.99 -36.54 -15.24
N LEU A 614 10.86 -37.22 -15.43
CA LEU A 614 10.68 -38.60 -14.96
C LEU A 614 11.68 -39.51 -15.62
N MET A 615 11.89 -39.34 -16.91
CA MET A 615 12.93 -40.11 -17.61
C MET A 615 14.31 -39.91 -16.98
N ASN A 616 14.66 -38.64 -16.74
CA ASN A 616 15.91 -38.31 -16.13
C ASN A 616 16.05 -39.02 -14.81
N ILE A 617 15.06 -38.84 -13.97
CA ILE A 617 15.14 -39.37 -12.62
C ILE A 617 15.16 -40.90 -12.62
N LEU A 618 14.47 -41.56 -13.54
CA LEU A 618 14.56 -43.05 -13.66
C LEU A 618 15.96 -43.46 -14.11
N GLY A 619 16.56 -42.64 -14.98
CA GLY A 619 17.94 -42.84 -15.41
C GLY A 619 18.86 -42.87 -14.21
N VAL A 620 18.58 -41.97 -13.27
CA VAL A 620 19.37 -41.84 -12.07
C VAL A 620 19.21 -43.06 -11.14
N VAL A 621 17.98 -43.50 -10.99
CA VAL A 621 17.69 -44.70 -10.21
C VAL A 621 18.47 -45.88 -10.76
N TYR A 622 18.45 -46.03 -12.07
CA TYR A 622 19.21 -47.07 -12.73
C TYR A 622 20.75 -46.96 -12.38
N ARG A 623 21.34 -45.79 -12.59
CA ARG A 623 22.80 -45.62 -12.38
C ARG A 623 23.17 -45.97 -10.93
N PHE A 624 22.30 -45.58 -10.00
CA PHE A 624 22.45 -45.86 -8.55
C PHE A 624 22.40 -47.35 -8.21
N LYS A 625 21.42 -48.05 -8.76
CA LYS A 625 21.32 -49.49 -8.64
C LYS A 625 22.60 -50.18 -9.09
N LYS A 626 23.10 -49.76 -10.25
CA LYS A 626 24.30 -50.38 -10.83
C LYS A 626 25.52 -50.09 -9.98
N LEU A 627 25.58 -48.91 -9.39
CA LEU A 627 26.69 -48.58 -8.46
C LEU A 627 26.64 -49.42 -7.18
N LYS A 628 25.46 -49.57 -6.57
CA LYS A 628 25.32 -50.45 -5.41
C LYS A 628 25.75 -51.90 -5.75
N GLU A 629 25.45 -52.34 -6.96
CA GLU A 629 25.76 -53.71 -7.40
C GLU A 629 27.23 -53.97 -7.76
N MET A 630 27.99 -52.92 -8.06
CA MET A 630 29.41 -53.07 -8.43
C MET A 630 30.32 -53.43 -7.26
N LYS A 631 31.46 -54.04 -7.56
CA LYS A 631 32.56 -54.09 -6.61
C LYS A 631 33.25 -52.71 -6.64
N PRO A 632 33.93 -52.33 -5.55
CA PRO A 632 34.69 -51.08 -5.48
C PRO A 632 35.69 -50.82 -6.64
N GLU A 633 36.28 -51.88 -7.19
CA GLU A 633 37.23 -51.75 -8.33
C GLU A 633 36.50 -51.26 -9.60
N GLU A 634 35.25 -51.68 -9.80
CA GLU A 634 34.47 -51.23 -10.95
C GLU A 634 34.00 -49.79 -10.75
N ARG A 635 33.67 -49.43 -9.50
CA ARG A 635 33.21 -48.07 -9.11
C ARG A 635 34.22 -46.97 -9.41
N LYS A 636 35.49 -47.26 -9.12
CA LYS A 636 36.61 -46.36 -9.40
C LYS A 636 36.80 -46.06 -10.89
N LYS A 637 36.10 -46.77 -11.77
CA LYS A 637 36.24 -46.58 -13.21
C LYS A 637 35.10 -45.72 -13.77
N THR A 638 33.97 -45.65 -13.09
CA THR A 638 32.85 -44.80 -13.52
C THR A 638 33.14 -43.32 -13.30
N VAL A 639 32.34 -42.46 -13.94
CA VAL A 639 32.54 -41.00 -13.85
C VAL A 639 31.64 -40.44 -12.73
N PRO A 640 32.26 -39.80 -11.72
CA PRO A 640 31.43 -39.24 -10.68
C PRO A 640 30.54 -38.17 -11.29
N ARG A 641 29.31 -38.05 -10.79
CA ARG A 641 28.37 -37.10 -11.32
C ARG A 641 27.52 -36.52 -10.21
N THR A 642 27.24 -35.23 -10.20
CA THR A 642 26.22 -34.64 -9.33
C THR A 642 25.03 -34.22 -10.20
N VAL A 643 23.86 -34.82 -9.97
CA VAL A 643 22.67 -34.50 -10.70
C VAL A 643 21.84 -33.48 -9.98
N MET A 644 21.34 -32.49 -10.70
CA MET A 644 20.60 -31.38 -10.14
C MET A 644 19.35 -31.16 -10.99
N ILE A 645 18.21 -31.16 -10.30
CA ILE A 645 16.94 -30.98 -10.92
C ILE A 645 16.21 -29.86 -10.21
N GLY A 646 15.47 -29.06 -10.95
CA GLY A 646 14.69 -28.03 -10.33
C GLY A 646 13.59 -27.57 -11.22
N GLY A 647 12.66 -26.87 -10.59
CA GLY A 647 11.51 -26.32 -11.24
C GLY A 647 10.30 -26.45 -10.38
N LYS A 648 9.18 -25.90 -10.87
CA LYS A 648 7.93 -25.83 -10.13
C LYS A 648 6.83 -26.60 -10.83
N ALA A 649 5.99 -27.24 -10.07
CA ALA A 649 4.78 -27.89 -10.60
C ALA A 649 3.54 -27.05 -10.34
N PHE A 650 2.70 -26.86 -11.34
CA PHE A 650 1.35 -26.33 -11.05
C PHE A 650 0.72 -27.09 -9.90
N ALA A 651 0.13 -26.32 -8.97
CA ALA A 651 -0.35 -26.89 -7.71
C ALA A 651 -1.29 -28.05 -7.91
N THR A 652 -2.17 -27.94 -8.91
CA THR A 652 -3.18 -28.97 -9.17
C THR A 652 -2.67 -30.14 -10.05
N TYR A 653 -1.44 -30.06 -10.54
CA TYR A 653 -0.90 -31.10 -11.44
C TYR A 653 -0.26 -32.27 -10.68
N THR A 654 -1.06 -33.32 -10.45
CA THR A 654 -0.79 -34.39 -9.52
C THR A 654 0.55 -35.10 -9.80
N ASN A 655 0.74 -35.54 -11.03
CA ASN A 655 1.96 -36.27 -11.35
C ASN A 655 3.23 -35.38 -11.27
N ALA A 656 3.14 -34.12 -11.70
CA ALA A 656 4.27 -33.15 -11.58
C ALA A 656 4.71 -33.03 -10.11
N LYS A 657 3.71 -32.97 -9.22
CA LYS A 657 3.97 -32.92 -7.78
C LYS A 657 4.57 -34.25 -7.27
N ARG A 658 4.10 -35.36 -7.82
CA ARG A 658 4.70 -36.66 -7.51
C ARG A 658 6.16 -36.78 -8.01
N ILE A 659 6.50 -36.09 -9.10
CA ILE A 659 7.87 -36.16 -9.63
C ILE A 659 8.89 -35.44 -8.73
N VAL A 660 8.48 -34.28 -8.23
CA VAL A 660 9.28 -33.50 -7.32
C VAL A 660 9.52 -34.29 -6.03
N LYS A 661 8.45 -34.84 -5.47
CA LYS A 661 8.53 -35.76 -4.34
C LYS A 661 9.53 -36.88 -4.66
N LEU A 662 9.39 -37.51 -5.82
CA LEU A 662 10.30 -38.60 -6.17
C LEU A 662 11.78 -38.16 -6.15
N VAL A 663 12.06 -37.03 -6.77
CA VAL A 663 13.45 -36.62 -6.89
C VAL A 663 14.03 -36.52 -5.50
N ASN A 664 13.29 -35.85 -4.60
CA ASN A 664 13.76 -35.65 -3.22
C ASN A 664 13.99 -36.93 -2.45
N ASP A 665 13.07 -37.87 -2.59
CA ASP A 665 13.16 -39.15 -1.86
C ASP A 665 14.40 -39.92 -2.33
N VAL A 666 14.61 -39.94 -3.65
CA VAL A 666 15.81 -40.55 -4.22
C VAL A 666 17.08 -39.91 -3.62
N GLY A 667 17.09 -38.59 -3.52
CA GLY A 667 18.24 -37.84 -3.04
C GLY A 667 18.56 -38.10 -1.58
N ASP A 668 17.52 -38.20 -0.76
CA ASP A 668 17.72 -38.53 0.66
C ASP A 668 18.53 -39.80 0.82
N VAL A 669 18.13 -40.82 0.06
CA VAL A 669 18.74 -42.16 0.16
C VAL A 669 20.13 -42.19 -0.46
N VAL A 670 20.22 -41.66 -1.68
CA VAL A 670 21.46 -41.66 -2.44
C VAL A 670 22.57 -40.85 -1.74
N ASN A 671 22.24 -39.63 -1.36
CA ASN A 671 23.22 -38.72 -0.83
C ASN A 671 23.76 -39.14 0.56
N SER A 672 22.95 -39.84 1.34
CA SER A 672 23.36 -40.30 2.66
C SER A 672 23.93 -41.72 2.63
N ASP A 673 24.12 -42.31 1.45
CA ASP A 673 24.75 -43.64 1.33
C ASP A 673 26.29 -43.48 1.22
N PRO A 674 27.02 -43.79 2.31
CA PRO A 674 28.47 -43.56 2.27
C PRO A 674 29.15 -44.36 1.15
N GLU A 675 28.56 -45.51 0.81
CA GLU A 675 29.13 -46.46 -0.14
C GLU A 675 29.20 -45.96 -1.59
N VAL A 676 28.27 -45.11 -2.01
CA VAL A 676 28.22 -44.63 -3.39
C VAL A 676 28.14 -43.11 -3.55
N ASN A 677 28.09 -42.38 -2.45
CA ASN A 677 27.92 -40.94 -2.59
C ASN A 677 29.21 -40.23 -3.06
N GLU A 678 30.34 -40.94 -3.08
CA GLU A 678 31.55 -40.43 -3.76
C GLU A 678 31.29 -40.33 -5.30
N TYR A 679 30.43 -41.20 -5.82
CA TYR A 679 30.27 -41.37 -7.25
C TYR A 679 28.97 -40.82 -7.78
N LEU A 680 27.99 -40.62 -6.90
CA LEU A 680 26.70 -40.09 -7.30
C LEU A 680 25.99 -39.31 -6.20
N LYS A 681 25.39 -38.18 -6.59
CA LYS A 681 24.51 -37.43 -5.73
C LYS A 681 23.41 -36.80 -6.54
N VAL A 682 22.26 -36.62 -5.89
CA VAL A 682 21.12 -36.08 -6.54
C VAL A 682 20.48 -35.03 -5.66
N VAL A 683 20.22 -33.87 -6.22
CA VAL A 683 19.73 -32.76 -5.47
C VAL A 683 18.59 -32.08 -6.17
N PHE A 684 17.54 -31.80 -5.42
CA PHE A 684 16.46 -30.95 -5.94
C PHE A 684 16.74 -29.52 -5.52
N VAL A 685 16.86 -28.63 -6.49
CA VAL A 685 17.15 -27.21 -6.20
C VAL A 685 15.87 -26.41 -6.11
N PRO A 686 15.64 -25.77 -4.97
CA PRO A 686 14.29 -25.30 -4.79
C PRO A 686 14.08 -23.91 -5.27
N ASN A 687 12.81 -23.59 -5.49
CA ASN A 687 12.39 -22.22 -5.84
C ASN A 687 13.12 -21.68 -7.07
N TYR A 688 13.15 -22.48 -8.13
CA TYR A 688 13.78 -22.09 -9.39
C TYR A 688 13.20 -20.79 -9.91
N ASN A 689 14.08 -19.83 -10.14
CA ASN A 689 13.75 -18.51 -10.66
C ASN A 689 15.00 -17.89 -11.32
N VAL A 690 14.98 -16.62 -11.62
CA VAL A 690 16.08 -16.08 -12.41
C VAL A 690 17.36 -16.09 -11.65
N THR A 691 17.27 -15.73 -10.39
CA THR A 691 18.42 -15.77 -9.48
C THR A 691 18.99 -17.13 -9.44
N VAL A 692 18.16 -18.17 -9.34
CA VAL A 692 18.70 -19.54 -9.24
C VAL A 692 19.41 -19.90 -10.53
N ALA A 693 18.75 -19.64 -11.67
CA ALA A 693 19.37 -19.85 -12.99
C ALA A 693 20.73 -19.11 -13.06
N GLU A 694 20.76 -17.86 -12.64
CA GLU A 694 22.04 -17.16 -12.61
C GLU A 694 23.15 -17.86 -11.79
N MET A 695 22.79 -18.66 -10.76
CA MET A 695 23.82 -19.41 -10.01
CA MET A 695 23.80 -19.42 -9.98
C MET A 695 24.17 -20.77 -10.65
N LEU A 696 23.25 -21.33 -11.41
CA LEU A 696 23.44 -22.69 -11.89
C LEU A 696 24.17 -22.72 -13.22
N ILE A 697 23.71 -21.87 -14.13
CA ILE A 697 24.25 -21.82 -15.48
C ILE A 697 25.77 -21.63 -15.61
N PRO A 698 26.37 -20.75 -14.79
CA PRO A 698 27.80 -20.55 -15.01
C PRO A 698 28.59 -21.72 -14.51
N GLY A 699 28.03 -22.48 -13.58
CA GLY A 699 28.73 -23.65 -13.07
C GLY A 699 28.38 -24.96 -13.76
N SER A 700 27.51 -24.93 -14.79
CA SER A 700 27.02 -26.15 -15.38
C SER A 700 27.99 -26.69 -16.43
N GLU A 701 28.02 -28.02 -16.60
CA GLU A 701 28.83 -28.71 -17.62
C GLU A 701 27.96 -29.46 -18.65
N LEU A 702 26.92 -30.13 -18.15
CA LEU A 702 25.96 -30.78 -19.00
C LEU A 702 24.60 -30.26 -18.60
N SER A 703 23.75 -29.91 -19.56
CA SER A 703 22.36 -29.63 -19.25
C SER A 703 21.45 -30.46 -20.13
N GLN A 704 20.25 -30.76 -19.62
CA GLN A 704 19.33 -31.73 -20.24
C GLN A 704 18.09 -31.00 -20.76
N HIS A 705 17.87 -31.10 -22.06
CA HIS A 705 16.74 -30.49 -22.75
C HIS A 705 16.17 -31.60 -23.61
N ILE A 706 15.29 -32.40 -22.97
CA ILE A 706 14.96 -33.73 -23.41
C ILE A 706 13.45 -33.92 -23.62
N SER A 707 12.73 -32.84 -23.86
CA SER A 707 11.30 -32.95 -24.19
C SER A 707 10.99 -33.92 -25.34
N THR A 708 9.86 -34.59 -25.24
CA THR A 708 9.33 -35.38 -26.35
C THR A 708 9.33 -34.54 -27.64
N ALA A 709 9.89 -35.09 -28.72
CA ALA A 709 10.07 -34.36 -29.99
C ALA A 709 8.74 -33.84 -30.52
N GLY A 710 8.73 -32.60 -30.99
CA GLY A 710 7.49 -31.98 -31.48
C GLY A 710 6.78 -31.14 -30.45
N MET A 711 7.07 -31.33 -29.16
CA MET A 711 6.30 -30.66 -28.11
C MET A 711 6.79 -29.24 -27.80
N GLU A 712 8.06 -28.95 -27.97
CA GLU A 712 8.63 -27.63 -27.64
C GLU A 712 8.76 -26.79 -28.89
N ALA A 713 8.23 -25.56 -28.86
CA ALA A 713 8.44 -24.64 -29.95
C ALA A 713 9.83 -24.03 -29.89
N SER A 714 10.44 -23.90 -28.70
CA SER A 714 11.74 -23.23 -28.60
C SER A 714 12.63 -23.72 -27.45
N GLY A 715 12.66 -23.01 -26.33
CA GLY A 715 13.65 -23.29 -25.29
C GLY A 715 14.78 -22.26 -25.31
N THR A 716 14.60 -21.19 -24.58
CA THR A 716 15.68 -20.25 -24.40
C THR A 716 16.71 -20.63 -23.32
N SER A 717 16.39 -21.48 -22.37
CA SER A 717 17.43 -21.87 -21.37
C SER A 717 18.56 -22.66 -22.02
N ASN A 718 18.16 -23.37 -23.10
CA ASN A 718 19.07 -24.13 -23.94
C ASN A 718 20.21 -23.21 -24.32
N MET A 719 19.83 -22.01 -24.78
CA MET A 719 20.74 -21.01 -25.34
C MET A 719 21.68 -20.48 -24.26
N LYS A 720 21.15 -20.23 -23.08
CA LYS A 720 21.96 -19.77 -21.95
C LYS A 720 23.08 -20.73 -21.63
N PHE A 721 22.73 -22.02 -21.61
CA PHE A 721 23.70 -23.09 -21.35
C PHE A 721 24.78 -23.15 -22.39
N ALA A 722 24.35 -23.13 -23.67
CA ALA A 722 25.23 -23.22 -24.80
C ALA A 722 26.20 -22.09 -24.77
N LEU A 723 25.66 -20.90 -24.51
CA LEU A 723 26.45 -19.68 -24.47
C LEU A 723 27.53 -19.74 -23.36
N ASN A 724 27.23 -20.41 -22.25
CA ASN A 724 28.22 -20.50 -21.12
C ASN A 724 29.08 -21.74 -21.14
N GLY A 725 29.09 -22.40 -22.29
CA GLY A 725 29.98 -23.54 -22.51
C GLY A 725 29.47 -24.84 -21.96
N CYS A 726 28.20 -24.84 -21.59
CA CYS A 726 27.58 -26.04 -21.09
C CYS A 726 27.05 -26.85 -22.29
N LEU A 727 27.47 -28.11 -22.38
CA LEU A 727 27.03 -29.04 -23.42
C LEU A 727 25.64 -29.62 -23.12
N ILE A 728 24.92 -29.96 -24.18
CA ILE A 728 23.54 -30.39 -24.10
C ILE A 728 23.37 -31.89 -24.41
N ILE A 729 22.45 -32.53 -23.70
CA ILE A 729 21.95 -33.89 -24.05
C ILE A 729 20.50 -33.62 -24.30
N GLY A 730 20.04 -33.93 -25.52
CA GLY A 730 18.77 -33.40 -25.98
C GLY A 730 18.19 -34.13 -27.17
N THR A 731 16.91 -33.85 -27.37
CA THR A 731 16.13 -34.36 -28.46
C THR A 731 16.23 -33.34 -29.56
N LEU A 732 15.90 -33.75 -30.77
CA LEU A 732 16.00 -32.87 -31.93
C LEU A 732 14.71 -32.12 -31.96
N ASP A 733 14.62 -31.11 -31.11
CA ASP A 733 13.33 -30.47 -30.85
C ASP A 733 13.53 -29.02 -30.47
N GLY A 734 12.63 -28.17 -30.93
CA GLY A 734 12.63 -26.78 -30.54
C GLY A 734 13.92 -26.07 -30.95
N ALA A 735 14.58 -25.47 -29.97
CA ALA A 735 15.78 -24.69 -30.24
C ALA A 735 17.03 -25.57 -30.29
N ASN A 736 16.92 -26.81 -29.84
CA ASN A 736 18.00 -27.76 -29.99
C ASN A 736 18.38 -27.86 -31.48
N VAL A 737 17.42 -27.86 -32.39
CA VAL A 737 17.74 -28.01 -33.82
C VAL A 737 18.71 -26.91 -34.26
N GLU A 738 18.38 -25.67 -33.93
CA GLU A 738 19.21 -24.51 -34.29
C GLU A 738 20.53 -24.46 -33.54
N ILE A 739 20.56 -24.73 -32.23
CA ILE A 739 21.82 -24.73 -31.51
C ILE A 739 22.77 -25.73 -32.14
N ARG A 740 22.25 -26.93 -32.33
CA ARG A 740 23.05 -28.03 -32.84
C ARG A 740 23.63 -27.69 -34.21
N GLU A 741 22.82 -27.08 -35.10
CA GLU A 741 23.39 -26.53 -36.35
C GLU A 741 24.54 -25.57 -36.03
N GLU A 742 24.34 -24.66 -35.11
CA GLU A 742 25.30 -23.54 -34.94
C GLU A 742 26.61 -23.97 -34.26
N VAL A 743 26.51 -24.78 -33.20
CA VAL A 743 27.71 -25.26 -32.50
C VAL A 743 28.40 -26.46 -33.22
N GLY A 744 27.68 -27.12 -34.11
CA GLY A 744 28.17 -28.32 -34.81
C GLY A 744 27.75 -29.65 -34.17
N GLU A 745 27.30 -30.61 -34.96
CA GLU A 745 26.76 -31.89 -34.44
C GLU A 745 27.70 -32.61 -33.47
N GLU A 746 29.00 -32.48 -33.68
CA GLU A 746 29.95 -33.21 -32.88
C GLU A 746 30.08 -32.71 -31.45
N ASN A 747 29.45 -31.57 -31.16
CA ASN A 747 29.53 -30.96 -29.83
C ASN A 747 28.22 -31.01 -29.09
N PHE A 748 27.40 -32.01 -29.42
CA PHE A 748 26.03 -32.08 -28.95
C PHE A 748 25.61 -33.55 -28.88
N PHE A 749 25.00 -33.95 -27.77
CA PHE A 749 24.57 -35.37 -27.55
C PHE A 749 23.10 -35.52 -27.87
N LEU A 750 22.82 -35.73 -29.15
CA LEU A 750 21.51 -36.05 -29.67
C LEU A 750 21.08 -37.50 -29.34
N PHE A 751 19.76 -37.67 -29.15
CA PHE A 751 19.17 -39.00 -28.94
C PHE A 751 17.67 -38.89 -29.17
N GLY A 752 16.99 -40.04 -29.18
CA GLY A 752 15.54 -40.09 -29.13
C GLY A 752 14.85 -40.06 -30.49
N ALA A 753 13.57 -40.43 -30.51
CA ALA A 753 12.73 -40.32 -31.69
C ALA A 753 12.66 -38.89 -32.23
N THR A 754 12.43 -38.75 -33.52
CA THR A 754 12.25 -37.44 -34.16
C THR A 754 10.76 -37.12 -34.28
N ALA A 755 10.45 -35.85 -34.51
CA ALA A 755 9.07 -35.42 -34.40
C ALA A 755 8.13 -36.22 -35.32
N ASP A 756 8.55 -36.42 -36.57
CA ASP A 756 7.71 -37.10 -37.58
C ASP A 756 7.44 -38.58 -37.20
N GLN A 757 8.35 -39.16 -36.41
CA GLN A 757 8.24 -40.55 -35.95
C GLN A 757 7.22 -40.80 -34.83
N VAL A 758 6.86 -39.74 -34.09
CA VAL A 758 6.16 -39.90 -32.80
C VAL A 758 4.74 -40.48 -32.97
N PRO A 759 3.93 -39.93 -33.90
CA PRO A 759 2.60 -40.46 -34.15
C PRO A 759 2.65 -41.95 -34.43
N ARG A 760 3.51 -42.34 -35.36
CA ARG A 760 3.73 -43.74 -35.70
C ARG A 760 4.01 -44.56 -34.43
N LEU A 761 4.88 -44.06 -33.57
CA LEU A 761 5.29 -44.80 -32.37
C LEU A 761 4.19 -44.92 -31.30
N ARG A 762 3.29 -43.94 -31.24
CA ARG A 762 2.10 -44.02 -30.40
C ARG A 762 1.15 -45.10 -30.91
N LYS A 763 0.94 -45.13 -32.23
CA LYS A 763 0.08 -46.12 -32.88
C LYS A 763 0.59 -47.56 -32.68
N GLU A 764 1.91 -47.74 -32.62
CA GLU A 764 2.52 -49.04 -32.27
C GLU A 764 2.21 -49.44 -30.81
N ARG A 765 2.22 -48.46 -29.93
CA ARG A 765 1.86 -48.70 -28.54
C ARG A 765 0.37 -49.11 -28.43
N GLU A 766 -0.51 -48.36 -29.12
CA GLU A 766 -1.97 -48.65 -29.07
C GLU A 766 -2.26 -50.07 -29.50
N ASP A 767 -1.44 -50.60 -30.41
CA ASP A 767 -1.62 -51.90 -31.04
C ASP A 767 -0.82 -53.05 -30.40
N GLY A 768 -0.24 -52.84 -29.23
CA GLY A 768 0.46 -53.92 -28.52
C GLY A 768 1.81 -54.31 -29.09
N LEU A 769 2.39 -53.47 -29.97
CA LEU A 769 3.66 -53.76 -30.62
C LEU A 769 4.88 -53.18 -29.88
N PHE A 770 4.69 -52.48 -28.77
CA PHE A 770 5.83 -51.85 -28.12
C PHE A 770 6.59 -52.85 -27.26
N LYS A 771 7.91 -52.94 -27.46
CA LYS A 771 8.71 -53.86 -26.67
C LYS A 771 9.70 -53.06 -25.81
N PRO A 772 9.40 -52.94 -24.49
CA PRO A 772 10.22 -52.18 -23.55
C PRO A 772 11.58 -52.78 -23.24
N ASP A 773 12.56 -51.90 -23.03
CA ASP A 773 13.91 -52.29 -22.71
C ASP A 773 13.97 -52.79 -21.26
N PRO A 774 14.75 -53.83 -21.01
CA PRO A 774 14.79 -54.39 -19.63
C PRO A 774 15.36 -53.43 -18.55
N ARG A 775 16.36 -52.62 -18.91
CA ARG A 775 16.86 -51.58 -18.01
C ARG A 775 15.77 -50.55 -17.63
N PHE A 776 14.85 -50.28 -18.56
CA PHE A 776 13.73 -49.42 -18.26
C PHE A 776 12.83 -50.04 -17.18
N GLU A 777 12.57 -51.35 -17.29
CA GLU A 777 11.70 -52.06 -16.37
C GLU A 777 12.38 -52.29 -14.99
N GLU A 778 13.68 -52.54 -15.02
CA GLU A 778 14.51 -52.63 -13.81
C GLU A 778 14.49 -51.33 -13.01
N ALA A 779 14.45 -50.17 -13.68
CA ALA A 779 14.43 -48.90 -12.96
C ALA A 779 13.08 -48.76 -12.27
N LYS A 780 12.02 -48.99 -13.04
CA LYS A 780 10.68 -48.99 -12.46
C LYS A 780 10.54 -49.87 -11.23
N GLN A 781 10.91 -51.14 -11.35
CA GLN A 781 10.71 -52.09 -10.27
C GLN A 781 11.42 -51.63 -9.02
N PHE A 782 12.64 -51.13 -9.22
CA PHE A 782 13.47 -50.72 -8.09
C PHE A 782 12.85 -49.52 -7.35
N VAL A 783 12.21 -48.61 -8.12
CA VAL A 783 11.43 -47.52 -7.52
C VAL A 783 10.21 -48.10 -6.75
N LYS A 784 9.59 -49.17 -7.27
CA LYS A 784 8.45 -49.80 -6.58
C LYS A 784 8.80 -50.71 -5.41
N SER A 785 10.08 -51.05 -5.26
CA SER A 785 10.52 -51.95 -4.18
C SER A 785 10.49 -51.27 -2.80
N GLY A 786 10.31 -49.95 -2.78
CA GLY A 786 10.16 -49.21 -1.52
C GLY A 786 11.49 -48.90 -0.88
N VAL A 787 12.55 -48.90 -1.69
CA VAL A 787 13.90 -48.59 -1.22
C VAL A 787 14.05 -47.06 -0.96
N PHE A 788 13.17 -46.27 -1.56
CA PHE A 788 13.17 -44.82 -1.38
C PHE A 788 12.20 -44.30 -0.31
N GLY A 789 11.68 -45.19 0.53
CA GLY A 789 10.85 -44.81 1.69
C GLY A 789 9.46 -45.39 1.58
N SER A 790 8.55 -44.87 2.41
CA SER A 790 7.18 -45.40 2.48
C SER A 790 6.25 -44.93 1.36
N TYR A 791 6.62 -43.87 0.66
CA TYR A 791 5.78 -43.32 -0.41
C TYR A 791 5.59 -44.33 -1.51
N ASP A 792 4.32 -44.65 -1.78
CA ASP A 792 3.94 -45.52 -2.90
C ASP A 792 4.03 -44.68 -4.18
N TYR A 793 4.95 -45.06 -5.08
CA TYR A 793 5.11 -44.40 -6.37
C TYR A 793 4.37 -45.11 -7.48
N GLY A 794 3.69 -46.21 -7.15
CA GLY A 794 2.82 -46.94 -8.12
C GLY A 794 1.83 -46.11 -8.97
N PRO A 795 1.12 -45.17 -8.32
CA PRO A 795 0.15 -44.42 -9.13
C PRO A 795 0.82 -43.48 -10.13
N LEU A 796 1.97 -42.93 -9.78
CA LEU A 796 2.74 -42.11 -10.72
C LEU A 796 3.17 -43.01 -11.86
N LEU A 797 3.78 -44.15 -11.51
CA LEU A 797 4.36 -45.00 -12.56
C LEU A 797 3.31 -45.64 -13.47
N ASP A 798 2.08 -45.67 -12.97
CA ASP A 798 0.92 -46.10 -13.74
C ASP A 798 0.74 -45.32 -15.04
N SER A 799 1.18 -44.08 -15.08
CA SER A 799 1.09 -43.27 -16.29
C SER A 799 1.91 -43.85 -17.46
N LEU A 800 2.85 -44.73 -17.10
CA LEU A 800 3.69 -45.39 -18.07
C LEU A 800 3.25 -46.81 -18.38
N GLU A 801 2.10 -47.24 -17.87
CA GLU A 801 1.56 -48.58 -18.07
C GLU A 801 0.32 -48.55 -18.96
N GLY A 802 -0.03 -49.72 -19.46
CA GLY A 802 -1.20 -49.88 -20.32
C GLY A 802 -0.80 -49.54 -21.72
N ASN A 803 -1.76 -49.54 -22.63
CA ASN A 803 -1.50 -49.22 -24.04
C ASN A 803 -2.37 -48.12 -24.61
N THR A 804 -3.49 -47.83 -23.97
CA THR A 804 -4.46 -46.85 -24.46
C THR A 804 -5.12 -46.17 -23.26
N GLY A 805 -5.86 -45.10 -23.52
CA GLY A 805 -6.58 -44.39 -22.46
C GLY A 805 -5.88 -43.16 -21.94
N PHE A 806 -6.66 -42.09 -21.78
CA PHE A 806 -6.21 -40.84 -21.16
C PHE A 806 -5.30 -41.06 -19.94
N GLY A 807 -4.15 -40.40 -19.93
CA GLY A 807 -3.27 -40.38 -18.76
C GLY A 807 -2.52 -41.66 -18.50
N ARG A 808 -2.57 -42.60 -19.43
CA ARG A 808 -1.68 -43.76 -19.37
C ARG A 808 -1.22 -44.08 -20.79
N GLY A 809 -0.50 -45.18 -20.91
CA GLY A 809 0.06 -45.59 -22.18
C GLY A 809 1.33 -44.84 -22.59
N ASP A 810 2.01 -44.24 -21.62
CA ASP A 810 3.29 -43.57 -21.91
C ASP A 810 3.25 -42.76 -23.24
N TYR A 811 2.32 -41.82 -23.26
CA TYR A 811 2.09 -40.88 -24.36
C TYR A 811 3.32 -40.05 -24.73
N PHE A 812 4.19 -39.81 -23.75
CA PHE A 812 5.37 -38.96 -23.98
C PHE A 812 6.64 -39.77 -24.27
N LEU A 813 6.45 -41.06 -24.51
CA LEU A 813 7.53 -41.92 -24.98
C LEU A 813 8.74 -41.97 -24.04
N VAL A 814 8.49 -41.80 -22.72
CA VAL A 814 9.58 -42.02 -21.69
C VAL A 814 10.22 -43.38 -21.88
N GLY A 815 9.39 -44.41 -21.93
CA GLY A 815 9.90 -45.78 -21.93
C GLY A 815 10.67 -46.06 -23.19
N TYR A 816 10.13 -45.58 -24.31
CA TYR A 816 10.68 -45.85 -25.63
C TYR A 816 12.05 -45.17 -25.85
N ASP A 817 12.22 -43.93 -25.38
CA ASP A 817 13.47 -43.21 -25.60
C ASP A 817 14.55 -43.57 -24.54
N PHE A 818 14.16 -44.29 -23.50
CA PHE A 818 15.07 -44.55 -22.37
C PHE A 818 16.38 -45.19 -22.84
N PRO A 819 16.29 -46.22 -23.70
CA PRO A 819 17.56 -46.83 -24.13
C PRO A 819 18.49 -45.87 -24.90
N SER A 820 17.95 -45.08 -25.83
CA SER A 820 18.84 -44.20 -26.59
C SER A 820 19.29 -43.02 -25.68
N TYR A 821 18.42 -42.62 -24.74
CA TYR A 821 18.80 -41.66 -23.69
C TYR A 821 19.96 -42.17 -22.84
N MET A 822 19.87 -43.41 -22.38
CA MET A 822 20.92 -43.97 -21.51
C MET A 822 22.22 -44.20 -22.27
N ASP A 823 22.09 -44.50 -23.57
CA ASP A 823 23.26 -44.65 -24.46
C ASP A 823 23.95 -43.32 -24.78
N ALA A 824 23.16 -42.25 -24.89
CA ALA A 824 23.73 -40.93 -25.02
C ALA A 824 24.41 -40.56 -23.69
N GLN A 825 23.85 -40.99 -22.56
CA GLN A 825 24.52 -40.70 -21.28
C GLN A 825 25.86 -41.43 -21.19
N ALA A 826 25.98 -42.63 -21.75
CA ALA A 826 27.26 -43.34 -21.73
C ALA A 826 28.31 -42.58 -22.56
N LYS A 827 27.90 -42.02 -23.69
CA LYS A 827 28.75 -41.17 -24.51
C LYS A 827 29.26 -39.96 -23.76
N VAL A 828 28.36 -39.28 -23.05
CA VAL A 828 28.70 -38.14 -22.22
C VAL A 828 29.80 -38.60 -21.21
N ASP A 829 29.65 -39.77 -20.61
CA ASP A 829 30.70 -40.26 -19.66
C ASP A 829 32.05 -40.43 -20.33
N GLU A 830 32.07 -40.99 -21.54
CA GLU A 830 33.33 -41.23 -22.24
C GLU A 830 33.99 -39.92 -22.66
N ALA A 831 33.17 -39.01 -23.14
CA ALA A 831 33.66 -37.74 -23.60
C ALA A 831 34.25 -36.95 -22.42
N TYR A 832 33.62 -37.02 -21.25
CA TYR A 832 34.09 -36.29 -20.06
C TYR A 832 35.45 -36.71 -19.53
N LYS A 833 35.79 -37.98 -19.76
CA LYS A 833 37.09 -38.54 -19.36
C LYS A 833 38.24 -37.98 -20.19
N ASP A 834 37.95 -37.62 -21.45
CA ASP A 834 38.91 -36.98 -22.33
C ASP A 834 38.77 -35.47 -22.15
N ARG A 835 39.56 -34.94 -21.22
CA ARG A 835 39.47 -33.54 -20.85
C ARG A 835 39.69 -32.57 -22.01
N LYS A 836 40.63 -32.87 -22.89
CA LYS A 836 40.96 -31.94 -23.96
C LYS A 836 39.80 -31.85 -24.88
N GLY A 837 39.24 -33.00 -25.20
CA GLY A 837 38.08 -33.12 -26.08
C GLY A 837 36.86 -32.43 -25.46
N TRP A 838 36.67 -32.63 -24.16
CA TRP A 838 35.57 -31.96 -23.48
C TRP A 838 35.72 -30.46 -23.58
N LEU A 839 36.89 -29.96 -23.21
CA LEU A 839 37.14 -28.50 -23.21
C LEU A 839 37.00 -27.93 -24.60
N LYS A 840 37.47 -28.68 -25.58
CA LYS A 840 37.27 -28.27 -26.96
C LYS A 840 35.81 -28.07 -27.28
N MET A 841 34.98 -29.03 -26.92
CA MET A 841 33.54 -28.96 -27.20
C MET A 841 32.89 -27.76 -26.53
N SER A 842 33.33 -27.48 -25.33
CA SER A 842 32.75 -26.39 -24.55
C SER A 842 33.03 -25.02 -25.15
N ILE A 843 34.23 -24.85 -25.69
CA ILE A 843 34.63 -23.62 -26.33
C ILE A 843 33.89 -23.49 -27.66
N LEU A 844 33.70 -24.58 -28.38
CA LEU A 844 33.03 -24.45 -29.67
C LEU A 844 31.55 -24.18 -29.37
N SER A 845 31.08 -24.57 -28.16
CA SER A 845 29.67 -24.32 -27.81
C SER A 845 29.44 -22.82 -27.71
N THR A 846 30.29 -22.17 -26.94
CA THR A 846 30.26 -20.70 -26.79
C THR A 846 30.51 -20.01 -28.10
N ALA A 847 31.47 -20.55 -28.85
CA ALA A 847 31.88 -19.91 -30.08
C ALA A 847 30.79 -19.89 -31.15
N GLY A 848 29.80 -20.79 -31.02
CA GLY A 848 28.68 -20.89 -31.95
C GLY A 848 27.38 -20.19 -31.52
N SER A 849 27.37 -19.54 -30.36
CA SER A 849 26.16 -19.01 -29.76
C SER A 849 25.75 -17.61 -30.31
N GLY A 850 26.57 -17.00 -31.14
CA GLY A 850 26.24 -15.77 -31.91
C GLY A 850 24.80 -15.53 -32.28
N LYS A 851 24.21 -16.47 -32.98
CA LYS A 851 22.85 -16.33 -33.46
C LYS A 851 21.79 -16.20 -32.36
N PHE A 852 22.13 -16.57 -31.12
CA PHE A 852 21.09 -16.66 -30.07
C PHE A 852 20.91 -15.44 -29.24
N SER A 853 21.50 -14.32 -29.71
CA SER A 853 21.35 -13.03 -29.08
C SER A 853 19.94 -12.46 -29.31
N SER A 854 19.33 -11.97 -28.24
CA SER A 854 18.08 -11.23 -28.33
C SER A 854 18.18 -9.99 -29.19
N ASP A 855 19.39 -9.40 -29.31
CA ASP A 855 19.64 -8.24 -30.22
C ASP A 855 19.33 -8.58 -31.70
N ARG A 856 19.66 -9.81 -32.09
CA ARG A 856 19.39 -10.29 -33.45
C ARG A 856 17.86 -10.40 -33.66
N THR A 857 17.20 -10.99 -32.67
CA THR A 857 15.79 -11.25 -32.71
C THR A 857 15.02 -9.94 -32.79
N ILE A 858 15.29 -9.03 -31.84
CA ILE A 858 14.61 -7.74 -31.85
C ILE A 858 14.87 -6.96 -33.15
N ALA A 859 16.08 -7.07 -33.73
CA ALA A 859 16.41 -6.33 -34.96
C ALA A 859 15.55 -6.82 -36.09
N GLN A 860 15.36 -8.12 -36.13
CA GLN A 860 14.51 -8.74 -37.12
C GLN A 860 13.07 -8.30 -36.96
N TYR A 861 12.57 -8.37 -35.75
CA TYR A 861 11.25 -7.87 -35.43
C TYR A 861 11.11 -6.41 -35.84
N ALA A 862 12.13 -5.59 -35.56
CA ALA A 862 12.05 -4.17 -35.82
C ALA A 862 11.92 -3.85 -37.31
N LYS A 863 12.62 -4.64 -38.13
CA LYS A 863 12.67 -4.41 -39.56
C LYS A 863 11.48 -4.98 -40.30
N GLU A 864 11.18 -6.27 -40.07
CA GLU A 864 10.18 -7.01 -40.86
C GLU A 864 8.76 -6.88 -40.37
N ILE A 865 8.58 -6.63 -39.07
CA ILE A 865 7.27 -6.61 -38.47
C ILE A 865 6.86 -5.21 -38.05
N TRP A 866 7.60 -4.61 -37.10
CA TRP A 866 7.20 -3.31 -36.55
C TRP A 866 7.45 -2.11 -37.46
N ASN A 867 8.47 -2.22 -38.28
CA ASN A 867 8.97 -1.10 -39.08
C ASN A 867 9.34 0.09 -38.24
N ILE A 868 10.13 -0.16 -37.20
CA ILE A 868 10.72 0.89 -36.34
C ILE A 868 12.26 0.94 -36.51
N GLU A 869 12.85 2.06 -36.15
CA GLU A 869 14.32 2.21 -36.22
C GLU A 869 14.96 2.92 -35.00
N ALA A 870 16.25 2.62 -34.77
CA ALA A 870 17.08 3.30 -33.76
C ALA A 870 16.69 4.79 -33.59
N CYS A 871 16.58 5.21 -32.32
CA CYS A 871 16.29 6.58 -31.97
C CYS A 871 17.15 6.93 -30.76
N PRO A 872 18.44 7.23 -31.04
CA PRO A 872 19.40 7.45 -29.98
C PRO A 872 19.22 8.79 -29.26
N VAL A 873 19.39 8.73 -27.96
CA VAL A 873 19.27 9.89 -27.09
C VAL A 873 20.60 10.59 -27.02
N PRO A 874 20.64 11.87 -27.38
CA PRO A 874 21.93 12.55 -27.42
C PRO A 874 22.46 12.83 -26.01
N LYS B 48 13.86 27.12 -14.66
CA LYS B 48 15.17 27.82 -14.64
C LYS B 48 16.01 27.26 -13.48
N ILE B 49 15.38 26.87 -12.38
CA ILE B 49 16.10 26.42 -11.15
C ILE B 49 16.53 24.94 -11.20
N SER B 50 17.76 24.66 -10.77
CA SER B 50 18.37 23.33 -10.84
C SER B 50 18.20 22.49 -9.58
N ALA B 51 17.89 21.22 -9.78
CA ALA B 51 17.91 20.27 -8.69
C ALA B 51 19.23 20.36 -7.96
N LYS B 52 19.21 20.44 -6.63
CA LYS B 52 20.43 20.37 -5.84
C LYS B 52 20.03 19.99 -4.44
N ALA B 53 20.30 18.75 -4.09
CA ALA B 53 20.00 18.29 -2.75
C ALA B 53 20.73 19.13 -1.71
N ASN B 54 19.98 19.60 -0.70
CA ASN B 54 20.56 20.26 0.47
C ASN B 54 19.64 19.95 1.64
N PRO B 55 19.84 18.80 2.30
CA PRO B 55 18.90 18.47 3.33
C PRO B 55 18.79 19.50 4.45
N GLU B 56 19.77 20.39 4.59
CA GLU B 56 19.73 21.40 5.67
C GLU B 56 19.52 22.82 5.11
N ALA B 57 18.88 22.93 3.95
CA ALA B 57 18.65 24.21 3.31
C ALA B 57 18.07 25.15 4.29
N ASP B 58 18.63 26.36 4.41
CA ASP B 58 17.91 27.37 5.16
C ASP B 58 17.85 28.76 4.54
N ASP B 59 18.13 28.90 3.25
CA ASP B 59 17.76 30.13 2.54
C ASP B 59 17.08 29.83 1.20
N ALA B 60 16.47 30.87 0.65
CA ALA B 60 15.59 30.74 -0.50
C ALA B 60 16.21 29.88 -1.60
N THR B 61 17.44 30.22 -1.96
CA THR B 61 18.11 29.59 -3.09
CA THR B 61 18.10 29.59 -3.08
C THR B 61 18.36 28.09 -2.83
N GLU B 62 18.86 27.78 -1.63
CA GLU B 62 19.14 26.41 -1.24
C GLU B 62 17.85 25.59 -1.20
N ILE B 63 16.83 26.17 -0.59
CA ILE B 63 15.52 25.55 -0.46
C ILE B 63 14.92 25.32 -1.85
N ALA B 64 14.93 26.30 -2.74
CA ALA B 64 14.40 26.07 -4.10
C ALA B 64 15.11 24.87 -4.79
N GLY B 65 16.45 24.83 -4.70
CA GLY B 65 17.25 23.73 -5.24
C GLY B 65 16.83 22.36 -4.68
N ASN B 66 16.58 22.31 -3.37
CA ASN B 66 16.24 21.07 -2.69
C ASN B 66 14.81 20.66 -3.02
N ILE B 67 13.92 21.63 -3.16
CA ILE B 67 12.59 21.32 -3.59
C ILE B 67 12.66 20.73 -5.00
N VAL B 68 13.42 21.34 -5.90
CA VAL B 68 13.53 20.82 -7.27
C VAL B 68 14.23 19.44 -7.30
N TYR B 69 15.14 19.20 -6.35
CA TYR B 69 15.81 17.92 -6.26
C TYR B 69 14.74 16.85 -6.01
N HIS B 70 13.87 17.10 -5.07
CA HIS B 70 12.83 16.12 -4.72
C HIS B 70 11.79 15.91 -5.82
N ALA B 71 11.40 16.98 -6.53
CA ALA B 71 10.52 16.88 -7.71
C ALA B 71 11.05 15.91 -8.72
N LYS B 72 12.37 15.88 -8.86
CA LYS B 72 13.03 15.05 -9.84
C LYS B 72 13.32 13.63 -9.33
N TYR B 73 13.95 13.53 -8.16
CA TYR B 73 14.52 12.29 -7.68
C TYR B 73 13.68 11.62 -6.59
N SER B 74 12.56 12.23 -6.22
CA SER B 74 11.53 11.54 -5.45
C SER B 74 10.21 11.70 -6.15
N PRO B 75 10.13 11.23 -7.40
CA PRO B 75 8.92 11.48 -8.12
C PRO B 75 7.77 10.52 -7.74
N HIS B 76 6.55 11.01 -7.89
CA HIS B 76 5.32 10.28 -7.75
C HIS B 76 4.40 10.60 -8.87
N PHE B 77 4.94 11.27 -9.89
CA PHE B 77 4.15 11.68 -11.05
C PHE B 77 5.00 11.70 -12.30
N SER B 78 4.36 11.80 -13.48
CA SER B 78 5.09 12.01 -14.74
C SER B 78 5.92 13.26 -14.61
N PRO B 79 7.12 13.30 -15.20
CA PRO B 79 8.02 14.42 -14.93
C PRO B 79 7.67 15.76 -15.54
N LEU B 80 6.88 15.77 -16.63
CA LEU B 80 6.72 16.98 -17.46
C LEU B 80 6.11 18.12 -16.66
N LYS B 81 4.95 17.87 -16.06
CA LYS B 81 4.25 18.92 -15.32
C LYS B 81 4.76 19.06 -13.86
N PHE B 82 5.00 20.32 -13.49
CA PHE B 82 5.30 20.70 -12.10
C PHE B 82 4.22 21.71 -11.63
N GLY B 83 3.00 21.18 -11.42
CA GLY B 83 1.85 21.94 -10.95
C GLY B 83 1.74 21.98 -9.43
N PRO B 84 0.65 22.51 -8.91
CA PRO B 84 0.62 22.77 -7.48
C PRO B 84 0.80 21.53 -6.64
N GLU B 85 0.12 20.47 -7.01
CA GLU B 85 0.17 19.26 -6.24
C GLU B 85 1.60 18.74 -6.11
N GLN B 86 2.31 18.69 -7.23
CA GLN B 86 3.67 18.20 -7.23
C GLN B 86 4.54 19.13 -6.38
N ALA B 87 4.27 20.44 -6.46
CA ALA B 87 4.99 21.42 -5.63
C ALA B 87 4.87 21.15 -4.11
N LEU B 88 3.68 20.78 -3.67
CA LEU B 88 3.42 20.47 -2.28
C LEU B 88 4.24 19.29 -1.80
N TYR B 89 4.16 18.18 -2.52
CA TYR B 89 4.87 16.97 -2.13
C TYR B 89 6.37 17.25 -2.15
N ALA B 90 6.82 17.96 -3.19
CA ALA B 90 8.20 18.40 -3.26
C ALA B 90 8.62 19.30 -2.02
N THR B 91 7.77 20.23 -1.61
CA THR B 91 8.09 21.13 -0.52
C THR B 91 8.06 20.36 0.81
N ALA B 92 7.10 19.47 0.94
CA ALA B 92 6.92 18.70 2.15
C ALA B 92 8.11 17.82 2.34
N GLU B 93 8.59 17.21 1.25
CA GLU B 93 9.81 16.39 1.36
C GLU B 93 11.04 17.24 1.71
N SER B 94 11.14 18.44 1.18
CA SER B 94 12.21 19.32 1.62
C SER B 94 12.13 19.51 3.12
N LEU B 95 10.96 19.79 3.68
CA LEU B 95 10.91 20.03 5.09
C LEU B 95 11.23 18.76 5.90
N ARG B 96 10.71 17.63 5.44
CA ARG B 96 10.96 16.34 6.07
C ARG B 96 12.43 15.93 6.19
N ASP B 97 13.24 16.35 5.24
CA ASP B 97 14.71 16.26 5.42
C ASP B 97 15.17 16.90 6.76
N ARG B 98 14.74 18.12 7.03
CA ARG B 98 15.04 18.79 8.31
C ARG B 98 14.50 18.01 9.47
N LEU B 99 13.22 17.62 9.35
CA LEU B 99 12.53 16.90 10.40
C LEU B 99 13.19 15.60 10.76
N ILE B 100 13.73 14.87 9.77
CA ILE B 100 14.44 13.60 10.06
C ILE B 100 15.71 13.81 10.86
N GLN B 101 16.53 14.76 10.45
CA GLN B 101 17.79 15.11 11.18
C GLN B 101 17.48 15.35 12.68
N LEU B 102 16.49 16.21 12.94
CA LEU B 102 16.09 16.58 14.30
C LEU B 102 15.43 15.41 15.09
N TRP B 103 14.60 14.64 14.42
CA TRP B 103 14.03 13.44 15.04
C TRP B 103 15.12 12.48 15.41
N ASN B 104 16.05 12.18 14.49
CA ASN B 104 17.18 11.28 14.81
C ASN B 104 18.06 11.83 15.93
N GLU B 105 18.35 13.12 15.93
CA GLU B 105 19.10 13.69 17.08
C GLU B 105 18.36 13.46 18.39
N THR B 106 17.06 13.70 18.39
CA THR B 106 16.24 13.56 19.60
C THR B 106 16.16 12.12 20.07
N TYR B 107 16.01 11.19 19.16
CA TYR B 107 16.07 9.79 19.53
C TYR B 107 17.40 9.42 20.19
N VAL B 108 18.52 9.85 19.59
CA VAL B 108 19.84 9.50 20.12
C VAL B 108 20.02 10.12 21.51
N HIS B 109 19.51 11.33 21.70
CA HIS B 109 19.74 12.00 22.96
C HIS B 109 18.99 11.31 24.04
N PHE B 110 17.70 11.02 23.81
CA PHE B 110 16.91 10.33 24.81
C PHE B 110 17.48 8.96 25.09
N ASN B 111 17.97 8.30 24.06
CA ASN B 111 18.62 7.03 24.30
C ASN B 111 19.78 7.15 25.29
N LYS B 112 20.70 8.11 25.08
CA LYS B 112 21.89 8.28 25.94
C LYS B 112 21.53 8.66 27.40
N VAL B 113 20.58 9.59 27.58
CA VAL B 113 20.22 10.09 28.90
C VAL B 113 19.28 9.15 29.67
N ASP B 114 18.44 8.39 28.97
CA ASP B 114 17.60 7.36 29.59
C ASP B 114 16.67 7.98 30.64
N PRO B 115 16.01 9.08 30.29
CA PRO B 115 15.11 9.76 31.23
C PRO B 115 13.79 8.99 31.41
N LYS B 116 12.99 9.39 32.39
CA LYS B 116 11.64 8.87 32.48
C LYS B 116 10.89 9.40 31.24
N GLN B 117 10.20 8.51 30.51
CA GLN B 117 9.50 8.88 29.26
C GLN B 117 7.99 8.63 29.33
N THR B 118 7.22 9.59 28.85
CA THR B 118 5.78 9.53 28.91
C THR B 118 5.32 9.12 27.56
N TYR B 119 4.28 8.27 27.55
CA TYR B 119 3.68 7.82 26.35
C TYR B 119 2.23 8.02 26.50
N TYR B 120 1.62 8.75 25.56
CA TYR B 120 0.21 9.09 25.60
C TYR B 120 -0.61 8.20 24.64
N LEU B 121 -1.62 7.49 25.14
CA LEU B 121 -2.44 6.58 24.31
C LEU B 121 -3.80 7.25 24.03
N SER B 122 -4.12 7.47 22.75
CA SER B 122 -5.35 8.09 22.34
C SER B 122 -5.87 7.40 21.12
N MET B 123 -7.19 7.24 21.02
CA MET B 123 -7.78 6.69 19.79
C MET B 123 -7.93 7.72 18.71
N GLU B 124 -7.58 8.96 19.01
CA GLU B 124 -7.65 10.00 17.99
C GLU B 124 -6.61 11.08 18.19
N TYR B 125 -6.24 11.67 17.05
CA TYR B 125 -5.31 12.78 16.92
C TYR B 125 -5.85 13.63 15.78
N LEU B 126 -6.08 14.92 15.96
CA LEU B 126 -6.46 15.79 14.80
C LEU B 126 -5.22 16.60 14.41
N GLN B 127 -4.35 15.98 13.66
CA GLN B 127 -3.12 16.61 13.23
C GLN B 127 -3.33 17.75 12.24
N GLY B 128 -4.41 17.73 11.49
CA GLY B 128 -4.68 18.80 10.49
C GLY B 128 -3.62 18.77 9.43
N ARG B 129 -3.48 19.86 8.69
CA ARG B 129 -2.33 20.04 7.78
C ARG B 129 -1.05 20.27 8.55
N ALA B 130 0.07 19.77 8.01
CA ALA B 130 1.37 19.93 8.69
C ALA B 130 2.30 21.01 8.12
N LEU B 131 2.09 21.46 6.88
CA LEU B 131 3.03 22.28 6.15
C LEU B 131 3.46 23.56 6.83
N THR B 132 2.48 24.43 7.10
CA THR B 132 2.65 25.67 7.81
C THR B 132 3.19 25.51 9.22
N ASN B 133 2.66 24.55 9.97
CA ASN B 133 3.23 24.26 11.31
C ASN B 133 4.73 23.88 11.28
N ALA B 134 5.18 23.24 10.20
CA ALA B 134 6.56 22.75 10.11
C ALA B 134 7.48 23.90 9.71
N ILE B 135 7.04 24.65 8.71
CA ILE B 135 7.75 25.81 8.28
C ILE B 135 7.91 26.72 9.48
N GLY B 136 6.82 26.88 10.20
CA GLY B 136 6.79 27.79 11.33
C GLY B 136 7.61 27.38 12.52
N ASN B 137 7.58 26.13 12.92
CA ASN B 137 8.41 25.72 14.06
C ASN B 137 9.92 25.72 13.73
N LEU B 138 10.25 25.60 12.46
CA LEU B 138 11.62 25.67 12.02
C LEU B 138 12.01 27.11 11.76
N ASN B 139 11.08 28.01 11.96
CA ASN B 139 11.28 29.41 11.70
C ASN B 139 11.81 29.75 10.31
N LEU B 140 11.26 29.11 9.29
CA LEU B 140 11.68 29.37 7.92
C LEU B 140 10.60 29.95 7.04
N GLN B 141 9.70 30.77 7.58
CA GLN B 141 8.56 31.34 6.80
C GLN B 141 9.04 32.13 5.63
N GLY B 142 9.92 33.12 5.89
CA GLY B 142 10.43 33.99 4.84
C GLY B 142 11.16 33.22 3.75
N PRO B 143 12.14 32.39 4.14
CA PRO B 143 12.85 31.62 3.14
C PRO B 143 11.98 30.67 2.28
N TYR B 144 11.16 29.82 2.87
CA TYR B 144 10.29 28.97 2.04
C TYR B 144 9.37 29.78 1.11
N ALA B 145 8.75 30.83 1.61
CA ALA B 145 7.85 31.66 0.80
C ALA B 145 8.58 32.25 -0.38
N ASP B 146 9.84 32.69 -0.16
CA ASP B 146 10.68 33.19 -1.24
C ASP B 146 11.02 32.12 -2.24
N ALA B 147 11.54 31.00 -1.72
CA ALA B 147 11.84 29.81 -2.53
C ALA B 147 10.68 29.48 -3.46
N LEU B 148 9.45 29.36 -2.93
CA LEU B 148 8.31 28.97 -3.79
C LEU B 148 8.02 30.03 -4.86
N ARG B 149 8.26 31.30 -4.54
CA ARG B 149 8.04 32.35 -5.51
C ARG B 149 9.05 32.27 -6.62
N THR B 150 10.32 31.98 -6.31
CA THR B 150 11.29 31.78 -7.40
C THR B 150 10.81 30.60 -8.29
N LEU B 151 10.18 29.58 -7.70
CA LEU B 151 9.57 28.49 -8.51
C LEU B 151 8.19 28.83 -9.11
N GLY B 152 7.72 30.06 -8.97
CA GLY B 152 6.42 30.47 -9.54
C GLY B 152 5.17 30.11 -8.76
N TYR B 153 5.27 30.02 -7.43
CA TYR B 153 4.12 29.77 -6.57
C TYR B 153 4.08 30.58 -5.28
N GLU B 154 2.87 30.95 -4.87
CA GLU B 154 2.60 31.45 -3.53
C GLU B 154 2.41 30.30 -2.56
N LEU B 155 3.02 30.39 -1.40
CA LEU B 155 2.94 29.35 -0.39
C LEU B 155 1.49 28.93 -0.09
N GLU B 156 0.59 29.91 0.06
CA GLU B 156 -0.86 29.67 0.30
C GLU B 156 -1.44 28.71 -0.74
N GLU B 157 -1.11 28.97 -2.00
CA GLU B 157 -1.57 28.16 -3.11
C GLU B 157 -1.20 26.70 -2.86
N ILE B 158 0.04 26.47 -2.46
CA ILE B 158 0.55 25.13 -2.23
C ILE B 158 -0.03 24.51 -0.98
N ALA B 159 -0.24 25.36 0.04
CA ALA B 159 -0.71 24.86 1.33
C ALA B 159 -2.13 24.36 1.16
N GLU B 160 -2.88 25.00 0.24
CA GLU B 160 -4.27 24.61 -0.04
C GLU B 160 -4.42 23.27 -0.74
N GLN B 161 -3.31 22.68 -1.15
CA GLN B 161 -3.34 21.37 -1.79
C GLN B 161 -3.26 20.29 -0.79
N GLU B 162 -2.71 20.54 0.41
CA GLU B 162 -2.50 19.49 1.41
C GLU B 162 -3.78 18.94 2.02
N LYS B 163 -3.85 17.62 2.23
CA LYS B 163 -5.02 17.05 2.88
C LYS B 163 -4.81 16.91 4.38
N ASP B 164 -5.89 17.02 5.14
CA ASP B 164 -5.81 16.84 6.56
C ASP B 164 -5.61 15.37 6.82
N ALA B 165 -4.69 15.10 7.74
CA ALA B 165 -4.47 13.77 8.20
C ALA B 165 -5.73 13.33 8.94
N ALA B 166 -6.56 12.50 8.32
CA ALA B 166 -7.81 12.06 8.98
C ALA B 166 -7.56 10.97 10.04
N LEU B 167 -6.95 11.35 11.13
CA LEU B 167 -6.55 10.43 12.18
C LEU B 167 -7.39 10.58 13.42
N GLY B 168 -8.45 11.38 13.37
CA GLY B 168 -9.28 11.61 14.58
C GLY B 168 -10.59 12.29 14.25
N ASN B 169 -11.32 12.76 15.25
CA ASN B 169 -12.63 13.34 15.00
C ASN B 169 -12.91 14.62 15.76
N GLY B 170 -12.81 14.51 17.08
CA GLY B 170 -13.28 15.59 17.96
C GLY B 170 -12.21 16.25 18.79
N GLY B 171 -12.69 16.91 19.84
CA GLY B 171 -11.81 17.62 20.76
C GLY B 171 -10.90 16.68 21.50
N LEU B 172 -11.29 15.43 21.66
CA LEU B 172 -10.40 14.49 22.31
C LEU B 172 -9.09 14.41 21.52
N GLY B 173 -9.22 14.45 20.20
CA GLY B 173 -8.09 14.26 19.31
C GLY B 173 -7.28 15.51 19.14
N ARG B 174 -7.94 16.66 19.08
CA ARG B 174 -7.22 17.89 18.97
C ARG B 174 -6.49 18.23 20.28
N LEU B 175 -7.04 17.74 21.38
CA LEU B 175 -6.36 17.94 22.64
C LEU B 175 -5.03 17.18 22.55
N ALA B 176 -5.13 15.93 22.13
CA ALA B 176 -3.97 15.04 22.05
C ALA B 176 -2.89 15.64 21.17
N SER B 177 -3.32 16.28 20.06
CA SER B 177 -2.39 16.91 19.10
C SER B 177 -1.70 18.17 19.65
N CYS B 178 -2.50 19.11 20.18
CA CYS B 178 -1.97 20.29 20.86
C CYS B 178 -0.98 19.82 21.95
N PHE B 179 -1.31 18.75 22.65
CA PHE B 179 -0.40 18.21 23.66
C PHE B 179 0.94 17.79 23.07
N LEU B 180 0.91 17.15 21.92
CA LEU B 180 2.14 16.77 21.24
C LEU B 180 3.03 17.96 20.95
N ASP B 181 2.42 19.06 20.53
CA ASP B 181 3.13 20.29 20.18
C ASP B 181 3.78 20.89 21.41
N SER B 182 3.08 20.80 22.53
CA SER B 182 3.60 21.31 23.80
C SER B 182 4.68 20.44 24.43
N MET B 183 4.54 19.11 24.32
CA MET B 183 5.59 18.19 24.76
C MET B 183 6.93 18.50 24.07
N ALA B 184 6.86 18.78 22.77
CA ALA B 184 7.97 19.04 21.92
C ALA B 184 8.64 20.36 22.30
N THR B 185 7.83 21.41 22.45
CA THR B 185 8.28 22.77 22.75
C THR B 185 8.78 22.96 24.21
N LEU B 186 8.21 22.21 25.15
CA LEU B 186 8.77 22.14 26.52
C LEU B 186 9.93 21.15 26.66
N ASN B 187 10.38 20.55 25.57
CA ASN B 187 11.52 19.61 25.60
C ASN B 187 11.32 18.40 26.50
N LEU B 188 10.07 17.99 26.69
CA LEU B 188 9.76 16.84 27.52
C LEU B 188 9.93 15.55 26.74
N PRO B 189 10.45 14.50 27.40
CA PRO B 189 10.53 13.17 26.82
C PRO B 189 9.19 12.45 26.90
N ALA B 190 8.41 12.67 25.84
CA ALA B 190 7.09 12.17 25.72
C ALA B 190 6.77 11.95 24.25
N TRP B 191 5.91 10.95 24.01
CA TRP B 191 5.46 10.53 22.67
C TRP B 191 3.96 10.24 22.71
N GLY B 192 3.30 10.42 21.55
CA GLY B 192 1.96 9.92 21.29
C GLY B 192 2.02 8.60 20.51
N TYR B 193 1.03 7.71 20.72
CA TYR B 193 0.88 6.43 19.98
C TYR B 193 -0.57 6.41 19.56
N GLY B 194 -0.83 6.18 18.28
CA GLY B 194 -2.18 6.04 17.79
C GLY B 194 -2.31 5.01 16.71
N LEU B 195 -3.45 5.02 16.04
CA LEU B 195 -3.74 4.15 14.91
C LEU B 195 -3.74 4.93 13.62
N ARG B 196 -3.21 4.33 12.58
CA ARG B 196 -3.14 4.96 11.28
C ARG B 196 -4.43 4.70 10.47
N TYR B 197 -5.47 5.45 10.77
CA TYR B 197 -6.73 5.20 10.11
C TYR B 197 -6.60 5.57 8.63
N ARG B 198 -7.10 4.73 7.71
CA ARG B 198 -7.04 5.05 6.27
CA ARG B 198 -7.05 5.06 6.27
C ARG B 198 -8.08 6.09 5.90
N HIS B 199 -9.28 5.92 6.41
CA HIS B 199 -10.46 6.67 5.98
C HIS B 199 -11.11 7.60 6.98
N GLY B 200 -10.48 7.77 8.14
CA GLY B 200 -10.97 8.72 9.13
C GLY B 200 -12.33 8.30 9.65
N LEU B 201 -13.18 9.28 9.98
CA LEU B 201 -14.55 9.01 10.37
C LEU B 201 -15.39 9.02 9.10
N PHE B 202 -15.57 10.20 8.50
CA PHE B 202 -15.99 10.34 7.13
C PHE B 202 -15.77 11.76 6.66
N LYS B 203 -15.77 11.96 5.33
CA LYS B 203 -15.82 13.29 4.75
C LYS B 203 -17.30 13.58 4.61
N GLN B 204 -17.70 14.75 5.09
CA GLN B 204 -19.06 15.24 4.95
C GLN B 204 -19.28 15.98 3.65
N ILE B 205 -20.25 15.51 2.88
CA ILE B 205 -20.82 16.30 1.75
C ILE B 205 -22.25 16.69 2.09
N ILE B 206 -22.72 17.78 1.49
CA ILE B 206 -24.10 18.25 1.68
C ILE B 206 -24.83 18.19 0.36
N THR B 207 -25.85 17.32 0.31
CA THR B 207 -26.65 17.05 -0.86
C THR B 207 -28.04 17.56 -0.52
N LYS B 208 -28.97 17.47 -1.48
CA LYS B 208 -30.37 17.87 -1.20
C LYS B 208 -30.97 17.01 -0.09
N LYS B 209 -30.35 15.87 0.20
CA LYS B 209 -30.79 14.96 1.27
C LYS B 209 -30.25 15.37 2.65
N GLY B 210 -29.37 16.39 2.70
CA GLY B 210 -28.67 16.72 3.91
C GLY B 210 -27.25 16.19 3.90
N GLN B 211 -26.75 15.80 5.06
CA GLN B 211 -25.46 15.16 5.19
C GLN B 211 -25.44 13.80 4.52
N GLU B 212 -24.41 13.57 3.71
CA GLU B 212 -24.02 12.25 3.27
C GLU B 212 -22.56 12.07 3.65
N GLU B 213 -22.22 10.82 3.96
CA GLU B 213 -20.94 10.46 4.44
C GLU B 213 -20.18 9.71 3.35
N ILE B 214 -18.98 10.20 2.99
CA ILE B 214 -18.11 9.45 2.09
C ILE B 214 -16.72 9.27 2.71
N PRO B 215 -16.05 8.14 2.42
CA PRO B 215 -14.77 7.85 3.05
C PRO B 215 -13.71 8.90 2.80
N GLU B 216 -12.79 9.10 3.72
CA GLU B 216 -11.69 10.04 3.44
C GLU B 216 -10.64 9.38 2.51
N ASP B 217 -9.93 10.20 1.75
CA ASP B 217 -8.94 9.73 0.76
C ASP B 217 -7.48 10.24 1.00
N TRP B 218 -7.17 10.75 2.19
CA TRP B 218 -5.85 11.35 2.41
C TRP B 218 -4.67 10.40 2.22
N LEU B 219 -4.90 9.08 2.20
CA LEU B 219 -3.81 8.13 1.86
C LEU B 219 -3.95 7.51 0.49
N GLU B 220 -4.85 7.97 -0.36
CA GLU B 220 -5.02 7.22 -1.59
C GLU B 220 -3.87 7.42 -2.57
N LYS B 221 -3.17 8.55 -2.48
CA LYS B 221 -1.89 8.70 -3.15
C LYS B 221 -0.82 8.38 -2.13
N PHE B 222 -0.38 9.32 -1.31
CA PHE B 222 0.58 9.01 -0.22
C PHE B 222 0.72 10.22 0.70
N SER B 223 1.27 9.99 1.88
CA SER B 223 1.52 11.06 2.81
C SER B 223 3.03 11.29 2.94
N PRO B 224 3.52 12.50 2.61
CA PRO B 224 4.94 12.80 2.65
C PRO B 224 5.51 13.04 4.03
N TRP B 225 4.67 13.14 5.07
CA TRP B 225 5.17 13.30 6.44
C TRP B 225 5.68 12.06 7.08
N GLU B 226 5.08 10.92 6.82
CA GLU B 226 5.30 9.76 7.72
C GLU B 226 6.56 8.98 7.35
N ILE B 227 7.13 8.27 8.32
CA ILE B 227 8.30 7.45 8.06
C ILE B 227 7.98 6.03 8.44
N VAL B 228 7.88 5.14 7.46
CA VAL B 228 7.65 3.76 7.79
C VAL B 228 8.91 3.21 8.48
N ARG B 229 8.68 2.31 9.42
CA ARG B 229 9.79 1.57 10.10
C ARG B 229 9.56 0.06 10.03
N HIS B 230 10.07 -0.57 8.98
CA HIS B 230 9.79 -2.02 8.71
C HIS B 230 10.43 -2.96 9.67
N ASP B 231 11.31 -2.47 10.51
CA ASP B 231 11.93 -3.31 11.55
C ASP B 231 11.09 -3.20 12.81
N VAL B 232 10.19 -2.22 12.87
CA VAL B 232 9.35 -2.06 14.02
C VAL B 232 8.01 -2.75 13.77
N VAL B 233 8.02 -4.10 13.84
CA VAL B 233 6.81 -4.90 13.74
C VAL B 233 6.62 -5.76 15.01
N PHE B 234 5.40 -5.78 15.55
CA PHE B 234 5.05 -6.55 16.72
C PHE B 234 3.77 -7.32 16.46
N PRO B 235 3.70 -8.54 16.99
CA PRO B 235 2.52 -9.37 16.75
C PRO B 235 1.45 -9.12 17.79
N VAL B 236 0.22 -9.11 17.32
CA VAL B 236 -0.92 -8.92 18.19
C VAL B 236 -1.97 -9.98 17.90
N ARG B 237 -2.49 -10.60 18.96
CA ARG B 237 -3.35 -11.74 18.86
C ARG B 237 -4.79 -11.38 19.17
N PHE B 238 -5.70 -12.22 18.72
CA PHE B 238 -7.12 -12.07 19.05
C PHE B 238 -7.68 -13.45 19.14
N PHE B 239 -8.77 -13.57 19.85
CA PHE B 239 -9.40 -14.84 20.12
C PHE B 239 -8.43 -15.84 20.80
N GLY B 240 -8.55 -17.14 20.51
CA GLY B 240 -7.62 -18.12 20.96
C GLY B 240 -7.96 -18.55 22.35
N LYS B 241 -6.94 -18.93 23.13
CA LYS B 241 -7.19 -19.45 24.49
C LYS B 241 -5.92 -19.57 25.31
N VAL B 242 -6.11 -19.94 26.56
CA VAL B 242 -5.04 -19.87 27.55
C VAL B 242 -4.56 -21.26 27.77
N GLN B 243 -3.29 -21.47 27.46
CA GLN B 243 -2.60 -22.69 27.82
C GLN B 243 -2.11 -22.55 29.25
N VAL B 244 -2.45 -23.50 30.10
CA VAL B 244 -1.91 -23.56 31.44
C VAL B 244 -0.75 -24.55 31.47
N ASN B 245 0.45 -24.05 31.78
CA ASN B 245 1.63 -24.90 31.93
C ASN B 245 1.73 -25.59 33.30
N PRO B 246 2.36 -26.78 33.33
CA PRO B 246 2.46 -27.62 34.54
C PRO B 246 3.09 -26.90 35.73
N ASP B 247 4.02 -25.99 35.45
CA ASP B 247 4.61 -25.13 36.48
C ASP B 247 3.68 -23.97 36.91
N GLY B 248 2.50 -23.87 36.29
CA GLY B 248 1.49 -22.89 36.69
C GLY B 248 1.66 -21.56 36.01
N SER B 249 2.64 -21.45 35.13
CA SER B 249 2.72 -20.30 34.23
C SER B 249 1.62 -20.42 33.18
N ARG B 250 1.26 -19.29 32.59
CA ARG B 250 0.16 -19.26 31.68
C ARG B 250 0.55 -18.57 30.39
N LYS B 251 -0.12 -18.93 29.31
CA LYS B 251 0.24 -18.43 27.98
C LYS B 251 -0.95 -18.40 27.04
N TRP B 252 -1.15 -17.22 26.46
CA TRP B 252 -2.18 -16.97 25.47
C TRP B 252 -1.75 -17.56 24.20
N VAL B 253 -2.54 -18.50 23.65
CA VAL B 253 -2.15 -19.14 22.36
C VAL B 253 -3.29 -19.13 21.32
N ASP B 254 -2.96 -19.49 20.09
CA ASP B 254 -3.96 -19.77 19.03
C ASP B 254 -4.66 -18.50 18.59
N GLY B 255 -5.80 -18.63 17.92
CA GLY B 255 -6.57 -17.48 17.43
C GLY B 255 -5.96 -16.90 16.19
N ASP B 256 -6.17 -15.60 15.98
CA ASP B 256 -5.58 -14.85 14.89
C ASP B 256 -4.41 -14.00 15.34
N VAL B 257 -3.39 -13.93 14.50
CA VAL B 257 -2.27 -13.08 14.76
C VAL B 257 -2.13 -12.06 13.62
N VAL B 258 -2.11 -10.78 13.96
CA VAL B 258 -1.88 -9.73 12.98
C VAL B 258 -0.56 -9.03 13.33
N GLN B 259 0.06 -8.41 12.33
CA GLN B 259 1.33 -7.68 12.51
C GLN B 259 1.01 -6.20 12.68
N ALA B 260 1.59 -5.56 13.69
CA ALA B 260 1.49 -4.12 13.85
C ALA B 260 2.80 -3.48 13.33
N LEU B 261 2.68 -2.56 12.38
CA LEU B 261 3.80 -1.91 11.71
C LEU B 261 3.82 -0.44 12.12
N ALA B 262 4.96 0.04 12.62
CA ALA B 262 5.08 1.41 13.08
C ALA B 262 5.32 2.37 11.94
N TYR B 263 4.59 3.49 11.90
CA TYR B 263 4.97 4.67 11.11
C TYR B 263 5.16 5.87 12.02
N ASP B 264 6.29 6.58 11.92
CA ASP B 264 6.48 7.85 12.66
C ASP B 264 6.09 9.10 11.91
N VAL B 265 5.35 9.99 12.62
CA VAL B 265 5.09 11.36 12.23
C VAL B 265 5.86 12.30 13.20
N PRO B 266 6.95 12.92 12.72
CA PRO B 266 7.70 13.78 13.60
C PRO B 266 6.92 15.04 13.99
N ILE B 267 7.09 15.43 15.24
CA ILE B 267 6.46 16.63 15.75
C ILE B 267 7.59 17.54 16.23
N PRO B 268 7.78 18.64 15.52
CA PRO B 268 8.73 19.68 15.87
C PRO B 268 8.23 20.60 16.96
N GLY B 269 9.11 20.97 17.89
CA GLY B 269 8.83 22.02 18.89
C GLY B 269 9.20 23.41 18.43
N TYR B 270 8.61 24.42 19.04
CA TYR B 270 8.92 25.83 18.73
C TYR B 270 10.23 26.29 19.36
N GLY B 271 11.13 26.84 18.55
CA GLY B 271 12.41 27.32 19.03
C GLY B 271 13.21 26.28 19.83
N THR B 272 13.23 25.03 19.34
CA THR B 272 14.00 23.98 19.98
C THR B 272 14.35 22.92 18.93
N LYS B 273 15.45 22.22 19.14
CA LYS B 273 15.80 21.07 18.31
C LYS B 273 14.86 19.88 18.58
N ASN B 274 14.27 19.83 19.76
CA ASN B 274 13.51 18.66 20.14
C ASN B 274 12.38 18.37 19.18
N THR B 275 12.44 17.18 18.62
CA THR B 275 11.43 16.73 17.74
C THR B 275 11.00 15.32 18.16
N ILE B 276 9.74 15.18 18.61
CA ILE B 276 9.23 13.91 19.09
C ILE B 276 8.36 13.23 18.05
N SER B 277 7.71 12.16 18.46
CA SER B 277 6.94 11.31 17.56
C SER B 277 5.51 11.13 18.00
N LEU B 278 4.65 11.17 17.00
CA LEU B 278 3.34 10.51 17.00
C LEU B 278 3.54 9.20 16.25
N ARG B 279 3.71 8.10 16.95
CA ARG B 279 3.92 6.81 16.30
C ARG B 279 2.58 6.07 16.08
N LEU B 280 2.26 5.84 14.81
CA LEU B 280 1.01 5.23 14.38
C LEU B 280 1.22 3.74 13.95
N TRP B 281 0.21 2.92 14.25
CA TRP B 281 0.23 1.51 13.98
C TRP B 281 -0.70 1.16 12.84
N GLU B 282 -0.19 0.40 11.88
CA GLU B 282 -0.96 -0.18 10.80
C GLU B 282 -1.04 -1.66 11.02
N ALA B 283 -2.26 -2.19 10.99
CA ALA B 283 -2.46 -3.63 11.08
C ALA B 283 -2.31 -4.27 9.70
N LYS B 284 -1.45 -5.27 9.62
CA LYS B 284 -1.15 -6.00 8.37
C LYS B 284 -1.21 -7.50 8.64
N ALA B 285 -1.60 -8.27 7.62
CA ALA B 285 -1.37 -9.72 7.64
C ALA B 285 -0.06 -10.03 6.89
N ARG B 286 0.61 -11.14 7.15
CA ARG B 286 1.79 -11.54 6.38
C ARG B 286 1.39 -12.14 5.04
N ALA B 287 2.28 -12.15 4.07
CA ALA B 287 2.00 -12.78 2.78
C ALA B 287 1.60 -14.24 2.97
N GLU B 288 2.31 -14.92 3.86
CA GLU B 288 2.05 -16.33 4.19
C GLU B 288 0.56 -16.54 4.54
N ASP B 289 -0.11 -15.52 5.03
CA ASP B 289 -1.47 -15.69 5.45
C ASP B 289 -2.50 -15.75 4.32
N LEU B 290 -2.11 -15.49 3.07
CA LEU B 290 -3.05 -15.72 1.95
C LEU B 290 -2.98 -17.21 1.62
N ASP B 291 -4.13 -17.88 1.54
CA ASP B 291 -4.21 -19.34 1.24
C ASP B 291 -4.30 -19.53 -0.31
N LEU B 292 -3.18 -19.85 -0.95
CA LEU B 292 -3.21 -20.05 -2.39
C LEU B 292 -4.18 -21.13 -2.81
N PHE B 293 -4.30 -22.21 -2.05
CA PHE B 293 -5.11 -23.31 -2.50
C PHE B 293 -6.51 -22.79 -2.69
N GLN B 294 -6.99 -22.02 -1.72
CA GLN B 294 -8.33 -21.49 -1.80
C GLN B 294 -8.51 -20.42 -2.83
N PHE B 295 -7.50 -19.56 -3.01
CA PHE B 295 -7.52 -18.56 -4.05
C PHE B 295 -7.65 -19.20 -5.42
N ASN B 296 -6.86 -20.27 -5.64
CA ASN B 296 -6.90 -20.98 -6.88
C ASN B 296 -8.16 -21.85 -7.08
N GLU B 297 -8.89 -22.16 -6.01
CA GLU B 297 -10.23 -22.79 -6.11
C GLU B 297 -11.37 -21.78 -6.40
N GLY B 298 -11.05 -20.50 -6.45
CA GLY B 298 -12.04 -19.46 -6.71
C GLY B 298 -12.72 -18.94 -5.47
N GLU B 299 -12.21 -19.28 -4.28
CA GLU B 299 -12.82 -18.89 -3.00
C GLU B 299 -12.04 -17.69 -2.44
N TYR B 300 -12.26 -16.53 -3.06
CA TYR B 300 -11.40 -15.36 -2.81
C TYR B 300 -11.46 -14.77 -1.41
N GLU B 301 -12.67 -14.76 -0.81
CA GLU B 301 -12.87 -14.12 0.47
C GLU B 301 -12.24 -14.98 1.55
N LEU B 302 -12.39 -16.29 1.46
CA LEU B 302 -11.82 -17.16 2.47
C LEU B 302 -10.33 -17.05 2.35
N ALA B 303 -9.85 -17.03 1.11
CA ALA B 303 -8.43 -17.03 0.86
C ALA B 303 -7.80 -15.88 1.56
N ALA B 304 -8.46 -14.73 1.52
CA ALA B 304 -7.86 -13.48 1.98
C ALA B 304 -8.44 -12.98 3.34
N GLN B 305 -9.06 -13.88 4.08
CA GLN B 305 -9.80 -13.47 5.27
C GLN B 305 -8.92 -12.88 6.35
N LEU B 306 -7.68 -13.34 6.48
CA LEU B 306 -6.78 -12.71 7.44
C LEU B 306 -6.40 -11.29 6.99
N HIS B 307 -6.15 -11.09 5.70
CA HIS B 307 -5.84 -9.76 5.22
CA HIS B 307 -5.88 -9.75 5.18
C HIS B 307 -7.02 -8.85 5.47
N SER B 308 -8.23 -9.34 5.24
CA SER B 308 -9.44 -8.54 5.46
C SER B 308 -9.66 -8.11 6.93
N ARG B 309 -9.54 -9.04 7.84
CA ARG B 309 -9.59 -8.69 9.26
C ARG B 309 -8.56 -7.61 9.66
N ALA B 310 -7.31 -7.66 9.15
CA ALA B 310 -6.32 -6.62 9.37
C ALA B 310 -6.77 -5.29 8.74
N GLN B 311 -7.19 -5.28 7.47
CA GLN B 311 -7.65 -4.01 6.89
C GLN B 311 -8.81 -3.42 7.69
N GLN B 312 -9.66 -4.25 8.25
CA GLN B 312 -10.80 -3.76 9.07
C GLN B 312 -10.39 -2.84 10.24
N ILE B 313 -9.33 -3.22 10.94
CA ILE B 313 -8.88 -2.48 12.12
C ILE B 313 -8.52 -1.02 11.82
N CYS B 314 -8.05 -0.69 10.62
CA CYS B 314 -7.56 0.65 10.35
C CYS B 314 -8.36 1.29 9.24
N THR B 315 -9.58 0.79 9.04
CA THR B 315 -10.46 1.38 8.02
C THR B 315 -11.01 2.72 8.48
N VAL B 316 -11.85 2.74 9.53
CA VAL B 316 -12.38 3.99 10.15
C VAL B 316 -12.30 4.08 11.67
N LEU B 317 -12.33 5.33 12.12
CA LEU B 317 -12.54 5.69 13.52
C LEU B 317 -13.92 5.29 14.00
N TYR B 318 -14.01 4.76 15.22
CA TYR B 318 -15.29 4.46 15.81
C TYR B 318 -16.22 3.81 14.79
N PRO B 319 -15.83 2.62 14.31
CA PRO B 319 -16.73 1.89 13.47
C PRO B 319 -18.12 1.61 14.16
N GLY B 320 -19.21 1.66 13.39
CA GLY B 320 -20.56 1.48 13.93
C GLY B 320 -20.66 0.17 14.68
N ASP B 321 -21.31 0.18 15.85
CA ASP B 321 -21.30 -0.97 16.79
C ASP B 321 -22.68 -1.45 17.33
N ALA B 322 -23.77 -1.24 16.57
CA ALA B 322 -25.07 -1.81 16.92
C ALA B 322 -25.00 -3.34 16.92
N THR B 323 -24.21 -3.89 16.01
CA THR B 323 -24.09 -5.33 15.89
C THR B 323 -22.94 -5.87 16.72
N GLU B 324 -22.93 -7.18 16.89
CA GLU B 324 -21.85 -7.89 17.59
C GLU B 324 -20.52 -7.77 16.88
N ASN B 325 -20.55 -7.75 15.56
CA ASN B 325 -19.34 -7.67 14.75
C ASN B 325 -18.59 -6.39 15.02
N GLY B 326 -19.34 -5.30 15.10
CA GLY B 326 -18.83 -3.95 15.32
C GLY B 326 -18.30 -3.80 16.74
N LYS B 327 -18.99 -4.40 17.70
CA LYS B 327 -18.51 -4.33 19.05
C LYS B 327 -17.15 -5.03 19.03
N LEU B 328 -17.03 -6.18 18.36
CA LEU B 328 -15.77 -6.91 18.42
C LEU B 328 -14.65 -6.09 17.76
N LEU B 329 -15.00 -5.37 16.67
CA LEU B 329 -14.06 -4.60 15.90
C LEU B 329 -13.54 -3.42 16.72
N ARG B 330 -14.42 -2.71 17.39
CA ARG B 330 -14.02 -1.68 18.32
C ARG B 330 -13.03 -2.21 19.33
N LEU B 331 -13.34 -3.32 19.95
CA LEU B 331 -12.40 -3.86 20.93
C LEU B 331 -11.08 -4.27 20.29
N LYS B 332 -11.13 -4.71 19.03
CA LYS B 332 -9.90 -5.11 18.34
C LYS B 332 -9.01 -3.90 18.16
N GLN B 333 -9.65 -2.77 17.85
CA GLN B 333 -8.94 -1.53 17.65
C GLN B 333 -8.21 -1.15 18.92
N GLN B 334 -8.94 -1.14 20.02
CA GLN B 334 -8.41 -0.75 21.35
C GLN B 334 -7.28 -1.66 21.80
N PHE B 335 -7.50 -2.95 21.73
CA PHE B 335 -6.44 -3.87 22.08
C PHE B 335 -5.16 -3.74 21.27
N PHE B 336 -5.35 -3.62 19.96
CA PHE B 336 -4.27 -3.53 19.01
C PHE B 336 -3.37 -2.33 19.33
N LEU B 337 -3.95 -1.18 19.69
CA LEU B 337 -3.18 0.02 20.00
C LEU B 337 -2.43 -0.19 21.30
N CYS B 338 -3.07 -0.87 22.25
CA CYS B 338 -2.44 -1.01 23.57
C CYS B 338 -1.30 -2.01 23.53
N SER B 339 -1.53 -3.14 22.90
CA SER B 339 -0.56 -4.22 22.87
C SER B 339 0.66 -3.88 22.00
N ALA B 340 0.46 -3.25 20.85
CA ALA B 340 1.56 -2.85 20.01
C ALA B 340 2.40 -1.84 20.75
N SER B 341 1.75 -0.81 21.28
CA SER B 341 2.45 0.30 21.88
C SER B 341 3.25 -0.18 23.13
N LEU B 342 2.64 -1.00 23.97
CA LEU B 342 3.32 -1.47 25.18
C LEU B 342 4.53 -2.35 24.84
N GLN B 343 4.39 -3.18 23.83
CA GLN B 343 5.54 -3.98 23.41
C GLN B 343 6.64 -3.02 22.96
N ASP B 344 6.28 -1.92 22.32
CA ASP B 344 7.29 -1.04 21.74
C ASP B 344 8.00 -0.31 22.85
N ILE B 345 7.25 0.04 23.85
CA ILE B 345 7.75 0.69 25.04
C ILE B 345 8.67 -0.18 25.88
N ILE B 346 8.30 -1.44 26.05
CA ILE B 346 9.11 -2.38 26.87
C ILE B 346 10.44 -2.60 26.16
N SER B 347 10.39 -2.58 24.84
CA SER B 347 11.54 -2.86 24.01
C SER B 347 12.56 -1.73 24.19
N ARG B 348 12.05 -0.50 24.33
CA ARG B 348 12.86 0.68 24.48
C ARG B 348 13.41 0.79 25.91
N PHE B 349 12.59 0.46 26.88
CA PHE B 349 13.10 0.34 28.24
C PHE B 349 14.35 -0.54 28.24
N HIS B 350 14.28 -1.73 27.65
CA HIS B 350 15.47 -2.60 27.60
C HIS B 350 16.62 -2.10 26.75
N GLU B 351 16.32 -1.37 25.68
CA GLU B 351 17.34 -0.98 24.72
C GLU B 351 18.26 0.06 25.37
N ARG B 352 17.73 0.89 26.27
CA ARG B 352 18.54 1.90 26.97
C ARG B 352 19.42 1.31 28.12
N SER B 353 19.36 0.01 28.34
CA SER B 353 20.22 -0.64 29.33
C SER B 353 21.65 -0.47 28.88
N THR B 354 22.52 -0.16 29.83
CA THR B 354 23.92 0.06 29.51
C THR B 354 24.75 -1.12 29.97
N THR B 355 24.08 -2.14 30.51
CA THR B 355 24.69 -2.98 31.53
C THR B 355 24.64 -4.47 31.19
N GLU B 356 25.27 -5.25 32.09
CA GLU B 356 25.00 -6.68 32.32
C GLU B 356 23.93 -7.29 31.40
N GLY B 357 22.99 -8.02 31.98
CA GLY B 357 21.91 -8.54 31.21
C GLY B 357 20.81 -7.51 31.11
N SER B 358 19.59 -8.04 31.07
CA SER B 358 18.36 -7.30 31.19
C SER B 358 18.39 -6.50 32.50
N ARG B 359 17.81 -5.30 32.46
CA ARG B 359 17.76 -4.39 33.62
C ARG B 359 16.59 -4.71 34.56
N LYS B 360 16.76 -4.35 35.83
CA LYS B 360 15.79 -4.64 36.90
C LYS B 360 14.42 -4.01 36.61
N TRP B 361 13.37 -4.81 36.64
CA TRP B 361 11.99 -4.33 36.39
C TRP B 361 11.50 -3.24 37.32
N SER B 362 12.04 -3.18 38.53
CA SER B 362 11.58 -2.21 39.50
C SER B 362 11.92 -0.79 39.04
N GLU B 363 12.83 -0.66 38.08
CA GLU B 363 13.08 0.63 37.48
C GLU B 363 11.92 1.08 36.59
N PHE B 364 11.03 0.17 36.21
CA PHE B 364 10.12 0.42 35.06
C PHE B 364 9.22 1.66 35.26
N PRO B 365 8.63 1.79 36.43
CA PRO B 365 7.74 2.91 36.62
C PRO B 365 8.49 4.19 37.00
N SER B 366 9.81 4.12 37.03
CA SER B 366 10.66 5.29 37.22
C SER B 366 11.19 5.74 35.91
N LYS B 367 11.00 4.90 34.88
CA LYS B 367 11.44 5.22 33.55
C LYS B 367 10.34 5.28 32.54
N VAL B 368 9.12 4.84 32.94
CA VAL B 368 7.93 4.83 32.03
C VAL B 368 6.67 5.38 32.74
N ALA B 369 5.92 6.21 32.02
CA ALA B 369 4.56 6.68 32.39
C ALA B 369 3.65 6.55 31.20
N VAL B 370 2.49 5.95 31.42
CA VAL B 370 1.53 5.69 30.35
C VAL B 370 0.22 6.43 30.72
N GLN B 371 -0.31 7.20 29.80
CA GLN B 371 -1.53 7.99 30.05
C GLN B 371 -2.66 7.46 29.18
N MET B 372 -3.75 7.04 29.82
CA MET B 372 -4.94 6.61 29.14
C MET B 372 -5.91 7.76 29.02
N ASN B 373 -6.19 8.10 27.76
CA ASN B 373 -7.08 9.16 27.38
C ASN B 373 -8.50 8.60 27.18
N ASP B 374 -9.41 8.88 28.12
CA ASP B 374 -10.71 8.21 28.16
C ASP B 374 -10.57 6.69 28.41
N THR B 375 -11.67 5.94 28.33
CA THR B 375 -11.60 4.47 28.60
C THR B 375 -11.08 3.62 27.43
N HIS B 376 -10.97 4.21 26.24
CA HIS B 376 -10.54 3.39 25.10
C HIS B 376 -9.31 2.54 25.35
N PRO B 377 -8.26 3.07 25.99
CA PRO B 377 -7.05 2.31 26.21
C PRO B 377 -6.92 1.70 27.62
N THR B 378 -8.05 1.43 28.23
CA THR B 378 -8.11 0.64 29.46
C THR B 378 -7.36 -0.71 29.38
N LEU B 379 -7.42 -1.34 28.23
CA LEU B 379 -6.77 -2.64 28.05
C LEU B 379 -5.28 -2.60 28.25
N ALA B 380 -4.66 -1.41 28.21
CA ALA B 380 -3.25 -1.32 28.59
C ALA B 380 -2.99 -1.87 30.02
N ILE B 381 -4.00 -1.89 30.88
CA ILE B 381 -3.77 -2.36 32.27
C ILE B 381 -3.51 -3.86 32.28
N PRO B 382 -4.49 -4.66 31.78
CA PRO B 382 -4.25 -6.11 31.78
C PRO B 382 -3.24 -6.56 30.80
N GLU B 383 -3.10 -5.83 29.68
CA GLU B 383 -2.05 -6.16 28.71
C GLU B 383 -0.63 -5.99 29.26
N LEU B 384 -0.41 -4.92 30.02
CA LEU B 384 0.91 -4.72 30.64
C LEU B 384 1.14 -5.81 31.64
N MET B 385 0.09 -6.11 32.40
CA MET B 385 0.15 -7.28 33.29
C MET B 385 0.46 -8.59 32.53
N ARG B 386 -0.15 -8.80 31.36
CA ARG B 386 0.10 -10.06 30.62
C ARG B 386 1.58 -10.17 30.17
N LEU B 387 2.11 -9.04 29.70
CA LEU B 387 3.46 -8.98 29.17
C LEU B 387 4.47 -9.20 30.25
N LEU B 388 4.17 -8.69 31.45
CA LEU B 388 5.09 -8.79 32.59
C LEU B 388 5.14 -10.19 33.15
N MET B 389 3.97 -10.80 33.33
CA MET B 389 3.91 -12.12 33.98
C MET B 389 4.19 -13.24 33.00
N ASP B 390 3.60 -13.17 31.81
CA ASP B 390 3.66 -14.32 30.90
C ASP B 390 4.93 -14.27 30.06
N ASP B 391 5.12 -13.21 29.31
CA ASP B 391 6.33 -13.10 28.47
C ASP B 391 7.60 -12.89 29.30
N ASN B 392 7.49 -12.13 30.40
CA ASN B 392 8.68 -11.79 31.19
C ASN B 392 8.81 -12.46 32.56
N GLY B 393 7.85 -13.30 32.95
CA GLY B 393 8.02 -14.20 34.13
C GLY B 393 7.86 -13.60 35.53
N LEU B 394 7.37 -12.36 35.60
CA LEU B 394 7.15 -11.71 36.90
C LEU B 394 5.95 -12.33 37.58
N GLY B 395 6.02 -12.35 38.92
CA GLY B 395 4.89 -12.68 39.75
C GLY B 395 3.87 -11.55 39.79
N TRP B 396 2.64 -11.93 40.16
CA TRP B 396 1.49 -11.02 40.20
C TRP B 396 1.80 -9.77 40.96
N ASP B 397 2.24 -9.90 42.22
CA ASP B 397 2.48 -8.73 43.06
C ASP B 397 3.50 -7.78 42.47
N GLU B 398 4.64 -8.30 42.03
CA GLU B 398 5.65 -7.44 41.43
C GLU B 398 5.10 -6.77 40.14
N ALA B 399 4.38 -7.55 39.35
CA ALA B 399 3.88 -7.02 38.08
C ALA B 399 2.85 -5.93 38.31
N TRP B 400 2.08 -6.07 39.40
CA TRP B 400 0.98 -5.15 39.72
C TRP B 400 1.51 -3.86 40.30
N ASP B 401 2.65 -3.94 40.94
CA ASP B 401 3.25 -2.78 41.54
C ASP B 401 3.76 -1.89 40.44
N VAL B 402 4.54 -2.51 39.55
CA VAL B 402 4.97 -1.89 38.30
C VAL B 402 3.80 -1.27 37.56
N THR B 403 2.78 -2.06 37.28
CA THR B 403 1.63 -1.62 36.43
C THR B 403 0.87 -0.39 37.03
N SER B 404 0.56 -0.52 38.32
CA SER B 404 -0.21 0.49 39.05
C SER B 404 0.54 1.84 39.10
N LYS B 405 1.87 1.78 39.20
CA LYS B 405 2.65 3.02 39.20
C LYS B 405 2.94 3.56 37.81
N THR B 406 2.65 2.80 36.77
CA THR B 406 2.96 3.24 35.43
C THR B 406 1.81 3.98 34.77
N VAL B 407 0.61 3.45 34.95
CA VAL B 407 -0.60 3.93 34.34
C VAL B 407 -1.28 5.00 35.17
N ALA B 408 -1.74 6.03 34.46
CA ALA B 408 -2.63 7.07 34.94
C ALA B 408 -3.80 7.23 33.92
N TYR B 409 -4.94 7.77 34.39
CA TYR B 409 -6.22 7.85 33.64
C TYR B 409 -6.82 9.26 33.59
N THR B 410 -7.16 9.73 32.39
CA THR B 410 -7.84 10.99 32.18
C THR B 410 -9.29 10.72 31.71
N ASN B 411 -10.26 11.25 32.46
CA ASN B 411 -11.70 11.25 32.12
C ASN B 411 -12.08 12.53 31.40
N HIS B 412 -12.87 12.45 30.32
CA HIS B 412 -13.35 13.65 29.61
C HIS B 412 -14.86 13.75 29.59
N THR B 413 -15.57 12.99 30.43
CA THR B 413 -17.03 12.79 30.21
C THR B 413 -17.86 13.03 31.44
N VAL B 414 -18.84 13.91 31.31
CA VAL B 414 -19.65 14.31 32.44
C VAL B 414 -20.61 13.18 32.81
N LEU B 415 -21.35 12.68 31.80
CA LEU B 415 -22.41 11.66 31.99
C LEU B 415 -21.82 10.28 32.41
N PRO B 416 -22.48 9.57 33.38
CA PRO B 416 -22.09 8.20 33.81
C PRO B 416 -22.49 7.06 32.83
N GLU B 417 -23.40 7.35 31.89
CA GLU B 417 -23.78 6.46 30.79
C GLU B 417 -23.24 7.05 29.45
N ALA B 418 -21.95 7.41 29.45
CA ALA B 418 -21.12 7.46 28.26
C ALA B 418 -19.83 6.60 28.46
N LEU B 419 -19.63 6.12 29.70
CA LEU B 419 -18.44 5.35 30.08
C LEU B 419 -18.54 3.85 29.67
N GLU B 420 -17.50 3.36 29.03
CA GLU B 420 -17.59 2.12 28.31
C GLU B 420 -17.75 0.90 29.21
N LYS B 421 -18.76 0.10 28.88
CA LYS B 421 -19.05 -1.17 29.50
C LYS B 421 -19.08 -2.22 28.41
N TRP B 422 -18.40 -3.35 28.61
CA TRP B 422 -18.47 -4.46 27.63
C TRP B 422 -19.00 -5.78 28.17
N SER B 423 -19.81 -6.47 27.37
CA SER B 423 -20.28 -7.82 27.71
C SER B 423 -19.14 -8.71 28.15
N GLN B 424 -19.26 -9.34 29.30
CA GLN B 424 -18.23 -10.29 29.77
C GLN B 424 -18.03 -11.43 28.75
N SER B 425 -19.11 -11.79 28.07
CA SER B 425 -19.07 -12.85 27.09
C SER B 425 -18.22 -12.50 25.88
N LEU B 426 -18.39 -11.28 25.35
CA LEU B 426 -17.55 -10.82 24.26
C LEU B 426 -16.06 -10.73 24.68
N MET B 427 -15.81 -10.31 25.92
CA MET B 427 -14.44 -10.15 26.38
C MET B 427 -13.72 -11.47 26.48
N TRP B 428 -14.45 -12.50 26.94
CA TRP B 428 -13.89 -13.86 27.05
C TRP B 428 -13.59 -14.40 25.70
N LYS B 429 -14.47 -14.13 24.74
CA LYS B 429 -14.26 -14.61 23.34
C LYS B 429 -12.99 -13.99 22.75
N LEU B 430 -12.91 -12.67 22.75
CA LEU B 430 -11.87 -11.98 22.07
C LEU B 430 -10.56 -11.99 22.80
N LEU B 431 -10.59 -11.85 24.13
CA LEU B 431 -9.40 -11.60 24.90
C LEU B 431 -9.44 -12.38 26.22
N PRO B 432 -9.42 -13.69 26.13
CA PRO B 432 -9.58 -14.54 27.28
C PRO B 432 -8.57 -14.37 28.39
N ARG B 433 -7.33 -14.09 28.03
CA ARG B 433 -6.26 -14.03 29.02
C ARG B 433 -6.47 -12.75 29.79
N HIS B 434 -6.97 -11.76 29.11
CA HIS B 434 -7.21 -10.47 29.73
C HIS B 434 -8.31 -10.57 30.66
N MET B 435 -9.36 -11.33 30.32
CA MET B 435 -10.44 -11.54 31.27
C MET B 435 -9.97 -12.20 32.58
N GLU B 436 -9.11 -13.22 32.50
CA GLU B 436 -8.57 -13.88 33.68
C GLU B 436 -7.92 -12.85 34.57
N ILE B 437 -7.07 -12.02 33.99
CA ILE B 437 -6.36 -11.01 34.72
C ILE B 437 -7.36 -10.00 35.27
N ILE B 438 -8.23 -9.45 34.43
CA ILE B 438 -9.24 -8.52 34.94
C ILE B 438 -9.98 -9.13 36.14
N GLU B 439 -10.27 -10.42 36.11
CA GLU B 439 -11.05 -11.07 37.17
C GLU B 439 -10.29 -11.14 38.48
N GLU B 440 -8.99 -11.43 38.36
CA GLU B 440 -8.12 -11.45 39.50
C GLU B 440 -7.97 -10.05 40.05
N ILE B 441 -7.96 -9.03 39.21
CA ILE B 441 -7.85 -7.67 39.76
C ILE B 441 -9.09 -7.42 40.62
N ASP B 442 -10.26 -7.80 40.14
CA ASP B 442 -11.51 -7.52 40.84
C ASP B 442 -11.64 -8.33 42.14
N LYS B 443 -11.22 -9.59 42.08
CA LYS B 443 -11.19 -10.44 43.24
C LYS B 443 -10.30 -9.89 44.37
N ARG B 444 -9.15 -9.28 44.03
CA ARG B 444 -8.28 -8.67 45.05
C ARG B 444 -8.80 -7.34 45.60
N PHE B 445 -9.29 -6.49 44.72
CA PHE B 445 -9.89 -5.25 45.15
C PHE B 445 -11.09 -5.44 46.06
N VAL B 446 -11.96 -6.41 45.76
CA VAL B 446 -13.10 -6.71 46.63
C VAL B 446 -12.64 -7.23 48.02
N GLN B 447 -11.64 -8.11 48.02
CA GLN B 447 -11.07 -8.60 49.30
C GLN B 447 -10.47 -7.46 50.12
N THR B 448 -9.87 -6.48 49.45
CA THR B 448 -9.37 -5.32 50.16
C THR B 448 -10.50 -4.63 50.91
N ILE B 449 -11.64 -4.45 50.22
CA ILE B 449 -12.78 -3.76 50.82
C ILE B 449 -13.42 -4.53 51.95
N ARG B 450 -13.05 -5.80 52.12
CA ARG B 450 -13.41 -6.57 53.32
C ARG B 450 -12.34 -6.62 54.40
N ASP B 451 -11.07 -6.73 53.98
CA ASP B 451 -9.91 -6.74 54.88
C ASP B 451 -9.53 -5.39 55.51
N THR B 452 -9.93 -4.27 54.89
CA THR B 452 -9.62 -2.93 55.43
C THR B 452 -10.75 -1.86 55.40
N ARG B 453 -11.94 -2.18 54.87
CA ARG B 453 -13.03 -1.18 54.75
C ARG B 453 -14.40 -1.82 54.82
N VAL B 454 -14.59 -2.68 55.81
CA VAL B 454 -15.84 -3.44 55.99
C VAL B 454 -17.09 -2.53 55.91
N ASP B 455 -16.91 -1.23 56.18
CA ASP B 455 -18.02 -0.28 56.11
C ASP B 455 -18.58 -0.01 54.71
N LEU B 456 -17.89 -0.46 53.65
CA LEU B 456 -18.35 -0.25 52.27
C LEU B 456 -18.94 -1.51 51.64
N GLU B 457 -19.05 -2.57 52.43
CA GLU B 457 -19.63 -3.86 51.98
C GLU B 457 -20.89 -3.73 51.12
N ASP B 458 -21.89 -2.97 51.57
CA ASP B 458 -23.17 -2.88 50.84
C ASP B 458 -23.09 -2.17 49.47
N LYS B 459 -21.93 -1.59 49.12
CA LYS B 459 -21.77 -0.89 47.82
C LYS B 459 -20.89 -1.63 46.80
N ILE B 460 -20.35 -2.78 47.20
CA ILE B 460 -19.52 -3.64 46.36
C ILE B 460 -20.09 -3.96 44.99
N SER B 461 -21.41 -4.01 44.83
CA SER B 461 -22.01 -4.40 43.54
C SER B 461 -22.06 -3.25 42.52
N SER B 462 -21.70 -2.05 42.96
CA SER B 462 -21.50 -0.93 42.02
C SER B 462 -20.05 -0.42 41.95
N LEU B 463 -19.23 -0.79 42.93
CA LEU B 463 -17.83 -0.44 42.94
C LEU B 463 -16.95 -1.40 42.14
N SER B 464 -17.33 -2.68 42.10
CA SER B 464 -16.51 -3.68 41.45
C SER B 464 -16.48 -3.45 39.95
N ILE B 465 -15.48 -4.05 39.31
CA ILE B 465 -15.21 -3.88 37.90
C ILE B 465 -16.22 -4.68 37.11
N LEU B 466 -16.48 -5.89 37.59
CA LEU B 466 -17.41 -6.82 36.95
C LEU B 466 -18.80 -6.56 37.53
N ASP B 467 -19.74 -6.21 36.68
CA ASP B 467 -21.16 -6.16 36.99
C ASP B 467 -21.75 -7.51 36.60
N ASN B 468 -22.09 -8.33 37.59
CA ASN B 468 -22.67 -9.66 37.37
C ASN B 468 -24.18 -9.67 37.37
N ASN B 469 -24.73 -8.67 36.70
CA ASN B 469 -26.17 -8.55 36.48
C ASN B 469 -26.59 -9.84 35.77
N PRO B 470 -27.71 -10.46 36.19
CA PRO B 470 -28.06 -11.71 35.51
C PRO B 470 -28.49 -11.58 34.03
N GLN B 471 -29.04 -10.44 33.61
CA GLN B 471 -29.39 -10.25 32.17
C GLN B 471 -28.23 -9.82 31.29
N LYS B 472 -27.58 -8.70 31.61
CA LYS B 472 -26.49 -8.15 30.78
C LYS B 472 -25.21 -7.94 31.62
N PRO B 473 -24.47 -9.05 31.86
CA PRO B 473 -23.23 -8.95 32.64
C PRO B 473 -22.17 -8.25 31.82
N VAL B 474 -21.50 -7.25 32.41
CA VAL B 474 -20.51 -6.44 31.74
C VAL B 474 -19.23 -6.16 32.57
N VAL B 475 -18.21 -5.67 31.86
CA VAL B 475 -16.97 -5.19 32.48
C VAL B 475 -17.06 -3.68 32.44
N ARG B 476 -17.01 -3.03 33.61
CA ARG B 476 -17.08 -1.55 33.70
C ARG B 476 -15.69 -0.99 33.61
N MET B 477 -15.39 -0.38 32.47
CA MET B 477 -14.02 -0.06 32.13
C MET B 477 -13.49 1.14 32.92
N ALA B 478 -14.33 2.14 33.19
CA ALA B 478 -13.89 3.28 34.01
C ALA B 478 -13.50 2.79 35.43
N ASN B 479 -14.23 1.81 35.96
CA ASN B 479 -13.93 1.30 37.29
C ASN B 479 -12.58 0.60 37.28
N LEU B 480 -12.27 -0.10 36.16
CA LEU B 480 -10.97 -0.77 36.00
C LEU B 480 -9.85 0.29 35.96
N CYS B 481 -10.08 1.38 35.21
CA CYS B 481 -9.14 2.47 35.18
C CYS B 481 -8.88 3.07 36.57
N VAL B 482 -9.96 3.34 37.30
CA VAL B 482 -9.84 4.06 38.57
C VAL B 482 -9.19 3.13 39.61
N VAL B 483 -9.61 1.87 39.70
CA VAL B 483 -9.01 0.88 40.59
C VAL B 483 -7.49 0.69 40.37
N SER B 484 -7.04 0.85 39.12
CA SER B 484 -5.66 0.49 38.72
C SER B 484 -4.67 1.65 38.65
N SER B 485 -5.14 2.85 38.36
CA SER B 485 -4.26 3.97 38.14
C SER B 485 -3.80 4.64 39.39
N HIS B 486 -2.55 5.15 39.41
CA HIS B 486 -2.08 5.94 40.56
C HIS B 486 -2.73 7.30 40.55
N THR B 487 -3.15 7.75 39.36
CA THR B 487 -3.82 9.03 39.26
C THR B 487 -5.00 9.04 38.28
N VAL B 488 -6.02 9.79 38.68
CA VAL B 488 -7.15 10.05 37.85
C VAL B 488 -7.32 11.54 37.89
N ASN B 489 -7.51 12.14 36.73
CA ASN B 489 -7.74 13.54 36.58
C ASN B 489 -8.90 13.82 35.63
N GLY B 490 -9.59 14.93 35.86
CA GLY B 490 -10.53 15.49 34.89
C GLY B 490 -9.91 16.68 34.18
N VAL B 491 -10.72 17.42 33.42
CA VAL B 491 -10.19 18.34 32.42
C VAL B 491 -10.65 19.78 32.57
N ALA B 492 -11.13 20.10 33.76
CA ALA B 492 -11.60 21.44 34.15
C ALA B 492 -11.98 21.39 35.61
N GLN B 493 -11.80 22.50 36.32
CA GLN B 493 -11.96 22.48 37.77
C GLN B 493 -13.34 22.00 38.19
N LEU B 494 -14.40 22.43 37.48
CA LEU B 494 -15.74 21.98 37.88
C LEU B 494 -15.93 20.48 37.58
N HIS B 495 -15.46 20.06 36.40
CA HIS B 495 -15.59 18.68 35.99
C HIS B 495 -14.85 17.79 36.95
N SER B 496 -13.66 18.18 37.33
CA SER B 496 -12.93 17.39 38.27
C SER B 496 -13.59 17.33 39.65
N ASP B 497 -14.33 18.38 40.02
CA ASP B 497 -15.03 18.37 41.31
C ASP B 497 -16.26 17.47 41.24
N ILE B 498 -17.06 17.58 40.18
CA ILE B 498 -18.14 16.58 39.94
C ILE B 498 -17.62 15.12 40.07
N LEU B 499 -16.46 14.82 39.49
CA LEU B 499 -15.89 13.48 39.57
C LEU B 499 -15.61 13.03 40.99
N LYS B 500 -15.05 13.93 41.81
CA LYS B 500 -14.72 13.56 43.18
C LYS B 500 -15.97 13.43 44.03
N ALA B 501 -16.98 14.25 43.73
CA ALA B 501 -18.12 14.44 44.62
C ALA B 501 -19.32 13.55 44.21
N GLU B 502 -19.69 13.56 42.94
CA GLU B 502 -20.78 12.72 42.46
C GLU B 502 -20.23 11.36 41.93
N LEU B 503 -19.70 11.34 40.73
CA LEU B 503 -19.38 10.09 40.04
C LEU B 503 -18.48 9.06 40.79
N PHE B 504 -17.41 9.49 41.46
CA PHE B 504 -16.42 8.53 41.96
C PHE B 504 -16.18 8.71 43.45
N ALA B 505 -17.21 9.23 44.11
CA ALA B 505 -17.15 9.55 45.52
C ALA B 505 -16.52 8.45 46.35
N ASP B 506 -16.94 7.21 46.15
CA ASP B 506 -16.52 6.13 47.04
C ASP B 506 -15.06 5.70 46.78
N TYR B 507 -14.61 5.82 45.54
CA TYR B 507 -13.21 5.62 45.23
C TYR B 507 -12.33 6.72 45.86
N VAL B 508 -12.80 7.96 45.79
CA VAL B 508 -12.12 9.05 46.47
C VAL B 508 -11.96 8.72 47.96
N SER B 509 -12.93 8.02 48.51
CA SER B 509 -12.87 7.64 49.90
C SER B 509 -11.70 6.70 50.14
N ILE B 510 -11.45 5.75 49.26
CA ILE B 510 -10.38 4.75 49.52
C ILE B 510 -9.00 5.32 49.27
N TRP B 511 -8.89 6.10 48.21
CA TRP B 511 -7.59 6.70 47.79
C TRP B 511 -7.79 8.19 47.67
N PRO B 512 -7.59 8.90 48.79
CA PRO B 512 -7.97 10.33 48.79
C PRO B 512 -7.00 11.25 48.08
N ASN B 513 -5.81 10.75 47.70
CA ASN B 513 -4.84 11.55 46.90
C ASN B 513 -4.77 11.12 45.43
N LYS B 514 -5.63 10.19 45.03
CA LYS B 514 -5.61 9.71 43.68
C LYS B 514 -6.14 10.74 42.67
N PHE B 515 -7.17 11.47 43.02
CA PHE B 515 -7.85 12.31 42.04
C PHE B 515 -7.24 13.70 41.94
N GLN B 516 -7.30 14.30 40.73
CA GLN B 516 -6.71 15.59 40.43
C GLN B 516 -7.49 16.35 39.33
N ASN B 517 -7.19 17.62 39.17
CA ASN B 517 -7.58 18.39 38.01
C ASN B 517 -6.38 18.76 37.11
N LYS B 518 -6.62 18.80 35.80
CA LYS B 518 -5.71 19.38 34.83
C LYS B 518 -6.54 20.10 33.74
N THR B 519 -6.66 21.42 33.85
CA THR B 519 -7.50 22.13 32.92
C THR B 519 -6.90 22.06 31.52
N ASN B 520 -7.75 21.70 30.57
CA ASN B 520 -7.37 21.69 29.14
C ASN B 520 -6.82 23.00 28.61
N GLY B 521 -6.09 22.88 27.52
CA GLY B 521 -5.52 24.04 26.85
C GLY B 521 -5.32 23.84 25.37
N ILE B 522 -4.79 24.86 24.71
CA ILE B 522 -4.52 24.83 23.28
C ILE B 522 -3.12 25.35 22.99
N THR B 523 -2.60 25.04 21.81
CA THR B 523 -1.29 25.55 21.44
C THR B 523 -1.42 26.85 20.70
N PRO B 524 -0.72 27.88 21.21
CA PRO B 524 -0.71 29.23 20.62
C PRO B 524 0.09 29.37 19.33
N ARG B 525 0.82 28.31 18.99
CA ARG B 525 1.55 28.28 17.75
C ARG B 525 0.52 28.07 16.65
N ARG B 526 -0.02 26.85 16.52
CA ARG B 526 -1.03 26.63 15.50
C ARG B 526 -2.20 27.60 15.56
N TRP B 527 -2.65 27.93 16.77
CA TRP B 527 -3.90 28.63 16.96
C TRP B 527 -3.88 30.14 17.13
N LEU B 528 -2.73 30.77 16.99
CA LEU B 528 -2.64 32.22 16.89
C LEU B 528 -1.50 32.58 15.99
N ARG B 529 -0.29 32.20 16.41
CA ARG B 529 0.92 32.59 15.66
C ARG B 529 0.85 32.18 14.18
N PHE B 530 0.33 31.00 13.88
CA PHE B 530 0.35 30.48 12.52
C PHE B 530 -0.95 30.65 11.74
N CYS B 531 -2.08 30.61 12.40
CA CYS B 531 -3.33 30.85 11.70
C CYS B 531 -3.64 32.33 11.53
N SER B 532 -3.19 33.17 12.47
CA SER B 532 -3.42 34.64 12.48
C SER B 532 -2.12 35.42 12.55
N PRO B 533 -1.33 35.37 11.48
CA PRO B 533 -0.03 36.03 11.47
C PRO B 533 -0.08 37.57 11.49
N GLU B 534 -0.99 38.19 10.76
CA GLU B 534 -1.13 39.65 10.83
C GLU B 534 -1.35 40.03 12.30
N LEU B 535 -2.32 39.37 12.93
CA LEU B 535 -2.67 39.71 14.30
C LEU B 535 -1.51 39.48 15.27
N SER B 536 -0.73 38.42 15.00
CA SER B 536 0.39 38.07 15.86
C SER B 536 1.51 39.11 15.80
N ASP B 537 1.65 39.76 14.67
CA ASP B 537 2.62 40.81 14.52
C ASP B 537 2.25 42.05 15.31
N ILE B 538 0.95 42.37 15.32
CA ILE B 538 0.42 43.47 16.10
C ILE B 538 0.74 43.18 17.57
N ILE B 539 0.47 41.98 18.00
CA ILE B 539 0.70 41.64 19.39
C ILE B 539 2.17 41.84 19.73
N THR B 540 3.06 41.32 18.91
CA THR B 540 4.48 41.42 19.15
C THR B 540 4.98 42.86 19.14
N LYS B 541 4.35 43.67 18.31
CA LYS B 541 4.72 45.06 18.22
C LYS B 541 4.36 45.81 19.50
N TRP B 542 3.14 45.60 20.00
CA TRP B 542 2.68 46.33 21.14
C TRP B 542 3.19 45.76 22.43
N LEU B 543 3.41 44.47 22.51
CA LEU B 543 4.05 43.93 23.71
C LEU B 543 5.54 44.21 23.70
N LYS B 544 6.04 44.70 22.57
CA LYS B 544 7.47 44.96 22.39
C LYS B 544 8.31 43.69 22.60
N THR B 545 7.72 42.51 22.44
CA THR B 545 8.43 41.23 22.50
C THR B 545 7.61 40.17 21.78
N ASP B 546 8.28 39.07 21.41
CA ASP B 546 7.63 37.93 20.84
C ASP B 546 7.74 36.68 21.71
N LYS B 547 8.21 36.85 22.95
CA LYS B 547 8.30 35.72 23.90
C LYS B 547 6.92 35.18 24.36
N TRP B 548 5.84 35.87 24.01
CA TRP B 548 4.52 35.33 24.31
C TRP B 548 4.19 34.04 23.60
N ILE B 549 4.78 33.83 22.43
CA ILE B 549 4.58 32.58 21.68
C ILE B 549 5.00 31.32 22.51
N THR B 550 5.77 31.48 23.58
CA THR B 550 5.99 30.35 24.51
C THR B 550 5.77 30.72 25.98
N ASP B 551 5.19 31.90 26.23
CA ASP B 551 4.84 32.37 27.57
C ASP B 551 3.58 33.21 27.42
N LEU B 552 2.46 32.50 27.29
CA LEU B 552 1.27 33.13 26.78
C LEU B 552 0.70 34.13 27.78
N ASP B 553 1.06 33.98 29.05
CA ASP B 553 0.61 34.92 30.10
C ASP B 553 1.06 36.36 29.86
N LEU B 554 2.06 36.56 29.01
CA LEU B 554 2.53 37.90 28.64
C LEU B 554 1.45 38.67 27.92
N LEU B 555 0.39 37.98 27.47
CA LEU B 555 -0.69 38.66 26.72
C LEU B 555 -1.37 39.70 27.60
N THR B 556 -1.21 39.58 28.93
CA THR B 556 -1.85 40.53 29.83
C THR B 556 -1.31 41.94 29.64
N GLY B 557 -0.07 42.06 29.18
CA GLY B 557 0.47 43.35 28.80
C GLY B 557 -0.35 44.12 27.75
N LEU B 558 -1.35 43.49 27.14
CA LEU B 558 -2.18 44.21 26.16
C LEU B 558 -3.29 45.04 26.81
N ARG B 559 -3.60 44.70 28.05
CA ARG B 559 -4.72 45.31 28.74
C ARG B 559 -4.61 46.81 28.85
N GLN B 560 -3.39 47.28 29.17
CA GLN B 560 -3.15 48.72 29.33
C GLN B 560 -3.40 49.48 28.04
N PHE B 561 -3.53 48.80 26.90
CA PHE B 561 -3.77 49.44 25.61
C PHE B 561 -5.20 49.22 25.08
N ALA B 562 -6.09 48.60 25.86
CA ALA B 562 -7.42 48.20 25.27
C ALA B 562 -8.26 49.37 24.81
N ASP B 563 -8.05 50.53 25.45
CA ASP B 563 -8.71 51.82 25.11
C ASP B 563 -7.98 52.69 24.07
N ASN B 564 -6.74 52.31 23.72
CA ASN B 564 -5.87 53.05 22.77
C ASN B 564 -6.41 53.01 21.34
N GLU B 565 -6.75 54.16 20.74
CA GLU B 565 -7.36 54.13 19.41
C GLU B 565 -6.49 53.71 18.25
N GLU B 566 -5.18 53.90 18.33
CA GLU B 566 -4.28 53.40 17.27
C GLU B 566 -4.34 51.87 17.25
N LEU B 567 -4.19 51.24 18.42
CA LEU B 567 -4.26 49.78 18.53
C LEU B 567 -5.59 49.20 18.09
N GLN B 568 -6.68 49.86 18.43
CA GLN B 568 -8.01 49.42 18.00
C GLN B 568 -8.12 49.51 16.49
N SER B 569 -7.55 50.57 15.93
CA SER B 569 -7.59 50.81 14.51
C SER B 569 -6.81 49.70 13.82
N GLU B 570 -5.66 49.33 14.38
CA GLU B 570 -4.85 48.23 13.82
C GLU B 570 -5.58 46.90 13.92
N TRP B 571 -6.31 46.72 15.00
CA TRP B 571 -7.05 45.50 15.27
C TRP B 571 -8.22 45.42 14.34
N ALA B 572 -8.92 46.53 14.13
CA ALA B 572 -10.04 46.53 13.18
C ALA B 572 -9.58 46.03 11.83
N SER B 573 -8.45 46.55 11.34
CA SER B 573 -7.89 46.18 10.02
C SER B 573 -7.59 44.71 9.87
N ALA B 574 -7.00 44.13 10.91
CA ALA B 574 -6.61 42.72 10.91
C ALA B 574 -7.83 41.84 10.89
N LYS B 575 -8.86 42.21 11.65
CA LYS B 575 -10.07 41.41 11.65
C LYS B 575 -10.73 41.55 10.30
N THR B 576 -10.90 42.80 9.84
CA THR B 576 -11.44 43.05 8.51
C THR B 576 -10.75 42.17 7.47
N ALA B 577 -9.42 42.08 7.51
CA ALA B 577 -8.67 41.36 6.46
C ALA B 577 -8.91 39.89 6.56
N ASN B 578 -8.90 39.37 7.77
CA ASN B 578 -9.25 37.96 8.03
C ASN B 578 -10.67 37.59 7.61
N LYS B 579 -11.56 38.58 7.63
CA LYS B 579 -12.96 38.40 7.26
C LYS B 579 -13.16 38.34 5.74
N LYS B 580 -12.45 39.20 4.99
CA LYS B 580 -12.40 39.11 3.52
C LYS B 580 -12.05 37.67 3.15
N ARG B 581 -10.94 37.17 3.68
CA ARG B 581 -10.51 35.81 3.40
C ARG B 581 -11.59 34.78 3.70
N LEU B 582 -12.17 34.85 4.89
CA LEU B 582 -13.25 33.93 5.24
C LEU B 582 -14.37 34.02 4.22
N ALA B 583 -14.81 35.24 3.90
CA ALA B 583 -15.85 35.47 2.89
C ALA B 583 -15.52 34.74 1.60
N GLN B 584 -14.27 34.84 1.17
CA GLN B 584 -13.79 34.22 -0.04
C GLN B 584 -13.92 32.69 0.02
N TYR B 585 -13.43 32.11 1.10
CA TYR B 585 -13.49 30.66 1.35
C TYR B 585 -14.92 30.15 1.34
N ILE B 586 -15.84 30.91 1.96
CA ILE B 586 -17.22 30.47 2.11
C ILE B 586 -17.90 30.40 0.77
N GLU B 587 -17.66 31.37 -0.09
CA GLU B 587 -18.17 31.29 -1.43
C GLU B 587 -17.59 30.05 -2.11
N ARG B 588 -16.27 29.92 -2.08
CA ARG B 588 -15.62 28.76 -2.71
C ARG B 588 -16.24 27.41 -2.33
N VAL B 589 -16.60 27.22 -1.05
CA VAL B 589 -17.08 25.92 -0.58
C VAL B 589 -18.58 25.79 -0.35
N THR B 590 -19.34 26.87 -0.49
CA THR B 590 -20.82 26.84 -0.38
C THR B 590 -21.53 27.40 -1.62
N GLY B 591 -20.87 28.31 -2.32
CA GLY B 591 -21.48 29.10 -3.39
C GLY B 591 -22.30 30.29 -2.89
N VAL B 592 -22.21 30.62 -1.60
CA VAL B 592 -22.89 31.83 -1.10
C VAL B 592 -21.93 33.01 -0.87
N SER B 593 -22.34 34.17 -1.35
CA SER B 593 -21.54 35.40 -1.29
C SER B 593 -21.96 36.11 -0.01
N ILE B 594 -21.06 36.22 0.96
CA ILE B 594 -21.41 36.84 2.25
C ILE B 594 -20.82 38.23 2.43
N ASP B 595 -21.50 39.08 3.18
CA ASP B 595 -21.07 40.46 3.37
C ASP B 595 -20.02 40.63 4.49
N PRO B 596 -18.81 41.12 4.15
CA PRO B 596 -17.74 41.23 5.16
C PRO B 596 -18.00 42.29 6.22
N THR B 597 -18.87 43.24 5.90
CA THR B 597 -19.29 44.25 6.87
C THR B 597 -20.38 43.80 7.86
N SER B 598 -21.05 42.68 7.59
CA SER B 598 -22.04 42.16 8.52
C SER B 598 -21.33 41.49 9.70
N LEU B 599 -22.09 41.16 10.74
CA LEU B 599 -21.53 40.47 11.91
C LEU B 599 -21.33 38.97 11.65
N PHE B 600 -20.13 38.45 11.92
CA PHE B 600 -19.86 37.03 11.72
C PHE B 600 -20.09 36.25 13.00
N ASP B 601 -21.15 35.45 12.99
CA ASP B 601 -21.59 34.68 14.14
C ASP B 601 -21.47 33.16 13.80
N ILE B 602 -20.66 32.43 14.57
CA ILE B 602 -20.25 31.08 14.19
C ILE B 602 -20.47 30.06 15.29
N GLN B 603 -21.16 28.97 14.98
CA GLN B 603 -21.18 27.78 15.83
C GLN B 603 -20.59 26.56 15.07
N VAL B 604 -19.40 26.13 15.45
CA VAL B 604 -18.85 24.93 14.85
C VAL B 604 -18.45 23.96 15.93
N LYS B 605 -19.07 22.79 15.89
CA LYS B 605 -18.74 21.67 16.74
C LYS B 605 -19.62 20.48 16.37
N ARG B 606 -19.36 19.33 17.01
CA ARG B 606 -20.12 18.10 16.77
C ARG B 606 -21.62 18.40 16.89
N ILE B 607 -22.42 17.93 15.93
CA ILE B 607 -23.86 18.17 15.97
C ILE B 607 -24.48 17.22 16.96
N HIS B 608 -25.03 17.77 18.03
CA HIS B 608 -25.60 16.96 19.09
C HIS B 608 -26.68 17.76 19.77
N GLU B 609 -27.72 17.06 20.23
CA GLU B 609 -28.86 17.72 20.88
C GLU B 609 -28.44 18.57 22.07
N TYR B 610 -27.50 18.05 22.86
CA TYR B 610 -27.00 18.80 24.00
C TYR B 610 -26.11 19.99 23.59
N LYS B 611 -25.61 20.07 22.36
CA LYS B 611 -24.85 21.25 21.94
C LYS B 611 -25.81 22.36 21.46
N ARG B 612 -27.05 21.98 21.21
CA ARG B 612 -28.14 22.94 20.98
C ARG B 612 -27.98 23.81 19.73
N GLN B 613 -27.38 23.25 18.70
CA GLN B 613 -27.55 23.83 17.39
C GLN B 613 -29.02 24.13 17.07
N LEU B 614 -29.95 23.28 17.50
CA LEU B 614 -31.38 23.51 17.23
C LEU B 614 -31.87 24.83 17.85
N MET B 615 -31.46 25.15 19.08
CA MET B 615 -31.77 26.46 19.69
C MET B 615 -31.27 27.62 18.80
N ASN B 616 -30.01 27.54 18.39
CA ASN B 616 -29.42 28.54 17.54
C ASN B 616 -30.28 28.69 16.31
N ILE B 617 -30.51 27.57 15.63
CA ILE B 617 -31.21 27.62 14.37
C ILE B 617 -32.66 28.14 14.52
N LEU B 618 -33.32 27.82 15.63
CA LEU B 618 -34.65 28.37 15.89
C LEU B 618 -34.57 29.88 16.14
N GLY B 619 -33.50 30.31 16.79
CA GLY B 619 -33.26 31.74 16.98
C GLY B 619 -33.20 32.45 15.63
N VAL B 620 -32.62 31.76 14.67
CA VAL B 620 -32.42 32.32 13.35
C VAL B 620 -33.74 32.43 12.61
N VAL B 621 -34.54 31.38 12.72
CA VAL B 621 -35.86 31.34 12.11
C VAL B 621 -36.73 32.49 12.66
N TYR B 622 -36.64 32.71 13.95
CA TYR B 622 -37.29 33.85 14.55
C TYR B 622 -36.82 35.18 13.93
N ARG B 623 -35.52 35.44 13.92
CA ARG B 623 -34.98 36.73 13.46
C ARG B 623 -35.45 37.01 12.04
N PHE B 624 -35.48 35.95 11.22
CA PHE B 624 -35.93 36.02 9.83
C PHE B 624 -37.40 36.43 9.72
N LYS B 625 -38.25 35.76 10.48
CA LYS B 625 -39.67 36.05 10.50
C LYS B 625 -39.88 37.52 10.81
N LYS B 626 -39.14 38.01 11.81
CA LYS B 626 -39.29 39.39 12.26
C LYS B 626 -38.83 40.37 11.18
N LEU B 627 -37.80 40.00 10.44
CA LEU B 627 -37.31 40.83 9.35
C LEU B 627 -38.31 40.86 8.20
N LYS B 628 -38.90 39.73 7.81
CA LYS B 628 -39.98 39.74 6.81
C LYS B 628 -41.16 40.62 7.25
N GLU B 629 -41.47 40.63 8.55
CA GLU B 629 -42.61 41.39 9.09
C GLU B 629 -42.38 42.89 9.25
N MET B 630 -41.12 43.33 9.29
CA MET B 630 -40.81 44.77 9.43
C MET B 630 -41.05 45.58 8.16
N LYS B 631 -41.24 46.88 8.31
CA LYS B 631 -41.09 47.79 7.17
C LYS B 631 -39.59 48.00 6.94
N PRO B 632 -39.18 48.38 5.71
CA PRO B 632 -37.79 48.73 5.37
C PRO B 632 -37.10 49.74 6.31
N GLU B 633 -37.86 50.69 6.87
CA GLU B 633 -37.31 51.67 7.81
C GLU B 633 -36.86 51.00 9.13
N GLU B 634 -37.60 50.00 9.60
CA GLU B 634 -37.25 49.25 10.82
C GLU B 634 -36.04 48.31 10.56
N ARG B 635 -35.97 47.75 9.34
CA ARG B 635 -34.88 46.89 8.90
C ARG B 635 -33.49 47.55 8.88
N LYS B 636 -33.44 48.79 8.38
CA LYS B 636 -32.21 49.59 8.30
C LYS B 636 -31.61 49.87 9.69
N LYS B 637 -32.35 49.58 10.76
CA LYS B 637 -31.88 49.88 12.11
C LYS B 637 -31.25 48.63 12.75
N THR B 638 -31.62 47.44 12.28
CA THR B 638 -31.04 46.20 12.82
C THR B 638 -29.62 46.04 12.35
N VAL B 639 -28.90 45.12 13.01
CA VAL B 639 -27.48 44.85 12.71
C VAL B 639 -27.38 43.65 11.76
N PRO B 640 -26.84 43.88 10.57
CA PRO B 640 -26.71 42.77 9.65
C PRO B 640 -25.85 41.69 10.27
N ARG B 641 -26.16 40.44 9.98
CA ARG B 641 -25.46 39.33 10.60
C ARG B 641 -25.33 38.18 9.60
N THR B 642 -24.18 37.53 9.50
CA THR B 642 -24.05 36.27 8.74
C THR B 642 -23.92 35.16 9.75
N VAL B 643 -24.86 34.22 9.74
CA VAL B 643 -24.74 33.05 10.65
C VAL B 643 -24.10 31.87 9.93
N MET B 644 -23.14 31.25 10.58
CA MET B 644 -22.41 30.12 10.05
C MET B 644 -22.42 28.97 11.08
N ILE B 645 -22.87 27.81 10.63
CA ILE B 645 -23.01 26.64 11.47
C ILE B 645 -22.26 25.52 10.77
N GLY B 646 -21.60 24.66 11.55
CA GLY B 646 -20.93 23.55 10.97
C GLY B 646 -20.62 22.47 11.97
N GLY B 647 -20.29 21.31 11.41
CA GLY B 647 -20.02 20.13 12.19
C GLY B 647 -20.61 18.90 11.54
N LYS B 648 -20.36 17.75 12.14
CA LYS B 648 -20.76 16.44 11.62
C LYS B 648 -21.69 15.70 12.57
N ALA B 649 -22.66 14.97 12.01
CA ALA B 649 -23.55 14.10 12.75
C ALA B 649 -23.11 12.63 12.60
N PHE B 650 -23.01 11.90 13.70
CA PHE B 650 -22.92 10.47 13.60
C PHE B 650 -23.99 9.96 12.67
N ALA B 651 -23.58 9.07 11.76
CA ALA B 651 -24.41 8.62 10.66
C ALA B 651 -25.77 8.08 11.13
N THR B 652 -25.78 7.35 12.25
CA THR B 652 -27.01 6.74 12.77
C THR B 652 -27.83 7.69 13.68
N TYR B 653 -27.29 8.85 14.04
CA TYR B 653 -27.96 9.75 14.99
C TYR B 653 -29.03 10.60 14.26
N THR B 654 -30.27 10.14 14.32
CA THR B 654 -31.36 10.64 13.46
C THR B 654 -31.61 12.15 13.61
N ASN B 655 -31.80 12.59 14.84
CA ASN B 655 -32.11 13.98 15.05
C ASN B 655 -30.93 14.90 14.66
N ALA B 656 -29.69 14.50 14.94
CA ALA B 656 -28.54 15.30 14.53
C ALA B 656 -28.57 15.54 13.01
N LYS B 657 -28.87 14.45 12.28
CA LYS B 657 -28.97 14.52 10.83
C LYS B 657 -30.11 15.41 10.42
N ARG B 658 -31.20 15.33 11.16
CA ARG B 658 -32.32 16.25 10.90
C ARG B 658 -31.98 17.72 11.14
N ILE B 659 -31.10 17.98 12.08
CA ILE B 659 -30.73 19.37 12.37
C ILE B 659 -29.89 20.01 11.24
N VAL B 660 -28.99 19.21 10.68
CA VAL B 660 -28.17 19.64 9.57
C VAL B 660 -29.06 19.91 8.35
N LYS B 661 -29.95 18.98 8.07
CA LYS B 661 -30.98 19.20 7.06
C LYS B 661 -31.72 20.53 7.31
N LEU B 662 -32.18 20.75 8.53
CA LEU B 662 -32.90 21.99 8.87
C LEU B 662 -32.07 23.25 8.58
N VAL B 663 -30.82 23.26 9.02
CA VAL B 663 -29.99 24.45 8.83
C VAL B 663 -29.93 24.81 7.35
N ASN B 664 -29.66 23.80 6.52
CA ASN B 664 -29.57 23.99 5.07
C ASN B 664 -30.84 24.49 4.42
N ASP B 665 -31.97 23.90 4.78
CA ASP B 665 -33.26 24.29 4.21
C ASP B 665 -33.55 25.77 4.57
N VAL B 666 -33.31 26.14 5.81
CA VAL B 666 -33.48 27.53 6.25
C VAL B 666 -32.62 28.47 5.40
N GLY B 667 -31.36 28.07 5.14
CA GLY B 667 -30.43 28.90 4.39
C GLY B 667 -30.84 29.10 2.94
N ASP B 668 -31.35 28.03 2.32
CA ASP B 668 -31.78 28.13 0.93
C ASP B 668 -32.81 29.23 0.77
N VAL B 669 -33.77 29.25 1.68
CA VAL B 669 -34.87 30.18 1.61
C VAL B 669 -34.44 31.60 2.00
N VAL B 670 -33.74 31.72 3.12
CA VAL B 670 -33.28 33.04 3.62
C VAL B 670 -32.31 33.76 2.64
N ASN B 671 -31.29 33.04 2.20
CA ASN B 671 -30.21 33.61 1.40
C ASN B 671 -30.69 34.05 0.04
N SER B 672 -31.74 33.40 -0.48
CA SER B 672 -32.32 33.73 -1.79
C SER B 672 -33.50 34.69 -1.70
N ASP B 673 -33.82 35.18 -0.50
CA ASP B 673 -34.91 36.15 -0.35
C ASP B 673 -34.40 37.58 -0.53
N PRO B 674 -34.74 38.22 -1.65
CA PRO B 674 -34.22 39.58 -1.88
C PRO B 674 -34.59 40.54 -0.78
N GLU B 675 -35.74 40.33 -0.15
CA GLU B 675 -36.27 41.26 0.85
C GLU B 675 -35.43 41.34 2.16
N VAL B 676 -34.76 40.26 2.56
CA VAL B 676 -33.99 40.25 3.83
C VAL B 676 -32.55 39.74 3.76
N ASN B 677 -32.07 39.38 2.60
CA ASN B 677 -30.71 38.86 2.55
C ASN B 677 -29.60 39.94 2.63
N GLU B 678 -29.94 41.23 2.58
CA GLU B 678 -28.96 42.28 2.95
C GLU B 678 -28.69 42.26 4.47
N TYR B 679 -29.65 41.80 5.27
CA TYR B 679 -29.60 41.89 6.74
C TYR B 679 -29.35 40.55 7.43
N LEU B 680 -29.56 39.45 6.71
CA LEU B 680 -29.30 38.13 7.25
C LEU B 680 -28.94 37.11 6.19
N LYS B 681 -27.93 36.29 6.49
CA LYS B 681 -27.67 35.09 5.75
C LYS B 681 -27.28 33.97 6.65
N VAL B 682 -27.62 32.77 6.22
CA VAL B 682 -27.35 31.57 7.01
C VAL B 682 -26.68 30.53 6.15
N VAL B 683 -25.57 29.99 6.64
CA VAL B 683 -24.75 29.10 5.85
C VAL B 683 -24.29 27.91 6.66
N PHE B 684 -24.46 26.71 6.07
CA PHE B 684 -23.90 25.52 6.69
C PHE B 684 -22.52 25.28 6.11
N VAL B 685 -21.50 25.26 6.96
CA VAL B 685 -20.12 25.09 6.48
C VAL B 685 -19.79 23.62 6.48
N PRO B 686 -19.45 23.07 5.33
CA PRO B 686 -19.33 21.63 5.32
C PRO B 686 -17.96 21.12 5.71
N ASN B 687 -17.96 19.85 6.10
CA ASN B 687 -16.72 19.10 6.36
C ASN B 687 -15.81 19.79 7.36
N TYR B 688 -16.40 20.16 8.49
CA TYR B 688 -15.67 20.79 9.56
C TYR B 688 -14.52 19.91 10.03
N ASN B 689 -13.32 20.48 10.02
CA ASN B 689 -12.08 19.82 10.39
C ASN B 689 -11.05 20.88 10.76
N VAL B 690 -9.79 20.50 10.94
CA VAL B 690 -8.83 21.45 11.47
C VAL B 690 -8.58 22.59 10.50
N THR B 691 -8.46 22.27 9.22
CA THR B 691 -8.31 23.27 8.16
C THR B 691 -9.47 24.24 8.22
N VAL B 692 -10.70 23.75 8.40
CA VAL B 692 -11.85 24.62 8.35
C VAL B 692 -11.79 25.60 9.54
N ALA B 693 -11.57 25.06 10.73
CA ALA B 693 -11.38 25.84 11.92
C ALA B 693 -10.30 26.88 11.69
N GLU B 694 -9.17 26.49 11.10
CA GLU B 694 -8.11 27.48 10.80
C GLU B 694 -8.55 28.65 9.91
N MET B 695 -9.57 28.46 9.07
CA MET B 695 -10.10 29.54 8.23
CA MET B 695 -10.10 29.52 8.22
C MET B 695 -11.19 30.34 8.94
N LEU B 696 -11.88 29.72 9.88
CA LEU B 696 -13.06 30.35 10.46
C LEU B 696 -12.73 31.22 11.68
N ILE B 697 -11.91 30.67 12.56
CA ILE B 697 -11.49 31.31 13.79
C ILE B 697 -10.83 32.68 13.66
N PRO B 698 -9.95 32.88 12.68
CA PRO B 698 -9.33 34.21 12.63
C PRO B 698 -10.30 35.24 12.13
N GLY B 699 -11.33 34.83 11.40
CA GLY B 699 -12.32 35.77 10.88
C GLY B 699 -13.56 35.93 11.74
N SER B 700 -13.63 35.23 12.86
CA SER B 700 -14.84 35.20 13.66
C SER B 700 -14.92 36.43 14.61
N GLU B 701 -16.15 36.86 14.92
CA GLU B 701 -16.43 37.98 15.81
C GLU B 701 -17.21 37.53 17.00
N LEU B 702 -18.19 36.67 16.76
CA LEU B 702 -18.95 36.05 17.84
C LEU B 702 -18.93 34.55 17.63
N SER B 703 -18.70 33.76 18.67
CA SER B 703 -18.86 32.30 18.57
C SER B 703 -19.76 31.77 19.68
N GLN B 704 -20.48 30.68 19.42
CA GLN B 704 -21.59 30.19 20.27
C GLN B 704 -21.22 28.87 20.93
N HIS B 705 -21.20 28.85 22.25
CA HIS B 705 -20.80 27.68 23.07
C HIS B 705 -21.88 27.59 24.12
N ILE B 706 -22.99 26.95 23.71
CA ILE B 706 -24.30 27.13 24.32
C ILE B 706 -24.88 25.79 24.74
N SER B 707 -24.02 24.83 25.00
CA SER B 707 -24.47 23.58 25.60
C SER B 707 -25.32 23.74 26.85
N THR B 708 -26.29 22.85 27.02
CA THR B 708 -27.01 22.73 28.29
C THR B 708 -25.99 22.64 29.46
N ALA B 709 -26.15 23.48 30.48
CA ALA B 709 -25.22 23.52 31.63
C ALA B 709 -25.05 22.15 32.30
N GLY B 710 -23.81 21.81 32.63
CA GLY B 710 -23.47 20.53 33.24
C GLY B 710 -23.02 19.50 32.24
N MET B 711 -23.34 19.69 30.96
CA MET B 711 -23.11 18.62 30.00
C MET B 711 -21.69 18.61 29.45
N GLU B 712 -21.03 19.75 29.39
CA GLU B 712 -19.67 19.84 28.83
C GLU B 712 -18.67 19.82 29.95
N ALA B 713 -17.66 18.94 29.84
CA ALA B 713 -16.57 18.93 30.78
C ALA B 713 -15.58 20.04 30.43
N SER B 714 -15.46 20.46 29.16
CA SER B 714 -14.47 21.48 28.80
C SER B 714 -14.83 22.34 27.59
N GLY B 715 -14.31 22.04 26.41
CA GLY B 715 -14.46 22.92 25.27
C GLY B 715 -13.17 23.70 25.01
N THR B 716 -12.33 23.12 24.19
CA THR B 716 -11.17 23.80 23.74
C THR B 716 -11.37 24.73 22.54
N SER B 717 -12.43 24.60 21.75
CA SER B 717 -12.64 25.58 20.64
C SER B 717 -12.95 26.98 21.21
N ASN B 718 -13.56 26.98 22.39
CA ASN B 718 -13.91 28.16 23.13
C ASN B 718 -12.67 28.98 23.23
N MET B 719 -11.61 28.31 23.64
CA MET B 719 -10.30 28.91 23.94
C MET B 719 -9.70 29.51 22.71
N LYS B 720 -9.80 28.80 21.60
CA LYS B 720 -9.27 29.27 20.30
C LYS B 720 -9.91 30.60 19.91
N PHE B 721 -11.21 30.68 20.05
CA PHE B 721 -11.99 31.88 19.71
C PHE B 721 -11.58 33.06 20.58
N ALA B 722 -11.51 32.80 21.90
CA ALA B 722 -11.16 33.81 22.91
C ALA B 722 -9.79 34.36 22.63
N LEU B 723 -8.87 33.44 22.33
CA LEU B 723 -7.48 33.77 22.03
C LEU B 723 -7.34 34.65 20.76
N ASN B 724 -8.25 34.50 19.79
CA ASN B 724 -8.23 35.30 18.56
C ASN B 724 -9.17 36.50 18.54
N GLY B 725 -9.62 36.86 19.74
CA GLY B 725 -10.40 38.08 19.91
C GLY B 725 -11.87 37.92 19.60
N CYS B 726 -12.30 36.68 19.44
CA CYS B 726 -13.70 36.41 19.17
C CYS B 726 -14.43 36.31 20.50
N LEU B 727 -15.48 37.11 20.63
CA LEU B 727 -16.35 37.10 21.82
C LEU B 727 -17.36 35.90 21.82
N ILE B 728 -17.72 35.44 23.01
CA ILE B 728 -18.52 34.23 23.21
C ILE B 728 -19.92 34.56 23.70
N ILE B 729 -20.89 33.80 23.21
CA ILE B 729 -22.26 33.81 23.74
C ILE B 729 -22.43 32.41 24.24
N GLY B 730 -22.67 32.26 25.54
CA GLY B 730 -22.50 30.95 26.17
C GLY B 730 -23.16 30.77 27.51
N THR B 731 -23.23 29.51 27.89
CA THR B 731 -23.77 29.07 29.16
C THR B 731 -22.61 28.97 30.09
N LEU B 732 -22.92 29.01 31.38
CA LEU B 732 -21.90 28.97 32.39
C LEU B 732 -21.56 27.52 32.58
N ASP B 733 -20.75 26.99 31.66
CA ASP B 733 -20.54 25.54 31.54
C ASP B 733 -19.17 25.22 30.96
N GLY B 734 -18.55 24.17 31.48
CA GLY B 734 -17.28 23.65 30.94
C GLY B 734 -16.17 24.68 31.03
N ALA B 735 -15.57 25.03 29.90
CA ALA B 735 -14.49 26.02 29.90
C ALA B 735 -14.99 27.44 29.85
N ASN B 736 -16.27 27.65 29.56
CA ASN B 736 -16.85 29.00 29.63
C ASN B 736 -16.64 29.59 31.01
N VAL B 737 -16.77 28.78 32.07
CA VAL B 737 -16.59 29.28 33.42
C VAL B 737 -15.20 29.95 33.55
N GLU B 738 -14.17 29.22 33.18
CA GLU B 738 -12.81 29.70 33.32
C GLU B 738 -12.52 30.87 32.37
N ILE B 739 -12.91 30.79 31.08
CA ILE B 739 -12.64 31.88 30.13
C ILE B 739 -13.24 33.15 30.72
N ARG B 740 -14.48 33.05 31.14
CA ARG B 740 -15.21 34.20 31.62
C ARG B 740 -14.52 34.83 32.83
N GLU B 741 -14.04 34.01 33.77
CA GLU B 741 -13.17 34.51 34.84
C GLU B 741 -11.97 35.23 34.24
N GLU B 742 -11.31 34.64 33.27
CA GLU B 742 -10.02 35.17 32.83
C GLU B 742 -10.16 36.45 32.00
N VAL B 743 -11.11 36.51 31.07
CA VAL B 743 -11.29 37.72 30.23
C VAL B 743 -12.09 38.82 30.96
N GLY B 744 -12.82 38.43 32.00
CA GLY B 744 -13.70 39.33 32.75
C GLY B 744 -15.15 39.27 32.31
N GLU B 745 -16.09 39.27 33.26
CA GLU B 745 -17.53 39.14 32.96
C GLU B 745 -18.07 40.16 31.97
N GLU B 746 -17.54 41.37 31.98
CA GLU B 746 -18.04 42.42 31.08
C GLU B 746 -17.69 42.19 29.59
N ASN B 747 -16.87 41.19 29.29
CA ASN B 747 -16.46 40.91 27.92
C ASN B 747 -17.02 39.59 27.39
N PHE B 748 -18.18 39.19 27.90
CA PHE B 748 -18.72 37.86 27.66
C PHE B 748 -20.24 37.93 27.78
N PHE B 749 -20.95 37.31 26.84
CA PHE B 749 -22.43 37.26 26.84
C PHE B 749 -22.98 35.98 27.44
N LEU B 750 -23.11 35.98 28.76
CA LEU B 750 -23.70 34.90 29.53
C LEU B 750 -25.23 34.87 29.40
N PHE B 751 -25.79 33.68 29.46
CA PHE B 751 -27.22 33.47 29.54
C PHE B 751 -27.51 32.06 30.01
N GLY B 752 -28.78 31.77 30.27
CA GLY B 752 -29.27 30.40 30.48
C GLY B 752 -29.21 29.89 31.90
N ALA B 753 -29.96 28.84 32.18
CA ALA B 753 -29.91 28.14 33.47
C ALA B 753 -28.51 27.64 33.82
N THR B 754 -28.21 27.51 35.10
CA THR B 754 -26.92 26.95 35.58
C THR B 754 -27.04 25.47 35.93
N ALA B 755 -25.90 24.82 36.09
CA ALA B 755 -25.90 23.37 36.21
C ALA B 755 -26.78 22.88 37.37
N ASP B 756 -26.66 23.50 38.53
CA ASP B 756 -27.40 23.08 39.73
C ASP B 756 -28.92 23.23 39.56
N GLN B 757 -29.33 24.15 38.67
CA GLN B 757 -30.74 24.44 38.38
C GLN B 757 -31.46 23.42 37.47
N VAL B 758 -30.69 22.65 36.72
CA VAL B 758 -31.22 21.87 35.61
C VAL B 758 -32.15 20.73 36.05
N PRO B 759 -31.72 19.91 37.02
CA PRO B 759 -32.61 18.89 37.56
C PRO B 759 -33.96 19.46 37.99
N ARG B 760 -33.93 20.51 38.80
CA ARG B 760 -35.13 21.20 39.26
C ARG B 760 -36.02 21.57 38.06
N LEU B 761 -35.42 22.10 36.99
CA LEU B 761 -36.18 22.59 35.84
C LEU B 761 -36.81 21.46 35.00
N ARG B 762 -36.16 20.28 34.98
CA ARG B 762 -36.74 19.09 34.36
C ARG B 762 -37.96 18.62 35.15
N LYS B 763 -37.84 18.59 36.48
CA LYS B 763 -38.92 18.15 37.36
C LYS B 763 -40.13 19.05 37.26
N GLU B 764 -39.93 20.34 36.99
CA GLU B 764 -41.02 21.28 36.70
C GLU B 764 -41.73 20.95 35.38
N ARG B 765 -40.94 20.52 34.39
CA ARG B 765 -41.47 20.09 33.12
C ARG B 765 -42.30 18.79 33.30
N GLU B 766 -41.74 17.80 34.01
CA GLU B 766 -42.43 16.51 34.24
C GLU B 766 -43.78 16.74 34.94
N ASP B 767 -43.89 17.80 35.74
CA ASP B 767 -45.08 18.12 36.53
C ASP B 767 -46.04 19.15 35.91
N GLY B 768 -45.86 19.49 34.64
CA GLY B 768 -46.79 20.40 33.97
C GLY B 768 -46.70 21.87 34.35
N LEU B 769 -45.60 22.27 35.00
CA LEU B 769 -45.45 23.64 35.46
C LEU B 769 -44.74 24.53 34.46
N PHE B 770 -44.26 23.98 33.34
CA PHE B 770 -43.44 24.79 32.42
C PHE B 770 -44.30 25.71 31.55
N LYS B 771 -44.00 27.00 31.56
CA LYS B 771 -44.76 27.97 30.77
C LYS B 771 -43.85 28.56 29.65
N PRO B 772 -44.01 28.09 28.40
CA PRO B 772 -43.14 28.47 27.29
C PRO B 772 -43.32 29.89 26.79
N ASP B 773 -42.24 30.48 26.32
CA ASP B 773 -42.27 31.83 25.79
C ASP B 773 -42.93 31.85 24.43
N PRO B 774 -43.72 32.91 24.13
CA PRO B 774 -44.45 32.90 22.85
C PRO B 774 -43.55 32.99 21.59
N ARG B 775 -42.45 33.71 21.69
CA ARG B 775 -41.44 33.73 20.61
C ARG B 775 -40.84 32.33 20.33
N PHE B 776 -40.69 31.51 21.36
CA PHE B 776 -40.26 30.13 21.19
C PHE B 776 -41.26 29.29 20.38
N GLU B 777 -42.56 29.47 20.66
CA GLU B 777 -43.62 28.74 19.98
C GLU B 777 -43.83 29.27 18.56
N GLU B 778 -43.71 30.59 18.41
CA GLU B 778 -43.76 31.24 17.09
C GLU B 778 -42.66 30.71 16.15
N ALA B 779 -41.48 30.42 16.69
CA ALA B 779 -40.38 29.90 15.88
C ALA B 779 -40.74 28.48 15.43
N LYS B 780 -41.12 27.64 16.37
CA LYS B 780 -41.55 26.28 16.05
C LYS B 780 -42.62 26.24 14.97
N GLN B 781 -43.70 26.97 15.19
CA GLN B 781 -44.81 26.91 14.26
C GLN B 781 -44.37 27.29 12.87
N PHE B 782 -43.52 28.31 12.80
CA PHE B 782 -43.07 28.83 11.52
C PHE B 782 -42.24 27.79 10.77
N VAL B 783 -41.45 27.01 11.51
CA VAL B 783 -40.77 25.86 10.92
C VAL B 783 -41.77 24.78 10.46
N LYS B 784 -42.86 24.56 11.21
CA LYS B 784 -43.89 23.59 10.79
C LYS B 784 -44.85 24.08 9.72
N SER B 785 -44.86 25.37 9.41
CA SER B 785 -45.78 25.90 8.39
C SER B 785 -45.35 25.50 6.98
N GLY B 786 -44.14 24.98 6.83
CA GLY B 786 -43.66 24.49 5.54
C GLY B 786 -43.09 25.57 4.65
N VAL B 787 -42.67 26.67 5.26
CA VAL B 787 -42.05 27.78 4.54
C VAL B 787 -40.64 27.41 4.05
N PHE B 788 -40.06 26.39 4.68
CA PHE B 788 -38.73 25.91 4.32
C PHE B 788 -38.70 24.67 3.42
N GLY B 789 -39.83 24.39 2.76
CA GLY B 789 -39.90 23.37 1.72
C GLY B 789 -40.80 22.23 2.13
N SER B 790 -40.67 21.10 1.44
CA SER B 790 -41.54 19.91 1.66
C SER B 790 -41.14 19.06 2.87
N TYR B 791 -39.92 19.18 3.37
CA TYR B 791 -39.47 18.30 4.48
C TYR B 791 -40.31 18.49 5.73
N ASP B 792 -40.92 17.40 6.21
CA ASP B 792 -41.68 17.40 7.48
C ASP B 792 -40.65 17.42 8.64
N TYR B 793 -40.65 18.53 9.40
CA TYR B 793 -39.76 18.68 10.56
C TYR B 793 -40.44 18.32 11.85
N GLY B 794 -41.71 17.93 11.77
CA GLY B 794 -42.49 17.51 12.95
C GLY B 794 -41.85 16.47 13.87
N PRO B 795 -41.29 15.40 13.31
CA PRO B 795 -40.68 14.40 14.18
C PRO B 795 -39.45 14.92 14.95
N LEU B 796 -38.66 15.78 14.33
CA LEU B 796 -37.54 16.41 15.00
C LEU B 796 -38.08 17.26 16.14
N LEU B 797 -39.03 18.15 15.81
CA LEU B 797 -39.53 19.12 16.79
C LEU B 797 -40.33 18.45 17.91
N ASP B 798 -40.77 17.21 17.66
CA ASP B 798 -41.41 16.37 18.65
C ASP B 798 -40.55 16.12 19.88
N SER B 799 -39.23 16.15 19.70
CA SER B 799 -38.31 16.00 20.84
C SER B 799 -38.47 17.12 21.88
N LEU B 800 -39.09 18.23 21.45
CA LEU B 800 -39.35 19.38 22.31
C LEU B 800 -40.77 19.44 22.85
N GLU B 801 -41.59 18.41 22.57
CA GLU B 801 -43.00 18.38 22.98
C GLU B 801 -43.23 17.34 24.06
N GLY B 802 -44.39 17.45 24.72
CA GLY B 802 -44.79 16.54 25.76
C GLY B 802 -44.13 16.98 27.03
N ASN B 803 -44.31 16.21 28.09
CA ASN B 803 -43.73 16.53 29.40
C ASN B 803 -42.85 15.42 29.99
N THR B 804 -43.02 14.19 29.51
CA THR B 804 -42.25 13.06 30.01
C THR B 804 -41.99 12.10 28.86
N GLY B 805 -41.20 11.06 29.10
CA GLY B 805 -41.00 9.99 28.12
C GLY B 805 -39.69 10.08 27.34
N PHE B 806 -39.01 8.93 27.24
CA PHE B 806 -37.75 8.76 26.51
C PHE B 806 -37.76 9.49 25.14
N GLY B 807 -36.74 10.33 24.91
CA GLY B 807 -36.62 11.11 23.67
C GLY B 807 -37.54 12.33 23.49
N ARG B 808 -38.26 12.71 24.53
CA ARG B 808 -39.21 13.82 24.46
C ARG B 808 -39.12 14.68 25.71
N GLY B 809 -39.94 15.73 25.78
CA GLY B 809 -40.01 16.59 26.95
C GLY B 809 -38.89 17.61 27.05
N ASP B 810 -38.26 17.94 25.92
CA ASP B 810 -37.21 18.98 25.87
C ASP B 810 -36.20 18.84 27.01
N TYR B 811 -35.56 17.68 27.06
CA TYR B 811 -34.61 17.33 28.06
C TYR B 811 -33.43 18.30 28.17
N PHE B 812 -33.08 18.95 27.06
CA PHE B 812 -31.90 19.79 27.03
C PHE B 812 -32.28 21.27 27.20
N LEU B 813 -33.52 21.52 27.60
CA LEU B 813 -33.97 22.86 27.99
C LEU B 813 -33.81 23.92 26.88
N VAL B 814 -33.93 23.47 25.61
CA VAL B 814 -33.96 24.40 24.47
C VAL B 814 -35.04 25.46 24.68
N GLY B 815 -36.25 25.03 24.97
CA GLY B 815 -37.39 25.93 25.02
C GLY B 815 -37.25 26.91 26.15
N TYR B 816 -36.80 26.40 27.29
CA TYR B 816 -36.66 27.16 28.51
C TYR B 816 -35.57 28.24 28.44
N ASP B 817 -34.42 27.94 27.83
CA ASP B 817 -33.35 28.94 27.73
C ASP B 817 -33.53 29.94 26.55
N PHE B 818 -34.49 29.68 25.68
CA PHE B 818 -34.67 30.48 24.47
C PHE B 818 -34.85 31.97 24.74
N PRO B 819 -35.70 32.32 25.70
CA PRO B 819 -35.85 33.76 25.97
C PRO B 819 -34.55 34.43 26.46
N SER B 820 -33.79 33.79 27.37
CA SER B 820 -32.59 34.47 27.89
C SER B 820 -31.49 34.40 26.84
N TYR B 821 -31.49 33.34 26.02
CA TYR B 821 -30.67 33.32 24.83
C TYR B 821 -30.95 34.49 23.87
N MET B 822 -32.20 34.69 23.50
CA MET B 822 -32.53 35.71 22.50
C MET B 822 -32.26 37.09 23.05
N ASP B 823 -32.38 37.24 24.37
CA ASP B 823 -32.07 38.52 25.03
C ASP B 823 -30.57 38.82 25.06
N ALA B 824 -29.76 37.76 25.20
CA ALA B 824 -28.32 37.90 25.10
C ALA B 824 -27.95 38.24 23.67
N GLN B 825 -28.73 37.75 22.71
CA GLN B 825 -28.49 38.11 21.30
C GLN B 825 -28.81 39.58 21.03
N ALA B 826 -29.82 40.13 21.68
CA ALA B 826 -30.09 41.56 21.53
C ALA B 826 -28.97 42.44 22.15
N LYS B 827 -28.39 42.01 23.28
CA LYS B 827 -27.20 42.66 23.84
C LYS B 827 -26.02 42.66 22.88
N VAL B 828 -25.74 41.51 22.25
CA VAL B 828 -24.70 41.39 21.25
C VAL B 828 -24.94 42.45 20.15
N ASP B 829 -26.17 42.59 19.69
CA ASP B 829 -26.47 43.59 18.66
C ASP B 829 -26.15 45.00 19.11
N GLU B 830 -26.47 45.34 20.35
CA GLU B 830 -26.20 46.67 20.87
C GLU B 830 -24.70 46.93 21.07
N ALA B 831 -24.00 45.92 21.57
CA ALA B 831 -22.57 46.02 21.82
C ALA B 831 -21.82 46.19 20.48
N TYR B 832 -22.26 45.49 19.43
CA TYR B 832 -21.62 45.58 18.13
C TYR B 832 -21.72 46.96 17.45
N LYS B 833 -22.80 47.69 17.73
CA LYS B 833 -23.01 49.04 17.18
C LYS B 833 -22.03 50.06 17.76
N ASP B 834 -21.59 49.81 18.98
CA ASP B 834 -20.53 50.60 19.60
C ASP B 834 -19.18 49.98 19.27
N ARG B 835 -18.58 50.42 18.18
CA ARG B 835 -17.34 49.87 17.67
C ARG B 835 -16.18 49.93 18.65
N LYS B 836 -16.02 51.05 19.37
CA LYS B 836 -14.89 51.20 20.27
C LYS B 836 -15.02 50.18 21.37
N GLY B 837 -16.24 50.06 21.89
CA GLY B 837 -16.54 49.15 22.98
C GLY B 837 -16.37 47.70 22.54
N TRP B 838 -16.80 47.40 21.31
CA TRP B 838 -16.57 46.07 20.76
C TRP B 838 -15.07 45.78 20.69
N LEU B 839 -14.30 46.67 20.06
CA LEU B 839 -12.85 46.45 19.86
C LEU B 839 -12.13 46.34 21.18
N LYS B 840 -12.52 47.16 22.13
CA LYS B 840 -12.00 47.03 23.49
C LYS B 840 -12.21 45.64 24.03
N MET B 841 -13.44 45.10 23.93
CA MET B 841 -13.75 43.76 24.46
C MET B 841 -12.90 42.68 23.78
N SER B 842 -12.68 42.84 22.51
CA SER B 842 -11.96 41.83 21.73
C SER B 842 -10.48 41.74 22.15
N ILE B 843 -9.90 42.89 22.46
CA ILE B 843 -8.56 42.97 22.84
C ILE B 843 -8.44 42.38 24.24
N LEU B 844 -9.40 42.66 25.11
CA LEU B 844 -9.28 42.12 26.48
C LEU B 844 -9.53 40.62 26.42
N SER B 845 -10.20 40.14 25.37
CA SER B 845 -10.41 38.69 25.25
C SER B 845 -9.05 38.02 25.04
N THR B 846 -8.33 38.52 24.06
CA THR B 846 -6.99 38.00 23.76
C THR B 846 -6.08 38.18 24.95
N ALA B 847 -6.20 39.33 25.59
CA ALA B 847 -5.30 39.69 26.66
C ALA B 847 -5.45 38.76 27.89
N GLY B 848 -6.60 38.09 28.00
CA GLY B 848 -6.90 37.16 29.10
C GLY B 848 -6.68 35.68 28.83
N SER B 849 -6.19 35.35 27.65
CA SER B 849 -6.13 33.95 27.20
C SER B 849 -4.85 33.19 27.66
N GLY B 850 -3.90 33.88 28.25
CA GLY B 850 -2.75 33.28 28.96
C GLY B 850 -2.91 31.88 29.56
N LYS B 851 -3.83 31.71 30.47
CA LYS B 851 -4.07 30.42 31.14
C LYS B 851 -4.41 29.23 30.19
N PHE B 852 -4.83 29.50 28.96
CA PHE B 852 -5.37 28.42 28.13
C PHE B 852 -4.38 27.73 27.20
N SER B 853 -3.10 28.01 27.43
CA SER B 853 -2.03 27.39 26.70
C SER B 853 -1.87 25.92 27.09
N SER B 854 -1.73 25.06 26.08
CA SER B 854 -1.40 23.65 26.30
C SER B 854 -0.05 23.47 27.02
N ASP B 855 0.86 24.44 26.89
CA ASP B 855 2.13 24.47 27.64
C ASP B 855 1.93 24.42 29.15
N ARG B 856 0.92 25.14 29.61
CA ARG B 856 0.59 25.19 31.06
C ARG B 856 0.06 23.80 31.53
N THR B 857 -0.83 23.25 30.73
CA THR B 857 -1.46 21.98 31.01
C THR B 857 -0.38 20.88 31.08
N ILE B 858 0.43 20.77 30.02
CA ILE B 858 1.45 19.72 29.97
C ILE B 858 2.49 19.86 31.09
N ALA B 859 2.84 21.09 31.47
CA ALA B 859 3.78 21.30 32.57
C ALA B 859 3.19 20.77 33.89
N GLN B 860 1.91 20.99 34.08
CA GLN B 860 1.22 20.48 35.28
C GLN B 860 1.20 18.96 35.29
N TYR B 861 0.84 18.38 34.15
CA TYR B 861 0.87 16.93 33.98
C TYR B 861 2.27 16.40 34.25
N ALA B 862 3.28 17.09 33.74
CA ALA B 862 4.66 16.59 33.87
C ALA B 862 5.13 16.53 35.34
N LYS B 863 4.68 17.50 36.14
CA LYS B 863 5.13 17.64 37.51
C LYS B 863 4.34 16.78 38.50
N GLU B 864 3.00 16.87 38.45
CA GLU B 864 2.13 16.22 39.45
C GLU B 864 1.76 14.78 39.14
N ILE B 865 1.77 14.40 37.84
CA ILE B 865 1.31 13.09 37.42
C ILE B 865 2.47 12.26 36.92
N TRP B 866 3.11 12.66 35.82
CA TRP B 866 4.14 11.81 35.19
C TRP B 866 5.48 11.79 35.89
N ASN B 867 5.79 12.87 36.60
CA ASN B 867 7.09 13.06 37.22
C ASN B 867 8.22 12.99 36.21
N ILE B 868 8.02 13.68 35.07
CA ILE B 868 9.07 13.86 34.05
C ILE B 868 9.59 15.29 33.98
N GLU B 869 10.77 15.47 33.39
CA GLU B 869 11.37 16.81 33.28
C GLU B 869 12.11 17.04 31.94
N ALA B 870 12.19 18.32 31.56
CA ALA B 870 12.96 18.79 30.40
C ALA B 870 14.20 17.97 30.13
N CYS B 871 14.36 17.61 28.87
CA CYS B 871 15.52 16.89 28.43
C CYS B 871 15.92 17.50 27.07
N PRO B 872 16.56 18.68 27.12
CA PRO B 872 16.88 19.41 25.90
C PRO B 872 17.99 18.74 25.09
N VAL B 873 17.80 18.77 23.78
CA VAL B 873 18.78 18.25 22.85
C VAL B 873 19.78 19.36 22.55
N PRO B 874 21.04 19.15 22.89
CA PRO B 874 22.05 20.16 22.58
C PRO B 874 22.29 20.37 21.05
#